data_6UGD
#
_entry.id   6UGD
#
loop_
_entity.id
_entity.type
_entity.pdbx_description
1 polymer 'Meiotic spindle formation protein mei-1'
2 polymer 'Polyglutamate peptide'
3 non-polymer "ADENOSINE-5'-TRIPHOSPHATE"
4 non-polymer 'MAGNESIUM ION'
#
loop_
_entity_poly.entity_id
_entity_poly.type
_entity_poly.pdbx_seq_one_letter_code
_entity_poly.pdbx_strand_id
1 'polypeptide(L)'
;GSFTMASMTGGQQMGRGSMNGDVQSVIRGYLERAQVAKTMSDAGRWNEAGDLLRQLMTDVKSCKISASNRDEHDARNTFL
RALEANLKLVQQNVRDEDDLHEAMTRQSGSPEPPADPDVWSKPSPPLPSSSKFGATKKGVGAAGPRPREISKSTSSMSTN
PADVKPANPTQGILPQNSAGDSFDASAYDAYIVQAVRGTMATNTENTMSLDDIIGMHDVKQVLHEAVTLPLLVPEFFQGL
RSPWKAMVLAGPPGTGKTLIARAIASESSSTFFTVSSTDLSSKWRGDSEKIVRLLFELARFYAPSIIFIDQIDTLGGQRG
NSGEHEASRRVKSEFLVQMDGSQNKFDSRRVFVLAATNIPWELDEALRRRFEKRIFIPLPDIDARKKLIEKSMEGTPKSD
EINYDDLAARTEGFSGADVVSLCRTAAINVLRRYDTKSLRGGELTAAMESLKAELVRNIDFEAALQAVSPSAGPDTMLKC
KEWCDSFGAM
;
A,B,C,D,E,F
2 'polypeptide(L)' EEEEEEEEEEEEEE G
#
loop_
_chem_comp.id
_chem_comp.type
_chem_comp.name
_chem_comp.formula
ATP non-polymer ADENOSINE-5'-TRIPHOSPHATE 'C10 H16 N5 O13 P3'
MG non-polymer 'MAGNESIUM ION' 'Mg 2'
#
# COMPACT_ATOMS: atom_id res chain seq x y z
N LEU A 174 37.62 -10.29 32.10
CA LEU A 174 36.63 -10.83 33.02
C LEU A 174 37.32 -11.45 34.24
N PRO A 175 36.73 -11.27 35.42
CA PRO A 175 37.34 -11.81 36.64
C PRO A 175 37.09 -13.31 36.77
N GLN A 176 37.51 -13.86 37.90
CA GLN A 176 37.20 -15.24 38.24
C GLN A 176 35.82 -15.32 38.88
N ASN A 177 35.49 -16.46 39.44
CA ASN A 177 34.16 -16.71 39.99
C ASN A 177 34.29 -17.17 41.44
N SER A 178 33.18 -17.62 42.00
CA SER A 178 33.20 -18.28 43.29
C SER A 178 33.80 -19.67 43.15
N ALA A 179 34.28 -20.20 44.27
CA ALA A 179 34.82 -21.56 44.44
C ALA A 179 36.04 -21.85 43.56
N GLY A 180 36.73 -20.81 43.09
CA GLY A 180 38.05 -20.99 42.52
C GLY A 180 38.16 -21.64 41.15
N ASP A 181 37.68 -20.96 40.12
CA ASP A 181 37.86 -21.42 38.75
C ASP A 181 38.28 -20.24 37.88
N SER A 182 38.42 -20.50 36.58
CA SER A 182 38.84 -19.48 35.63
C SER A 182 38.31 -19.84 34.25
N PHE A 183 37.89 -18.83 33.49
CA PHE A 183 37.26 -19.02 32.20
C PHE A 183 38.28 -18.85 31.09
N ASP A 184 38.18 -19.70 30.07
CA ASP A 184 39.11 -19.69 28.94
C ASP A 184 38.34 -19.27 27.69
N ALA A 185 38.29 -17.96 27.46
CA ALA A 185 37.54 -17.38 26.35
C ALA A 185 38.47 -16.93 25.22
N SER A 186 39.54 -17.70 24.98
CA SER A 186 40.46 -17.39 23.90
C SER A 186 39.91 -17.78 22.53
N ALA A 187 38.87 -18.63 22.49
CA ALA A 187 38.30 -19.05 21.21
C ALA A 187 37.57 -17.90 20.53
N TYR A 188 36.83 -17.10 21.29
CA TYR A 188 36.18 -15.93 20.74
C TYR A 188 37.15 -14.76 20.70
N ASP A 189 36.78 -13.73 19.94
CA ASP A 189 37.65 -12.59 19.72
C ASP A 189 37.74 -11.72 20.98
N ALA A 190 38.65 -10.75 20.94
CA ALA A 190 38.95 -9.93 22.11
C ALA A 190 37.95 -8.80 22.31
N TYR A 191 36.98 -8.63 21.42
CA TYR A 191 35.97 -7.59 21.60
C TYR A 191 34.59 -8.13 21.93
N ILE A 192 34.34 -9.42 21.67
CA ILE A 192 33.08 -10.01 22.11
C ILE A 192 33.06 -10.15 23.63
N VAL A 193 34.20 -10.52 24.21
CA VAL A 193 34.35 -10.53 25.67
C VAL A 193 34.21 -9.12 26.23
N GLN A 194 34.81 -8.14 25.55
CA GLN A 194 34.74 -6.75 26.02
C GLN A 194 33.37 -6.13 25.81
N ALA A 195 32.54 -6.70 24.94
CA ALA A 195 31.20 -6.19 24.70
C ALA A 195 30.12 -6.95 25.46
N VAL A 196 30.43 -8.12 25.99
CA VAL A 196 29.49 -8.81 26.87
C VAL A 196 29.86 -8.68 28.35
N ARG A 197 31.10 -8.27 28.66
CA ARG A 197 31.49 -8.02 30.04
C ARG A 197 30.88 -6.72 30.58
N GLY A 198 30.55 -5.78 29.69
CA GLY A 198 30.02 -4.50 30.12
C GLY A 198 28.52 -4.51 30.38
N THR A 199 28.00 -5.64 30.86
CA THR A 199 26.62 -5.75 31.30
C THR A 199 26.47 -6.40 32.66
N MET A 200 27.47 -7.15 33.13
CA MET A 200 27.40 -7.82 34.42
C MET A 200 27.51 -6.83 35.58
N GLU A 205 26.15 -2.56 44.99
CA GLU A 205 26.29 -1.54 46.03
C GLU A 205 25.16 -0.53 45.95
N ASN A 206 23.92 -1.00 46.13
CA ASN A 206 22.74 -0.16 46.02
C ASN A 206 21.84 -0.37 47.23
N THR A 207 20.82 0.47 47.32
CA THR A 207 19.79 0.42 48.35
C THR A 207 18.42 0.52 47.70
N MET A 208 18.20 -0.28 46.66
CA MET A 208 16.98 -0.23 45.88
C MET A 208 15.81 -0.78 46.70
N SER A 209 14.61 -0.36 46.32
CA SER A 209 13.37 -0.54 47.08
C SER A 209 13.03 -2.03 47.16
N LEU A 210 13.21 -2.60 48.35
CA LEU A 210 12.91 -4.02 48.56
C LEU A 210 11.42 -4.25 48.72
N ASP A 211 10.82 -3.60 49.73
CA ASP A 211 9.40 -3.73 50.02
C ASP A 211 8.57 -2.62 49.42
N ASP A 212 9.19 -1.59 48.85
CA ASP A 212 8.47 -0.38 48.44
C ASP A 212 7.88 -0.47 47.03
N ILE A 213 7.65 -1.68 46.52
CA ILE A 213 6.77 -1.89 45.38
C ILE A 213 5.39 -2.21 45.95
N ILE A 214 4.39 -1.43 45.55
CA ILE A 214 3.15 -1.34 46.32
C ILE A 214 2.02 -2.03 45.56
N GLY A 215 2.38 -3.06 44.81
CA GLY A 215 1.40 -3.94 44.24
C GLY A 215 2.06 -5.26 43.90
N MET A 216 1.32 -6.08 43.15
CA MET A 216 1.81 -7.30 42.50
C MET A 216 2.37 -8.30 43.52
N HIS A 217 1.47 -8.79 44.38
CA HIS A 217 1.86 -9.78 45.37
C HIS A 217 2.17 -11.14 44.73
N ASP A 218 1.54 -11.43 43.59
CA ASP A 218 1.78 -12.69 42.91
C ASP A 218 3.17 -12.74 42.29
N VAL A 219 3.65 -11.61 41.77
CA VAL A 219 4.98 -11.55 41.17
C VAL A 219 6.04 -11.71 42.24
N LYS A 220 5.83 -11.09 43.41
CA LYS A 220 6.74 -11.27 44.52
C LYS A 220 6.69 -12.70 45.05
N GLN A 221 5.52 -13.34 45.00
CA GLN A 221 5.40 -14.74 45.42
C GLN A 221 6.20 -15.65 44.49
N VAL A 222 6.07 -15.44 43.18
CA VAL A 222 6.75 -16.30 42.21
C VAL A 222 8.25 -16.09 42.26
N LEU A 223 8.69 -14.83 42.38
CA LEU A 223 10.13 -14.56 42.48
C LEU A 223 10.72 -15.07 43.78
N HIS A 224 10.00 -14.93 44.90
CA HIS A 224 10.49 -15.42 46.18
C HIS A 224 10.48 -16.94 46.25
N GLU A 225 9.62 -17.61 45.49
CA GLU A 225 9.66 -19.06 45.42
C GLU A 225 10.57 -19.59 44.32
N ALA A 226 11.09 -18.71 43.46
CA ALA A 226 11.94 -19.14 42.36
C ALA A 226 13.41 -18.74 42.47
N VAL A 227 13.76 -17.78 43.33
CA VAL A 227 15.19 -17.45 43.42
C VAL A 227 15.72 -17.64 44.84
N THR A 228 14.91 -17.35 45.86
CA THR A 228 15.42 -17.38 47.22
C THR A 228 15.20 -18.71 47.92
N LEU A 229 13.97 -19.23 47.91
CA LEU A 229 13.67 -20.50 48.57
C LEU A 229 14.34 -21.74 47.97
N PRO A 230 14.60 -21.86 46.66
CA PRO A 230 15.52 -22.92 46.22
C PRO A 230 16.99 -22.60 46.44
N LEU A 231 17.34 -21.45 47.01
CA LEU A 231 18.72 -21.14 47.35
C LEU A 231 18.95 -20.98 48.85
N LEU A 232 17.90 -21.06 49.67
CA LEU A 232 18.05 -21.15 51.12
C LEU A 232 17.95 -22.60 51.59
N VAL A 233 16.84 -23.27 51.29
CA VAL A 233 16.75 -24.72 51.43
C VAL A 233 16.68 -25.33 50.04
N PRO A 234 17.78 -25.87 49.53
CA PRO A 234 17.82 -26.28 48.11
C PRO A 234 17.07 -27.56 47.79
N GLU A 235 16.55 -28.28 48.78
CA GLU A 235 15.75 -29.46 48.54
C GLU A 235 14.25 -29.20 48.60
N PHE A 236 13.86 -27.93 48.76
CA PHE A 236 12.43 -27.60 48.82
C PHE A 236 11.79 -27.62 47.44
N PHE A 237 12.55 -27.29 46.39
CA PHE A 237 12.07 -27.30 45.02
C PHE A 237 13.06 -28.10 44.16
N GLN A 238 12.69 -29.33 43.81
CA GLN A 238 13.55 -30.19 43.02
C GLN A 238 12.70 -31.18 42.23
N GLY A 239 13.14 -31.46 41.00
CA GLY A 239 12.59 -32.55 40.20
C GLY A 239 11.13 -32.46 39.84
N LEU A 240 10.32 -33.31 40.49
CA LEU A 240 8.88 -33.27 40.30
C LEU A 240 8.27 -31.99 40.86
N ARG A 241 8.84 -31.46 41.93
CA ARG A 241 8.53 -30.10 42.39
C ARG A 241 9.39 -29.16 41.56
N SER A 242 8.84 -28.71 40.44
CA SER A 242 9.63 -28.03 39.42
C SER A 242 9.85 -26.57 39.79
N PRO A 243 11.09 -26.09 39.84
CA PRO A 243 11.32 -24.65 39.94
C PRO A 243 11.14 -24.00 38.58
N TRP A 244 10.84 -22.70 38.61
CA TRP A 244 10.52 -21.99 37.39
C TRP A 244 11.80 -21.58 36.66
N LYS A 245 11.62 -21.14 35.41
CA LYS A 245 12.76 -20.74 34.60
C LYS A 245 12.54 -19.48 33.76
N ALA A 246 11.37 -18.86 33.78
CA ALA A 246 11.10 -17.74 32.89
C ALA A 246 9.91 -16.93 33.42
N MET A 247 9.76 -15.73 32.86
CA MET A 247 8.65 -14.82 33.11
C MET A 247 8.63 -13.71 32.06
N VAL A 248 7.49 -13.46 31.45
CA VAL A 248 7.37 -12.41 30.43
C VAL A 248 6.30 -11.44 30.93
N LEU A 249 6.74 -10.39 31.62
CA LEU A 249 5.82 -9.40 32.15
C LEU A 249 5.31 -8.49 31.04
N ALA A 250 3.99 -8.35 30.95
CA ALA A 250 3.35 -7.47 29.99
C ALA A 250 2.41 -6.51 30.70
N GLY A 251 2.10 -5.40 30.05
CA GLY A 251 1.19 -4.43 30.60
C GLY A 251 1.29 -3.04 29.99
N PRO A 252 0.67 -2.06 30.63
CA PRO A 252 0.72 -0.68 30.15
C PRO A 252 2.09 -0.08 30.36
N PRO A 253 2.43 1.04 29.69
CA PRO A 253 3.78 1.59 29.80
C PRO A 253 4.04 2.44 31.04
N GLY A 254 3.19 2.37 32.05
CA GLY A 254 3.37 3.21 33.21
C GLY A 254 3.63 2.46 34.50
N THR A 255 3.29 1.17 34.53
CA THR A 255 3.42 0.41 35.76
C THR A 255 4.87 -0.02 35.98
N GLY A 256 5.12 -0.68 37.11
CA GLY A 256 6.47 -0.99 37.52
C GLY A 256 7.05 -2.33 37.11
N LYS A 257 7.36 -2.51 35.83
CA LYS A 257 8.00 -3.75 35.42
C LYS A 257 9.49 -3.75 35.75
N THR A 258 10.17 -2.63 35.48
CA THR A 258 11.62 -2.58 35.62
C THR A 258 12.04 -2.56 37.08
N LEU A 259 11.20 -2.01 37.97
CA LEU A 259 11.54 -1.86 39.38
C LEU A 259 11.70 -3.21 40.07
N ILE A 260 10.90 -4.21 39.66
CA ILE A 260 11.02 -5.52 40.30
C ILE A 260 12.31 -6.20 39.88
N ALA A 261 12.73 -6.00 38.63
CA ALA A 261 14.01 -6.54 38.17
C ALA A 261 15.17 -5.87 38.89
N ARG A 262 15.11 -4.55 39.06
CA ARG A 262 16.17 -3.87 39.81
C ARG A 262 16.15 -4.24 41.29
N ALA A 263 14.98 -4.52 41.85
CA ALA A 263 14.88 -4.90 43.25
C ALA A 263 15.46 -6.28 43.48
N ILE A 264 15.14 -7.24 42.60
CA ILE A 264 15.73 -8.57 42.73
C ILE A 264 17.19 -8.57 42.30
N ALA A 265 17.63 -7.53 41.57
CA ALA A 265 19.05 -7.36 41.32
C ALA A 265 19.79 -6.94 42.58
N SER A 266 19.33 -5.87 43.22
CA SER A 266 20.02 -5.33 44.39
C SER A 266 19.67 -6.05 45.68
N GLU A 267 18.79 -7.04 45.66
CA GLU A 267 18.35 -7.72 46.87
C GLU A 267 19.16 -8.99 47.14
N SER A 268 19.20 -9.91 46.20
CA SER A 268 19.77 -11.23 46.41
C SER A 268 21.27 -11.22 46.14
N SER A 269 21.87 -12.41 46.07
CA SER A 269 23.31 -12.56 45.89
C SER A 269 23.62 -13.28 44.58
N SER A 270 22.97 -12.86 43.50
CA SER A 270 23.13 -13.46 42.19
C SER A 270 23.70 -12.46 41.22
N THR A 271 24.57 -12.92 40.32
CA THR A 271 25.19 -12.03 39.34
C THR A 271 24.18 -11.63 38.28
N PHE A 272 23.52 -10.50 38.51
CA PHE A 272 22.46 -10.01 37.65
C PHE A 272 23.04 -9.50 36.33
N PHE A 273 22.71 -10.17 35.24
CA PHE A 273 23.12 -9.70 33.92
C PHE A 273 22.10 -8.71 33.37
N THR A 274 22.37 -8.19 32.18
CA THR A 274 21.45 -7.27 31.51
C THR A 274 21.66 -7.45 30.01
N VAL A 275 20.56 -7.44 29.25
CA VAL A 275 20.62 -7.55 27.80
C VAL A 275 19.70 -6.50 27.20
N SER A 276 20.25 -5.66 26.32
CA SER A 276 19.50 -4.70 25.56
C SER A 276 19.36 -5.21 24.12
N SER A 277 18.82 -4.35 23.25
CA SER A 277 18.81 -4.64 21.82
C SER A 277 20.10 -4.20 21.13
N THR A 278 20.99 -3.53 21.84
CA THR A 278 22.24 -3.02 21.28
C THR A 278 23.39 -4.00 21.45
N ASP A 279 23.47 -4.72 22.57
CA ASP A 279 24.56 -5.64 22.83
C ASP A 279 24.52 -6.92 22.00
N LEU A 280 23.51 -7.09 21.14
CA LEU A 280 23.41 -8.26 20.28
C LEU A 280 23.49 -7.91 18.80
N SER A 281 24.01 -6.73 18.46
CA SER A 281 24.15 -6.32 17.07
C SER A 281 25.62 -6.02 16.79
N SER A 282 26.10 -6.50 15.64
CA SER A 282 27.48 -6.29 15.22
C SER A 282 27.51 -6.07 13.71
N LYS A 283 28.49 -5.29 13.26
CA LYS A 283 28.60 -4.98 11.84
C LYS A 283 29.09 -6.18 11.04
N TRP A 284 29.95 -7.02 11.62
CA TRP A 284 30.50 -8.17 10.91
C TRP A 284 29.47 -9.30 10.84
N ARG A 285 29.79 -10.32 10.06
CA ARG A 285 28.95 -11.50 9.92
C ARG A 285 29.56 -12.65 10.71
N GLY A 286 28.73 -13.34 11.48
CA GLY A 286 29.20 -14.36 12.38
C GLY A 286 29.47 -13.89 13.79
N ASP A 287 29.33 -12.60 14.06
CA ASP A 287 29.53 -12.05 15.38
C ASP A 287 28.23 -11.62 16.05
N SER A 288 27.09 -11.83 15.40
CA SER A 288 25.80 -11.55 16.00
C SER A 288 25.19 -12.76 16.69
N GLU A 289 25.79 -13.93 16.51
CA GLU A 289 25.31 -15.16 17.14
C GLU A 289 26.22 -15.68 18.24
N LYS A 290 27.52 -15.38 18.19
CA LYS A 290 28.43 -15.85 19.22
C LYS A 290 28.30 -15.08 20.52
N ILE A 291 27.71 -13.88 20.50
CA ILE A 291 27.53 -13.09 21.70
C ILE A 291 26.53 -13.76 22.64
N VAL A 292 25.44 -14.29 22.08
CA VAL A 292 24.43 -14.96 22.90
C VAL A 292 24.98 -16.26 23.49
N ARG A 293 25.78 -16.98 22.71
CA ARG A 293 26.40 -18.21 23.18
C ARG A 293 27.40 -17.94 24.31
N LEU A 294 28.23 -16.91 24.14
CA LEU A 294 29.17 -16.53 25.19
C LEU A 294 28.45 -16.00 26.42
N LEU A 295 27.31 -15.33 26.23
CA LEU A 295 26.52 -14.83 27.35
C LEU A 295 25.95 -15.96 28.18
N PHE A 296 25.34 -16.95 27.52
CA PHE A 296 24.78 -18.07 28.26
C PHE A 296 25.86 -18.96 28.86
N GLU A 297 27.03 -19.05 28.21
CA GLU A 297 28.13 -19.81 28.80
C GLU A 297 28.68 -19.10 30.04
N LEU A 298 28.77 -17.77 30.00
CA LEU A 298 29.20 -17.00 31.17
C LEU A 298 28.19 -17.11 32.30
N ALA A 299 26.89 -17.10 31.97
CA ALA A 299 25.85 -17.20 32.99
C ALA A 299 25.83 -18.58 33.64
N ARG A 300 26.05 -19.64 32.85
CA ARG A 300 26.11 -20.97 33.44
C ARG A 300 27.47 -21.30 34.03
N PHE A 301 28.48 -20.45 33.83
CA PHE A 301 29.76 -20.66 34.49
C PHE A 301 29.89 -19.93 35.81
N TYR A 302 29.46 -18.66 35.88
CA TYR A 302 29.71 -17.82 37.04
C TYR A 302 28.99 -18.26 38.30
N ALA A 303 27.66 -18.24 38.27
CA ALA A 303 26.88 -18.31 39.50
C ALA A 303 25.45 -18.70 39.14
N PRO A 304 24.58 -18.93 40.14
CA PRO A 304 23.14 -18.97 39.85
C PRO A 304 22.60 -17.61 39.44
N SER A 305 22.86 -17.22 38.19
CA SER A 305 22.63 -15.86 37.73
C SER A 305 21.15 -15.62 37.41
N ILE A 306 20.85 -14.42 36.92
CA ILE A 306 19.53 -14.03 36.47
C ILE A 306 19.66 -13.01 35.34
N ILE A 307 19.10 -13.30 34.18
CA ILE A 307 19.21 -12.42 33.02
C ILE A 307 17.91 -11.64 32.89
N PHE A 308 18.01 -10.36 32.54
CA PHE A 308 16.85 -9.49 32.37
C PHE A 308 16.93 -8.91 30.97
N ILE A 309 16.35 -9.61 30.00
CA ILE A 309 16.35 -9.16 28.62
C ILE A 309 15.23 -8.13 28.46
N ASP A 310 15.60 -6.86 28.52
CA ASP A 310 14.63 -5.79 28.48
C ASP A 310 14.18 -5.53 27.05
N GLN A 311 12.87 -5.30 26.89
CA GLN A 311 12.19 -5.03 25.62
C GLN A 311 12.45 -6.15 24.61
N ILE A 312 11.94 -7.34 24.96
CA ILE A 312 12.19 -8.53 24.15
C ILE A 312 11.35 -8.55 22.88
N ASP A 313 10.36 -7.67 22.77
CA ASP A 313 9.57 -7.61 21.55
C ASP A 313 10.31 -6.99 20.38
N THR A 314 11.46 -6.35 20.62
CA THR A 314 12.33 -5.91 19.54
C THR A 314 13.38 -6.95 19.18
N LEU A 315 13.78 -7.78 20.13
CA LEU A 315 14.73 -8.86 19.88
C LEU A 315 14.10 -9.95 19.03
N GLY A 316 13.06 -10.59 19.56
CA GLY A 316 12.44 -11.71 18.88
C GLY A 316 11.09 -11.41 18.28
N GLY A 317 11.05 -11.23 16.97
CA GLY A 317 9.82 -11.05 16.22
C GLY A 317 9.35 -12.35 15.62
N GLN A 318 8.77 -12.26 14.42
CA GLN A 318 8.32 -13.43 13.69
C GLN A 318 9.48 -14.00 12.88
N ARG A 319 9.57 -15.33 12.83
CA ARG A 319 10.75 -15.98 12.25
C ARG A 319 10.70 -15.99 10.72
N GLY A 320 9.71 -16.67 10.16
CA GLY A 320 9.69 -16.89 8.72
C GLY A 320 8.86 -15.89 7.94
N ASN A 321 9.10 -14.61 8.15
CA ASN A 321 8.35 -13.57 7.44
C ASN A 321 8.95 -13.35 6.06
N SER A 322 8.49 -12.30 5.38
CA SER A 322 9.01 -11.92 4.08
C SER A 322 9.78 -10.61 4.09
N GLY A 323 9.38 -9.65 4.91
CA GLY A 323 10.12 -8.41 5.02
C GLY A 323 11.11 -8.42 6.17
N GLU A 324 11.76 -9.56 6.38
CA GLU A 324 12.72 -9.74 7.46
C GLU A 324 14.09 -10.09 6.88
N HIS A 325 15.12 -9.38 7.34
CA HIS A 325 16.49 -9.67 6.94
C HIS A 325 16.91 -11.04 7.49
N GLU A 326 17.93 -11.62 6.85
CA GLU A 326 18.39 -12.95 7.24
C GLU A 326 19.28 -12.94 8.48
N ALA A 327 19.52 -11.77 9.09
CA ALA A 327 20.41 -11.70 10.24
C ALA A 327 19.69 -12.02 11.56
N SER A 328 18.37 -11.91 11.61
CA SER A 328 17.63 -12.14 12.84
C SER A 328 17.26 -13.59 13.06
N ARG A 329 17.15 -14.38 11.98
CA ARG A 329 16.78 -15.79 12.12
C ARG A 329 17.87 -16.59 12.82
N ARG A 330 19.14 -16.29 12.53
CA ARG A 330 20.22 -16.98 13.21
C ARG A 330 20.33 -16.55 14.67
N VAL A 331 19.98 -15.30 14.97
CA VAL A 331 19.97 -14.83 16.35
C VAL A 331 18.90 -15.56 17.15
N LYS A 332 17.68 -15.65 16.60
CA LYS A 332 16.61 -16.36 17.30
C LYS A 332 16.85 -17.87 17.33
N SER A 333 17.55 -18.42 16.34
CA SER A 333 17.87 -19.84 16.35
C SER A 333 18.89 -20.17 17.43
N GLU A 334 19.96 -19.36 17.54
CA GLU A 334 20.93 -19.56 18.62
C GLU A 334 20.33 -19.24 19.97
N PHE A 335 19.34 -18.34 20.01
CA PHE A 335 18.65 -18.03 21.25
C PHE A 335 17.79 -19.21 21.74
N LEU A 336 17.01 -19.81 20.84
CA LEU A 336 16.19 -20.95 21.22
C LEU A 336 17.02 -22.20 21.45
N VAL A 337 18.15 -22.34 20.75
CA VAL A 337 19.01 -23.49 20.98
C VAL A 337 19.79 -23.34 22.28
N GLN A 338 20.08 -22.10 22.68
CA GLN A 338 20.79 -21.83 23.93
C GLN A 338 19.85 -21.54 25.08
N MET A 339 18.54 -21.62 24.87
CA MET A 339 17.60 -21.35 25.96
C MET A 339 17.61 -22.48 26.98
N ASP A 340 17.85 -23.71 26.55
CA ASP A 340 17.82 -24.88 27.43
C ASP A 340 19.03 -24.85 28.36
N GLY A 341 18.80 -24.44 29.59
CA GLY A 341 19.85 -24.37 30.60
C GLY A 341 19.31 -24.31 32.01
N ARG A 350 20.57 -22.41 39.01
CA ARG A 350 21.36 -21.90 37.90
C ARG A 350 20.67 -20.73 37.22
N VAL A 351 20.58 -20.77 35.89
CA VAL A 351 20.11 -19.63 35.12
C VAL A 351 18.59 -19.54 35.20
N PHE A 352 18.08 -18.36 35.57
CA PHE A 352 16.65 -18.07 35.58
C PHE A 352 16.45 -16.84 34.73
N VAL A 353 15.96 -17.02 33.51
CA VAL A 353 15.76 -15.91 32.59
C VAL A 353 14.51 -15.14 32.98
N LEU A 354 14.48 -13.86 32.61
CA LEU A 354 13.36 -12.97 32.92
C LEU A 354 13.32 -11.89 31.86
N ALA A 355 12.13 -11.49 31.44
CA ALA A 355 11.99 -10.46 30.43
C ALA A 355 10.70 -9.68 30.66
N ALA A 356 10.65 -8.47 30.10
CA ALA A 356 9.48 -7.62 30.23
C ALA A 356 9.23 -6.90 28.92
N THR A 357 7.96 -6.88 28.50
CA THR A 357 7.57 -6.32 27.21
C THR A 357 6.64 -5.13 27.42
N ASN A 358 6.22 -4.54 26.30
CA ASN A 358 5.22 -3.49 26.30
C ASN A 358 4.19 -3.82 25.23
N ILE A 359 4.62 -4.56 24.22
CA ILE A 359 3.75 -5.13 23.19
C ILE A 359 3.95 -6.64 23.20
N PRO A 360 3.01 -7.39 23.78
CA PRO A 360 3.23 -8.83 23.94
C PRO A 360 2.79 -9.66 22.73
N TRP A 361 1.89 -9.14 21.89
CA TRP A 361 1.41 -9.92 20.76
C TRP A 361 2.38 -9.94 19.59
N GLU A 362 3.47 -9.17 19.65
CA GLU A 362 4.49 -9.25 18.62
C GLU A 362 5.53 -10.34 18.88
N LEU A 363 5.35 -11.12 19.94
CA LEU A 363 6.27 -12.22 20.22
C LEU A 363 6.01 -13.40 19.27
N ASP A 364 7.02 -14.25 19.13
CA ASP A 364 6.93 -15.40 18.25
C ASP A 364 6.01 -16.47 18.85
N GLU A 365 5.46 -17.31 17.98
CA GLU A 365 4.55 -18.35 18.42
C GLU A 365 5.29 -19.49 19.11
N ALA A 366 6.56 -19.70 18.75
CA ALA A 366 7.37 -20.71 19.44
C ALA A 366 8.06 -20.15 20.67
N LEU A 367 8.17 -18.82 20.78
CA LEU A 367 8.88 -18.22 21.90
C LEU A 367 8.08 -18.30 23.18
N ARG A 368 6.75 -18.24 23.10
CA ARG A 368 5.90 -18.27 24.29
C ARG A 368 5.88 -19.63 24.96
N ARG A 369 6.30 -20.69 24.27
CA ARG A 369 6.32 -22.02 24.90
C ARG A 369 7.42 -22.11 25.95
N ARG A 370 8.54 -21.43 25.73
CA ARG A 370 9.64 -21.46 26.68
C ARG A 370 9.42 -20.50 27.84
N PHE A 371 8.47 -19.59 27.74
CA PHE A 371 8.14 -18.67 28.82
C PHE A 371 7.06 -19.32 29.67
N GLU A 372 7.46 -19.83 30.84
CA GLU A 372 6.57 -20.62 31.69
C GLU A 372 5.53 -19.79 32.42
N LYS A 373 5.58 -18.46 32.35
CA LYS A 373 4.58 -17.61 32.98
C LYS A 373 4.54 -16.28 32.25
N ARG A 374 3.33 -15.87 31.85
CA ARG A 374 3.12 -14.59 31.18
C ARG A 374 2.07 -13.84 32.00
N ILE A 375 2.52 -13.06 32.96
CA ILE A 375 1.66 -12.44 33.96
C ILE A 375 1.29 -11.03 33.53
N PHE A 376 0.02 -10.69 33.65
CA PHE A 376 -0.46 -9.34 33.36
C PHE A 376 -0.25 -8.45 34.57
N ILE A 377 0.18 -7.22 34.30
CA ILE A 377 0.43 -6.23 35.35
C ILE A 377 -0.56 -5.08 35.22
N PRO A 378 -1.58 -5.00 36.06
CA PRO A 378 -2.62 -3.98 35.87
C PRO A 378 -2.25 -2.65 36.49
N LEU A 379 -2.99 -1.62 36.07
CA LEU A 379 -2.88 -0.31 36.66
C LEU A 379 -3.43 -0.34 38.08
N PRO A 380 -2.90 0.51 38.99
CA PRO A 380 -3.34 0.45 40.38
C PRO A 380 -4.75 1.00 40.57
N ASP A 381 -5.47 0.39 41.50
CA ASP A 381 -6.84 0.76 41.80
C ASP A 381 -6.87 1.85 42.88
N ILE A 382 -8.06 2.09 43.43
CA ILE A 382 -8.23 3.15 44.43
C ILE A 382 -7.54 2.79 45.75
N ASP A 383 -7.33 1.50 46.02
CA ASP A 383 -6.68 1.11 47.26
C ASP A 383 -5.18 1.31 47.21
N ALA A 384 -4.57 1.16 46.03
CA ALA A 384 -3.10 1.22 45.94
C ALA A 384 -2.58 2.64 45.78
N ARG A 385 -3.38 3.54 45.19
CA ARG A 385 -2.92 4.92 44.97
C ARG A 385 -2.75 5.66 46.29
N LYS A 386 -3.55 5.32 47.30
CA LYS A 386 -3.43 5.97 48.60
C LYS A 386 -2.14 5.59 49.30
N LYS A 387 -1.76 4.31 49.24
CA LYS A 387 -0.47 3.87 49.75
C LYS A 387 0.68 4.45 48.93
N LEU A 388 0.46 4.63 47.62
CA LEU A 388 1.47 5.26 46.77
C LEU A 388 1.73 6.70 47.16
N ILE A 389 0.67 7.45 47.46
CA ILE A 389 0.83 8.84 47.90
C ILE A 389 1.47 8.90 49.29
N GLU A 390 1.04 8.02 50.20
CA GLU A 390 1.62 8.01 51.55
C GLU A 390 3.08 7.58 51.56
N LYS A 391 3.53 6.80 50.57
CA LYS A 391 4.95 6.48 50.50
C LYS A 391 5.74 7.55 49.75
N SER A 392 5.20 8.10 48.67
CA SER A 392 5.91 9.10 47.87
C SER A 392 5.96 10.46 48.53
N MET A 393 5.14 10.73 49.56
CA MET A 393 5.22 11.98 50.30
C MET A 393 5.95 11.83 51.63
N GLU A 394 7.00 11.02 51.65
CA GLU A 394 7.80 10.85 52.86
C GLU A 394 8.97 11.82 52.83
N GLY A 395 9.35 12.32 54.01
CA GLY A 395 10.49 13.21 54.14
C GLY A 395 10.20 14.66 53.86
N THR A 396 9.05 14.98 53.28
CA THR A 396 8.67 16.36 52.96
C THR A 396 7.69 16.86 54.00
N PRO A 397 7.90 18.05 54.56
CA PRO A 397 6.95 18.60 55.55
C PRO A 397 5.62 18.94 54.90
N LYS A 398 4.56 18.27 55.37
CA LYS A 398 3.23 18.38 54.79
C LYS A 398 2.25 18.84 55.86
N SER A 399 1.30 19.68 55.46
CA SER A 399 0.25 20.11 56.38
C SER A 399 -0.69 18.95 56.70
N ASP A 400 -1.34 19.04 57.85
CA ASP A 400 -2.21 17.97 58.34
C ASP A 400 -3.67 18.18 57.96
N GLU A 401 -3.93 18.79 56.81
CA GLU A 401 -5.28 19.02 56.32
C GLU A 401 -5.59 18.22 55.06
N ILE A 402 -4.58 17.70 54.38
CA ILE A 402 -4.78 16.99 53.11
C ILE A 402 -5.44 15.65 53.37
N ASN A 403 -6.37 15.28 52.49
CA ASN A 403 -7.16 14.06 52.61
C ASN A 403 -6.77 13.13 51.47
N TYR A 404 -6.16 12.00 51.84
CA TYR A 404 -5.64 11.08 50.83
C TYR A 404 -6.74 10.27 50.14
N ASP A 405 -7.94 10.21 50.71
CA ASP A 405 -9.03 9.49 50.06
C ASP A 405 -9.54 10.26 48.85
N ASP A 406 -9.64 11.59 48.98
CA ASP A 406 -10.07 12.42 47.86
C ASP A 406 -9.06 12.41 46.72
N LEU A 407 -7.77 12.45 47.07
CA LEU A 407 -6.72 12.34 46.05
C LEU A 407 -6.69 10.95 45.43
N ALA A 408 -6.99 9.91 46.21
CA ALA A 408 -7.02 8.57 45.67
C ALA A 408 -8.25 8.32 44.80
N ALA A 409 -9.32 9.08 45.01
CA ALA A 409 -10.55 8.87 44.25
C ALA A 409 -10.74 9.84 43.09
N ARG A 410 -9.98 10.94 43.03
CA ARG A 410 -10.17 11.92 41.97
C ARG A 410 -9.17 11.73 40.84
N THR A 411 -8.41 10.63 40.84
CA THR A 411 -7.45 10.31 39.79
C THR A 411 -7.84 9.04 39.04
N GLU A 412 -9.10 8.94 38.64
CA GLU A 412 -9.56 7.81 37.83
C GLU A 412 -8.91 7.87 36.45
N GLY A 413 -7.94 6.98 36.23
CA GLY A 413 -7.24 6.89 34.96
C GLY A 413 -5.74 6.98 35.04
N PHE A 414 -5.17 7.29 36.20
CA PHE A 414 -3.73 7.50 36.30
C PHE A 414 -2.99 6.16 36.34
N SER A 415 -1.82 6.13 35.72
CA SER A 415 -0.93 4.97 35.81
C SER A 415 -0.11 5.05 37.09
N GLY A 416 0.94 4.23 37.18
CA GLY A 416 1.80 4.30 38.36
C GLY A 416 2.66 5.54 38.41
N ALA A 417 3.18 5.97 37.25
CA ALA A 417 4.17 7.05 37.25
C ALA A 417 3.53 8.43 37.38
N ASP A 418 2.29 8.59 36.92
CA ASP A 418 1.66 9.90 36.95
C ASP A 418 1.33 10.37 38.36
N VAL A 419 1.15 9.45 39.31
CA VAL A 419 0.94 9.85 40.69
C VAL A 419 2.22 10.42 41.30
N VAL A 420 3.36 9.80 40.98
CA VAL A 420 4.64 10.32 41.44
C VAL A 420 4.95 11.65 40.77
N SER A 421 4.54 11.82 39.50
CA SER A 421 4.66 13.12 38.85
C SER A 421 3.76 14.17 39.51
N LEU A 422 2.59 13.76 40.01
CA LEU A 422 1.72 14.68 40.72
C LEU A 422 2.34 15.12 42.05
N CYS A 423 2.92 14.17 42.80
CA CYS A 423 3.62 14.51 44.03
C CYS A 423 4.85 15.37 43.78
N ARG A 424 5.48 15.24 42.62
CA ARG A 424 6.55 16.15 42.24
C ARG A 424 6.01 17.55 41.94
N THR A 425 4.89 17.62 41.22
CA THR A 425 4.36 18.90 40.76
C THR A 425 3.84 19.74 41.93
N ALA A 426 3.33 19.09 42.99
CA ALA A 426 2.91 19.84 44.17
C ALA A 426 4.09 20.50 44.88
N ALA A 427 5.16 19.73 45.11
CA ALA A 427 6.35 20.28 45.76
C ALA A 427 7.09 21.29 44.90
N ILE A 428 6.88 21.28 43.58
CA ILE A 428 7.46 22.32 42.74
C ILE A 428 6.55 23.56 42.73
N ASN A 429 5.23 23.37 42.85
CA ASN A 429 4.30 24.49 42.97
C ASN A 429 4.52 25.26 44.26
N VAL A 430 5.01 24.58 45.30
CA VAL A 430 5.48 25.25 46.52
C VAL A 430 6.55 26.29 46.19
N LEU A 431 7.48 25.94 45.30
CA LEU A 431 8.49 26.91 44.87
C LEU A 431 7.90 28.00 44.01
N ARG A 432 7.05 27.64 43.05
CA ARG A 432 6.57 28.63 42.09
C ARG A 432 5.48 29.54 42.63
N ARG A 433 4.98 29.28 43.84
CA ARG A 433 4.02 30.19 44.47
C ARG A 433 4.63 31.55 44.79
N TYR A 434 5.91 31.58 45.17
CA TYR A 434 6.58 32.85 45.49
C TYR A 434 7.04 33.56 44.22
N ASP A 435 7.87 34.58 44.38
CA ASP A 435 8.48 35.30 43.26
C ASP A 435 9.98 35.10 43.31
N THR A 436 10.49 34.18 42.48
CA THR A 436 11.92 33.95 42.37
C THR A 436 12.48 34.22 40.97
N LYS A 437 11.63 34.49 39.99
CA LYS A 437 12.08 34.77 38.63
C LYS A 437 12.41 36.25 38.44
N SER A 438 11.65 37.13 39.08
CA SER A 438 11.89 38.57 38.95
C SER A 438 13.13 39.01 39.71
N LEU A 439 13.44 38.38 40.83
CA LEU A 439 14.60 38.73 41.64
C LEU A 439 15.67 37.67 41.48
N ARG A 440 16.93 38.11 41.49
CA ARG A 440 18.06 37.20 41.37
C ARG A 440 19.29 37.87 41.96
N GLY A 441 20.22 37.05 42.46
CA GLY A 441 21.49 37.53 42.94
C GLY A 441 21.48 38.00 44.38
N GLY A 442 20.70 39.04 44.68
CA GLY A 442 20.73 39.64 45.99
C GLY A 442 19.98 38.90 47.07
N GLU A 443 20.74 38.24 47.96
CA GLU A 443 20.23 37.54 49.15
C GLU A 443 19.20 36.47 48.80
N LEU A 444 19.43 35.78 47.69
CA LEU A 444 18.47 34.77 47.24
C LEU A 444 18.54 33.51 48.10
N THR A 445 19.69 33.24 48.71
CA THR A 445 19.81 32.08 49.59
C THR A 445 19.03 32.26 50.89
N ALA A 446 18.76 33.50 51.30
CA ALA A 446 17.84 33.73 52.42
C ALA A 446 16.41 33.41 52.01
N ALA A 447 16.01 33.86 50.81
CA ALA A 447 14.71 33.51 50.27
C ALA A 447 14.61 32.02 49.97
N MET A 448 15.71 31.39 49.56
CA MET A 448 15.70 29.95 49.35
C MET A 448 15.61 29.19 50.67
N GLU A 449 16.20 29.73 51.74
CA GLU A 449 16.05 29.11 53.05
C GLU A 449 14.62 29.26 53.56
N SER A 450 14.00 30.42 53.31
CA SER A 450 12.59 30.60 53.65
C SER A 450 11.69 29.68 52.81
N LEU A 451 12.10 29.38 51.58
CA LEU A 451 11.37 28.40 50.76
C LEU A 451 11.53 27.00 51.31
N LYS A 452 12.73 26.66 51.79
CA LYS A 452 12.94 25.35 52.41
C LYS A 452 12.23 25.23 53.75
N ALA A 453 11.91 26.35 54.39
CA ALA A 453 11.19 26.29 55.66
C ALA A 453 9.71 25.97 55.45
N GLU A 454 9.12 26.45 54.35
CA GLU A 454 7.68 26.36 54.14
C GLU A 454 7.26 24.92 53.85
N LEU A 455 5.97 24.65 54.01
CA LEU A 455 5.42 23.31 53.91
C LEU A 455 4.22 23.29 52.95
N VAL A 456 3.86 22.08 52.55
CA VAL A 456 2.86 21.88 51.49
C VAL A 456 1.46 21.95 52.09
N ARG A 457 0.63 22.83 51.53
CA ARG A 457 -0.76 22.95 51.92
C ARG A 457 -1.62 22.08 51.00
N ASN A 458 -2.95 22.27 51.07
CA ASN A 458 -3.87 21.52 50.21
C ASN A 458 -4.09 22.20 48.86
N ILE A 459 -3.96 23.53 48.81
CA ILE A 459 -4.17 24.27 47.57
C ILE A 459 -3.06 23.95 46.56
N ASP A 460 -1.88 23.56 47.06
CA ASP A 460 -0.83 23.10 46.17
C ASP A 460 -1.19 21.77 45.50
N PHE A 461 -1.82 20.86 46.24
CA PHE A 461 -2.35 19.64 45.63
C PHE A 461 -3.48 19.94 44.66
N GLU A 462 -4.31 20.95 44.95
CA GLU A 462 -5.37 21.31 44.01
C GLU A 462 -4.81 21.87 42.71
N ALA A 463 -3.80 22.73 42.81
CA ALA A 463 -3.16 23.29 41.61
C ALA A 463 -2.35 22.23 40.86
N ALA A 464 -1.83 21.23 41.57
CA ALA A 464 -1.09 20.17 40.90
C ALA A 464 -2.03 19.21 40.17
N LEU A 465 -3.17 18.88 40.78
CA LEU A 465 -4.11 17.97 40.13
C LEU A 465 -4.91 18.67 39.03
N GLN A 466 -5.02 20.00 39.10
CA GLN A 466 -5.69 20.75 38.06
C GLN A 466 -4.95 20.71 36.72
N ALA A 467 -3.63 20.55 36.73
CA ALA A 467 -2.84 20.71 35.51
C ALA A 467 -1.93 19.50 35.24
N VAL A 468 -2.40 18.30 35.54
CA VAL A 468 -1.69 17.07 35.19
C VAL A 468 -2.69 16.08 34.61
N SER A 469 -2.46 15.65 33.40
CA SER A 469 -3.26 14.71 32.62
C SER A 469 -2.62 13.33 32.65
N PRO A 470 -3.39 12.26 32.44
CA PRO A 470 -2.79 10.92 32.35
C PRO A 470 -1.93 10.77 31.11
N SER A 471 -1.15 9.68 31.12
CA SER A 471 -0.12 9.50 30.09
C SER A 471 -0.73 9.09 28.75
N ALA A 472 -1.67 8.14 28.77
CA ALA A 472 -2.28 7.64 27.54
C ALA A 472 -3.68 7.14 27.81
N GLY A 473 -4.58 7.35 26.85
CA GLY A 473 -5.93 6.85 26.93
C GLY A 473 -5.97 5.34 26.82
N PRO A 474 -6.89 4.71 27.56
CA PRO A 474 -6.82 3.24 27.71
C PRO A 474 -7.36 2.47 26.52
N ASP A 475 -6.45 1.97 25.71
CA ASP A 475 -6.72 0.91 24.73
C ASP A 475 -5.68 -0.20 24.80
N THR A 476 -4.41 0.16 25.03
CA THR A 476 -3.37 -0.84 25.11
C THR A 476 -3.47 -1.68 26.38
N MET A 477 -4.02 -1.11 27.46
CA MET A 477 -4.30 -1.87 28.67
C MET A 477 -5.30 -2.98 28.40
N LEU A 478 -6.39 -2.66 27.69
CA LEU A 478 -7.39 -3.66 27.36
C LEU A 478 -6.85 -4.67 26.36
N LYS A 479 -5.99 -4.23 25.43
CA LYS A 479 -5.43 -5.17 24.44
C LYS A 479 -4.47 -6.15 25.09
N CYS A 480 -3.63 -5.68 26.02
CA CYS A 480 -2.76 -6.61 26.73
C CYS A 480 -3.53 -7.49 27.71
N LYS A 481 -4.65 -7.01 28.27
CA LYS A 481 -5.50 -7.88 29.07
C LYS A 481 -6.14 -8.97 28.21
N GLU A 482 -6.52 -8.63 26.98
CA GLU A 482 -7.04 -9.62 26.04
C GLU A 482 -5.97 -10.64 25.67
N TRP A 483 -4.73 -10.19 25.46
CA TRP A 483 -3.67 -11.12 25.10
C TRP A 483 -3.32 -12.06 26.25
N CYS A 484 -3.27 -11.55 27.49
CA CYS A 484 -3.00 -12.43 28.61
C CYS A 484 -4.19 -13.32 28.95
N ASP A 485 -5.41 -12.90 28.60
CA ASP A 485 -6.56 -13.79 28.77
C ASP A 485 -6.57 -14.89 27.70
N SER A 486 -6.06 -14.58 26.50
CA SER A 486 -6.11 -15.56 25.42
C SER A 486 -4.94 -16.55 25.51
N PHE A 487 -3.71 -16.05 25.50
CA PHE A 487 -2.54 -16.91 25.44
C PHE A 487 -1.75 -16.98 26.74
N GLY A 488 -1.90 -16.00 27.62
CA GLY A 488 -1.08 -15.95 28.83
C GLY A 488 -1.65 -16.75 29.97
N ALA A 489 -0.80 -17.06 30.93
CA ALA A 489 -1.19 -17.78 32.14
C ALA A 489 -1.42 -16.76 33.25
N MET A 490 -2.37 -15.87 33.01
CA MET A 490 -2.70 -14.82 33.97
C MET A 490 -4.20 -14.56 34.00
N LEU B 174 38.02 14.13 20.82
CA LEU B 174 37.32 14.37 22.08
C LEU B 174 38.18 15.18 23.04
N PRO B 175 37.76 16.41 23.35
CA PRO B 175 38.49 17.21 24.33
C PRO B 175 38.24 16.73 25.75
N GLN B 176 38.93 17.32 26.72
CA GLN B 176 38.75 16.92 28.11
C GLN B 176 37.60 17.70 28.74
N ASN B 177 37.40 17.47 30.03
CA ASN B 177 36.36 18.13 30.82
C ASN B 177 37.02 18.78 32.03
N SER B 178 36.20 19.18 32.99
CA SER B 178 36.72 19.62 34.28
C SER B 178 37.43 18.48 34.97
N ALA B 179 38.47 18.83 35.73
CA ALA B 179 39.40 17.91 36.42
C ALA B 179 40.15 16.99 35.46
N GLY B 180 40.31 17.40 34.20
CA GLY B 180 41.28 16.83 33.28
C GLY B 180 41.18 15.37 32.88
N ASP B 181 40.04 14.73 33.13
CA ASP B 181 39.88 13.35 32.71
C ASP B 181 39.64 13.26 31.21
N SER B 182 39.70 12.04 30.67
CA SER B 182 39.51 11.82 29.25
C SER B 182 38.67 10.57 29.04
N PHE B 183 37.82 10.60 28.01
CA PHE B 183 36.95 9.48 27.72
C PHE B 183 37.69 8.38 27.00
N ASP B 184 37.40 7.13 27.36
CA ASP B 184 38.06 5.96 26.77
C ASP B 184 37.20 5.41 25.63
N ALA B 185 37.05 6.24 24.60
CA ALA B 185 36.25 5.88 23.43
C ALA B 185 37.09 5.18 22.36
N SER B 186 37.79 4.11 22.76
CA SER B 186 38.58 3.30 21.84
C SER B 186 37.88 2.01 21.46
N ALA B 187 36.62 1.84 21.86
CA ALA B 187 35.84 0.67 21.48
C ALA B 187 34.78 1.01 20.43
N TYR B 188 34.93 2.15 19.78
CA TYR B 188 34.00 2.60 18.75
C TYR B 188 34.77 2.88 17.47
N ASP B 189 34.06 2.95 16.37
CA ASP B 189 34.68 3.15 15.07
C ASP B 189 35.12 4.60 14.91
N ALA B 190 35.76 4.89 13.78
CA ALA B 190 36.34 6.21 13.57
C ALA B 190 35.29 7.24 13.17
N TYR B 191 34.22 6.81 12.51
CA TYR B 191 33.19 7.74 12.04
C TYR B 191 32.05 7.93 13.02
N ILE B 192 31.87 7.01 13.96
CA ILE B 192 30.83 7.15 14.97
C ILE B 192 31.19 8.27 15.94
N VAL B 193 32.43 8.25 16.45
CA VAL B 193 32.92 9.31 17.33
C VAL B 193 33.00 10.63 16.57
N GLN B 194 33.30 10.57 15.27
CA GLN B 194 33.29 11.78 14.45
C GLN B 194 31.89 12.36 14.30
N ALA B 195 30.87 11.52 14.21
CA ALA B 195 29.50 12.02 14.12
C ALA B 195 29.04 12.63 15.45
N VAL B 196 29.33 11.95 16.56
CA VAL B 196 28.94 12.48 17.87
C VAL B 196 29.72 13.74 18.23
N ARG B 197 30.96 13.88 17.76
CA ARG B 197 31.67 15.14 17.95
C ARG B 197 31.23 16.21 16.96
N GLY B 198 30.72 15.83 15.80
CA GLY B 198 30.22 16.80 14.85
C GLY B 198 28.85 17.33 15.17
N THR B 199 28.08 16.63 16.00
CA THR B 199 26.80 17.17 16.44
C THR B 199 26.91 18.05 17.67
N MET B 200 28.07 18.08 18.32
CA MET B 200 28.26 18.90 19.51
C MET B 200 28.50 20.35 19.15
N GLU B 205 29.24 30.73 21.00
CA GLU B 205 28.19 31.21 21.89
C GLU B 205 27.72 32.60 21.50
N ASN B 206 26.91 32.67 20.45
CA ASN B 206 26.30 33.93 20.03
C ASN B 206 25.26 34.35 21.06
N THR B 207 25.47 35.51 21.68
CA THR B 207 24.68 35.90 22.86
C THR B 207 23.32 36.42 22.43
N MET B 208 22.29 35.61 22.62
CA MET B 208 20.90 36.05 22.59
C MET B 208 20.48 36.38 24.02
N SER B 209 19.17 36.57 24.24
CA SER B 209 18.66 36.71 25.59
C SER B 209 17.30 36.02 25.66
N LEU B 210 17.01 35.43 26.83
CA LEU B 210 15.73 34.76 27.02
C LEU B 210 14.58 35.74 27.10
N ASP B 211 14.85 37.00 27.42
CA ASP B 211 13.84 38.05 27.38
C ASP B 211 13.77 38.73 26.01
N ASP B 212 14.37 38.13 24.99
CA ASP B 212 14.15 38.51 23.61
C ASP B 212 13.14 37.59 22.92
N ILE B 213 12.34 36.87 23.71
CA ILE B 213 11.27 36.02 23.21
C ILE B 213 9.98 36.46 23.87
N ILE B 214 8.97 36.76 23.06
CA ILE B 214 7.73 37.38 23.54
C ILE B 214 6.68 36.30 23.72
N GLY B 215 6.24 36.13 24.97
CA GLY B 215 5.26 35.14 25.32
C GLY B 215 5.89 33.96 26.02
N MET B 216 5.06 32.91 26.20
CA MET B 216 5.46 31.60 26.73
C MET B 216 6.06 31.72 28.14
N HIS B 217 5.23 32.14 29.08
CA HIS B 217 5.69 32.33 30.45
C HIS B 217 5.92 31.00 31.15
N ASP B 218 5.05 30.01 30.90
CA ASP B 218 5.21 28.72 31.56
C ASP B 218 6.42 27.95 31.02
N VAL B 219 6.75 28.16 29.74
CA VAL B 219 7.94 27.54 29.16
C VAL B 219 9.20 28.08 29.81
N LYS B 220 9.27 29.41 29.97
CA LYS B 220 10.40 30.01 30.66
C LYS B 220 10.44 29.62 32.13
N GLN B 221 9.28 29.39 32.74
CA GLN B 221 9.25 28.95 34.14
C GLN B 221 9.82 27.55 34.30
N VAL B 222 9.41 26.61 33.43
CA VAL B 222 9.92 25.25 33.50
C VAL B 222 11.40 25.21 33.15
N LEU B 223 11.83 26.02 32.17
CA LEU B 223 13.25 26.08 31.82
C LEU B 223 14.08 26.68 32.95
N HIS B 224 13.53 27.68 33.66
CA HIS B 224 14.17 28.26 34.82
C HIS B 224 14.39 27.21 35.90
N GLU B 225 13.30 26.56 36.32
CA GLU B 225 13.35 25.55 37.38
C GLU B 225 14.17 24.31 36.99
N ALA B 226 14.36 24.06 35.70
CA ALA B 226 15.09 22.86 35.29
C ALA B 226 16.54 23.12 34.93
N VAL B 227 16.92 24.34 34.57
CA VAL B 227 18.28 24.63 34.17
C VAL B 227 19.00 25.59 35.11
N THR B 228 18.39 26.70 35.55
CA THR B 228 19.17 27.75 36.17
C THR B 228 19.29 27.61 37.68
N LEU B 229 18.23 27.16 38.35
CA LEU B 229 18.22 27.09 39.81
C LEU B 229 19.08 25.99 40.45
N PRO B 230 19.27 24.79 39.87
CA PRO B 230 20.26 23.87 40.47
C PRO B 230 21.70 24.34 40.39
N LEU B 231 22.02 25.30 39.53
CA LEU B 231 23.36 25.87 39.53
C LEU B 231 23.57 26.78 40.74
N LEU B 232 22.56 27.58 41.08
CA LEU B 232 22.69 28.50 42.22
C LEU B 232 22.65 27.74 43.53
N VAL B 233 21.57 27.01 43.79
CA VAL B 233 21.40 26.31 45.05
C VAL B 233 21.27 24.80 44.80
N PRO B 234 22.38 24.06 44.78
CA PRO B 234 22.33 22.62 44.55
C PRO B 234 21.91 21.78 45.75
N GLU B 235 21.47 22.39 46.85
CA GLU B 235 21.04 21.63 48.01
C GLU B 235 19.52 21.56 48.16
N PHE B 236 18.78 22.44 47.49
CA PHE B 236 17.32 22.41 47.59
C PHE B 236 16.75 21.23 46.80
N PHE B 237 17.43 20.79 45.76
CA PHE B 237 16.96 19.72 44.89
C PHE B 237 17.68 18.45 45.29
N GLN B 238 17.14 17.75 46.29
CA GLN B 238 17.78 16.54 46.81
C GLN B 238 16.92 15.30 46.65
N GLY B 239 15.68 15.32 47.12
CA GLY B 239 14.88 14.12 47.15
C GLY B 239 13.69 14.13 46.21
N LEU B 240 12.50 14.42 46.76
CA LEU B 240 11.32 14.53 45.92
C LEU B 240 11.36 15.77 45.03
N ARG B 241 12.11 16.79 45.43
CA ARG B 241 12.24 18.01 44.66
C ARG B 241 13.41 17.97 43.69
N SER B 242 13.74 16.78 43.17
CA SER B 242 14.75 16.65 42.14
C SER B 242 14.26 17.33 40.86
N PRO B 243 15.16 17.94 40.09
CA PRO B 243 14.74 18.73 38.92
C PRO B 243 14.17 17.88 37.81
N TRP B 244 13.47 18.54 36.90
CA TRP B 244 12.82 17.87 35.78
C TRP B 244 13.86 17.33 34.80
N LYS B 245 13.43 16.35 34.01
CA LYS B 245 14.34 15.61 33.15
C LYS B 245 13.97 15.62 31.67
N ALA B 246 12.89 16.29 31.28
CA ALA B 246 12.43 16.29 29.90
C ALA B 246 11.45 17.42 29.67
N MET B 247 11.19 17.71 28.40
CA MET B 247 10.21 18.71 27.97
C MET B 247 9.89 18.50 26.50
N VAL B 248 8.67 18.87 26.10
CA VAL B 248 8.23 18.82 24.70
C VAL B 248 7.45 20.09 24.40
N LEU B 249 7.87 20.82 23.37
CA LEU B 249 7.12 21.94 22.86
C LEU B 249 6.38 21.50 21.60
N ALA B 250 5.05 21.50 21.65
CA ALA B 250 4.23 21.07 20.53
C ALA B 250 3.27 22.19 20.14
N GLY B 251 3.07 22.38 18.84
CA GLY B 251 2.17 23.40 18.38
C GLY B 251 2.26 23.66 16.89
N PRO B 252 1.74 24.80 16.46
CA PRO B 252 1.73 25.14 15.03
C PRO B 252 3.12 25.47 14.52
N PRO B 253 3.34 25.53 13.21
CA PRO B 253 4.64 25.98 12.70
C PRO B 253 4.75 27.51 12.72
N GLY B 254 5.86 28.00 13.25
CA GLY B 254 6.14 29.41 13.28
C GLY B 254 5.95 30.10 14.62
N THR B 255 5.80 29.36 15.71
CA THR B 255 5.43 29.94 16.99
C THR B 255 6.60 30.12 17.95
N GLY B 256 7.83 29.78 17.55
CA GLY B 256 8.96 29.99 18.41
C GLY B 256 9.40 28.79 19.20
N LYS B 257 9.57 27.64 18.54
CA LYS B 257 10.03 26.43 19.20
C LYS B 257 11.51 26.18 19.02
N THR B 258 12.10 26.58 17.89
CA THR B 258 13.54 26.48 17.67
C THR B 258 14.25 27.77 18.02
N LEU B 259 13.61 28.64 18.79
CA LEU B 259 14.21 29.87 19.28
C LEU B 259 14.54 29.81 20.76
N ILE B 260 13.72 29.14 21.56
CA ILE B 260 14.02 29.01 22.98
C ILE B 260 15.17 28.05 23.18
N ALA B 261 15.31 27.05 22.29
CA ALA B 261 16.46 26.16 22.35
C ALA B 261 17.75 26.91 22.06
N ARG B 262 17.74 27.83 21.09
CA ARG B 262 18.92 28.64 20.81
C ARG B 262 19.19 29.63 21.94
N ALA B 263 18.15 30.15 22.59
CA ALA B 263 18.35 31.08 23.69
C ALA B 263 18.97 30.38 24.91
N ILE B 264 18.44 29.19 25.25
CA ILE B 264 18.99 28.46 26.38
C ILE B 264 20.33 27.81 26.03
N ALA B 265 20.65 27.66 24.74
CA ALA B 265 22.01 27.31 24.38
C ALA B 265 22.94 28.50 24.52
N SER B 266 22.42 29.71 24.30
CA SER B 266 23.23 30.90 24.41
C SER B 266 23.60 31.19 25.86
N GLU B 267 22.61 31.43 26.72
CA GLU B 267 22.91 31.97 28.05
C GLU B 267 22.96 30.85 29.11
N SER B 268 23.88 29.91 28.89
CA SER B 268 24.13 28.88 29.89
C SER B 268 25.57 28.42 29.78
N SER B 269 26.06 27.81 30.86
CA SER B 269 27.39 27.24 30.91
C SER B 269 27.38 25.75 30.59
N SER B 270 26.21 25.15 30.39
CA SER B 270 26.11 23.74 30.11
C SER B 270 26.51 23.43 28.66
N THR B 271 26.81 22.16 28.41
CA THR B 271 27.23 21.72 27.09
C THR B 271 26.00 21.40 26.25
N PHE B 272 25.84 22.12 25.15
CA PHE B 272 24.68 21.90 24.29
C PHE B 272 24.91 20.72 23.35
N PHE B 273 23.83 20.30 22.69
CA PHE B 273 23.86 19.28 21.67
C PHE B 273 22.77 19.60 20.67
N THR B 274 22.94 19.12 19.43
CA THR B 274 21.92 19.34 18.41
C THR B 274 21.81 18.06 17.60
N VAL B 275 20.88 17.20 17.99
CA VAL B 275 20.65 15.93 17.33
C VAL B 275 19.52 16.11 16.35
N SER B 276 19.56 15.37 15.25
CA SER B 276 18.50 15.42 14.25
C SER B 276 18.29 14.01 13.71
N SER B 277 17.57 13.90 12.59
CA SER B 277 17.33 12.60 11.97
C SER B 277 18.32 12.26 10.87
N THR B 278 18.95 13.27 10.25
CA THR B 278 20.00 13.02 9.28
C THR B 278 21.33 12.70 9.95
N ASP B 279 21.41 12.77 11.27
CA ASP B 279 22.61 12.47 12.02
C ASP B 279 22.68 10.99 12.42
N LEU B 280 21.63 10.23 12.14
CA LEU B 280 21.54 8.82 12.47
C LEU B 280 21.23 8.00 11.23
N SER B 281 22.01 8.23 10.16
CA SER B 281 21.76 7.55 8.88
C SER B 281 22.16 6.08 8.96
N SER B 282 23.45 5.81 9.17
CA SER B 282 24.01 4.48 9.50
C SER B 282 23.69 3.44 8.42
N LYS B 283 24.33 3.61 7.26
CA LYS B 283 24.12 2.70 6.13
C LYS B 283 24.48 1.25 6.45
N TRP B 284 25.38 1.02 7.40
CA TRP B 284 25.71 -0.33 7.83
C TRP B 284 24.65 -0.84 8.80
N ARG B 285 24.91 -1.98 9.44
CA ARG B 285 23.94 -2.60 10.33
C ARG B 285 24.47 -2.60 11.75
N GLY B 286 23.69 -2.03 12.66
CA GLY B 286 24.06 -2.02 14.06
C GLY B 286 24.92 -0.83 14.44
N ASP B 287 24.60 0.33 13.87
CA ASP B 287 25.36 1.54 14.13
C ASP B 287 24.54 2.70 14.68
N SER B 288 23.25 2.78 14.36
CA SER B 288 22.45 3.89 14.85
C SER B 288 22.21 3.81 16.34
N GLU B 289 21.96 2.61 16.87
CA GLU B 289 21.84 2.46 18.32
C GLU B 289 23.17 2.69 19.01
N LYS B 290 24.28 2.39 18.34
CA LYS B 290 25.58 2.67 18.94
C LYS B 290 25.87 4.16 18.96
N ILE B 291 25.43 4.90 17.95
CA ILE B 291 25.58 6.36 17.97
C ILE B 291 24.71 6.98 19.07
N VAL B 292 23.49 6.45 19.25
CA VAL B 292 22.61 6.96 20.30
C VAL B 292 23.19 6.67 21.69
N ARG B 293 23.76 5.47 21.88
CA ARG B 293 24.36 5.10 23.15
C ARG B 293 25.60 5.94 23.43
N LEU B 294 26.43 6.19 22.42
CA LEU B 294 27.60 7.04 22.62
C LEU B 294 27.22 8.49 22.86
N LEU B 295 26.12 8.95 22.26
CA LEU B 295 25.64 10.31 22.47
C LEU B 295 25.22 10.52 23.92
N PHE B 296 24.42 9.60 24.46
CA PHE B 296 24.02 9.75 25.86
C PHE B 296 25.19 9.49 26.82
N GLU B 297 26.08 8.56 26.48
CA GLU B 297 27.24 8.27 27.32
C GLU B 297 28.26 9.39 27.31
N LEU B 298 28.25 10.23 26.27
CA LEU B 298 29.11 11.40 26.22
C LEU B 298 28.46 12.62 26.83
N ALA B 299 27.14 12.74 26.72
CA ALA B 299 26.45 13.83 27.40
C ALA B 299 26.41 13.64 28.90
N ARG B 300 26.48 12.40 29.39
CA ARG B 300 26.61 12.18 30.82
C ARG B 300 28.04 12.27 31.31
N PHE B 301 28.99 12.64 30.45
CA PHE B 301 30.39 12.80 30.84
C PHE B 301 30.67 14.25 31.24
N TYR B 302 30.44 15.19 30.32
CA TYR B 302 30.36 16.60 30.68
C TYR B 302 29.10 16.79 31.51
N ALA B 303 29.27 17.20 32.78
CA ALA B 303 28.23 16.91 33.78
C ALA B 303 26.97 17.77 33.62
N PRO B 304 27.02 19.10 33.39
CA PRO B 304 25.77 19.76 32.98
C PRO B 304 25.60 19.71 31.47
N SER B 305 24.54 19.07 30.99
CA SER B 305 24.36 18.91 29.55
C SER B 305 22.90 19.11 29.19
N ILE B 306 22.69 19.59 27.96
CA ILE B 306 21.36 19.76 27.39
C ILE B 306 21.38 19.12 26.01
N ILE B 307 20.43 18.22 25.74
CA ILE B 307 20.29 17.57 24.45
C ILE B 307 19.02 18.07 23.80
N PHE B 308 19.11 18.51 22.55
CA PHE B 308 17.98 19.10 21.85
C PHE B 308 17.68 18.27 20.61
N ILE B 309 16.72 17.35 20.72
CA ILE B 309 16.28 16.54 19.59
C ILE B 309 15.26 17.35 18.81
N ASP B 310 15.62 17.80 17.62
CA ASP B 310 14.74 18.59 16.79
C ASP B 310 13.89 17.69 15.92
N GLN B 311 12.57 17.93 15.93
CA GLN B 311 11.58 17.24 15.10
C GLN B 311 11.61 15.72 15.34
N ILE B 312 11.14 15.36 16.54
CA ILE B 312 11.15 13.99 17.04
C ILE B 312 9.94 13.22 16.50
N ASP B 313 9.20 13.84 15.56
CA ASP B 313 8.20 13.11 14.77
C ASP B 313 8.84 11.98 13.99
N THR B 314 9.83 12.30 13.16
CA THR B 314 10.74 11.29 12.64
C THR B 314 11.50 10.67 13.79
N LEU B 315 11.82 9.37 13.67
CA LEU B 315 12.44 8.51 14.69
C LEU B 315 11.69 8.50 16.03
N GLY B 316 10.42 8.86 16.04
CA GLY B 316 9.63 8.82 17.24
C GLY B 316 8.20 8.35 17.00
N GLY B 317 8.01 7.52 15.99
CA GLY B 317 6.70 7.01 15.65
C GLY B 317 6.28 5.88 16.58
N GLN B 318 5.14 5.28 16.24
CA GLN B 318 4.60 4.19 17.06
C GLN B 318 5.42 2.92 16.87
N ARG B 319 5.63 2.18 17.96
CA ARG B 319 6.50 1.01 17.95
C ARG B 319 5.92 -0.18 17.19
N GLY B 320 4.61 -0.22 16.98
CA GLY B 320 4.01 -1.32 16.27
C GLY B 320 3.30 -0.87 15.01
N ASN B 321 3.90 0.08 14.30
CA ASN B 321 3.28 0.63 13.11
C ASN B 321 3.34 -0.37 11.95
N SER B 322 2.70 -0.01 10.84
CA SER B 322 2.57 -0.94 9.73
C SER B 322 3.88 -1.06 8.93
N GLY B 323 4.33 0.04 8.34
CA GLY B 323 5.56 0.02 7.60
C GLY B 323 6.74 0.54 8.38
N GLU B 324 7.52 -0.38 8.95
CA GLU B 324 8.71 -0.02 9.72
C GLU B 324 9.81 -1.03 9.41
N HIS B 325 11.04 -0.63 9.65
CA HIS B 325 12.20 -1.45 9.36
C HIS B 325 12.54 -2.22 10.64
N GLU B 326 13.70 -2.89 10.66
CA GLU B 326 14.19 -3.53 11.87
C GLU B 326 15.23 -2.69 12.59
N ALA B 327 15.55 -1.51 12.08
CA ALA B 327 16.49 -0.61 12.73
C ALA B 327 15.83 0.57 13.41
N SER B 328 14.69 1.05 12.87
CA SER B 328 13.96 2.14 13.52
C SER B 328 13.39 1.70 14.85
N ARG B 329 12.95 0.44 14.94
CA ARG B 329 12.46 -0.07 16.21
C ARG B 329 13.59 -0.23 17.22
N ARG B 330 14.79 -0.56 16.77
CA ARG B 330 15.94 -0.61 17.67
C ARG B 330 16.35 0.78 18.15
N VAL B 331 16.24 1.79 17.29
CA VAL B 331 16.52 3.16 17.70
C VAL B 331 15.52 3.63 18.74
N LYS B 332 14.23 3.35 18.51
CA LYS B 332 13.19 3.70 19.48
C LYS B 332 13.38 2.97 20.80
N SER B 333 13.77 1.70 20.74
CA SER B 333 14.01 0.94 21.97
C SER B 333 15.24 1.45 22.72
N GLU B 334 16.25 1.95 22.01
CA GLU B 334 17.41 2.50 22.70
C GLU B 334 17.08 3.84 23.34
N PHE B 335 16.21 4.63 22.71
CA PHE B 335 15.69 5.84 23.37
C PHE B 335 14.90 5.49 24.62
N LEU B 336 14.07 4.45 24.56
CA LEU B 336 13.28 4.06 25.72
C LEU B 336 14.15 3.52 26.85
N VAL B 337 15.23 2.81 26.52
CA VAL B 337 16.11 2.29 27.57
C VAL B 337 16.93 3.40 28.19
N GLN B 338 17.48 4.30 27.36
CA GLN B 338 18.51 5.21 27.86
C GLN B 338 17.93 6.39 28.64
N MET B 339 16.67 6.76 28.41
CA MET B 339 16.11 7.93 29.07
C MET B 339 15.69 7.68 30.51
N ASP B 340 15.81 6.47 31.01
CA ASP B 340 15.47 6.18 32.41
C ASP B 340 16.57 6.68 33.34
N ARG B 349 25.92 14.64 37.68
CA ARG B 349 25.75 14.11 36.32
C ARG B 349 24.28 14.10 35.93
N ARG B 350 23.82 15.18 35.30
CA ARG B 350 22.43 15.30 34.89
C ARG B 350 22.34 15.77 33.45
N VAL B 351 21.30 15.34 32.76
CA VAL B 351 21.00 15.79 31.41
C VAL B 351 19.60 16.38 31.42
N PHE B 352 19.22 16.98 30.29
CA PHE B 352 17.90 17.58 30.14
C PHE B 352 17.57 17.61 28.65
N VAL B 353 16.47 16.99 28.26
CA VAL B 353 16.17 16.72 26.86
C VAL B 353 14.96 17.56 26.44
N LEU B 354 15.17 18.45 25.48
CA LEU B 354 14.04 19.14 24.86
C LEU B 354 13.56 18.34 23.65
N ALA B 355 12.54 18.86 22.98
CA ALA B 355 12.00 18.30 21.75
C ALA B 355 11.18 19.39 21.07
N ALA B 356 10.76 19.10 19.84
CA ALA B 356 9.87 19.98 19.11
C ALA B 356 9.07 19.15 18.13
N THR B 357 7.79 19.46 17.99
CA THR B 357 6.91 18.68 17.13
C THR B 357 5.91 19.61 16.48
N ASN B 358 5.56 19.31 15.23
CA ASN B 358 4.39 19.90 14.61
C ASN B 358 3.17 19.00 14.68
N ILE B 359 3.38 17.69 14.76
CA ILE B 359 2.29 16.71 14.79
C ILE B 359 2.49 15.79 15.99
N PRO B 360 2.08 16.20 17.19
CA PRO B 360 2.43 15.44 18.40
C PRO B 360 1.66 14.15 18.57
N TRP B 361 0.53 13.94 17.88
CA TRP B 361 -0.27 12.75 18.09
C TRP B 361 0.38 11.51 17.48
N GLU B 362 1.36 11.66 16.60
CA GLU B 362 2.07 10.53 16.03
C GLU B 362 3.20 10.02 16.92
N LEU B 363 3.36 10.57 18.12
CA LEU B 363 4.36 10.07 19.05
C LEU B 363 3.95 8.71 19.61
N ASP B 364 4.87 8.11 20.35
CA ASP B 364 4.70 6.76 20.88
C ASP B 364 3.83 6.81 22.13
N GLU B 365 3.77 5.72 22.88
CA GLU B 365 3.15 5.70 24.19
C GLU B 365 4.18 5.75 25.31
N ALA B 366 5.21 4.90 25.23
CA ALA B 366 6.28 4.95 26.21
C ALA B 366 7.13 6.20 26.03
N LEU B 367 7.45 6.55 24.78
CA LEU B 367 8.24 7.75 24.54
C LEU B 367 7.45 9.01 24.85
N ARG B 368 6.12 8.98 24.75
CA ARG B 368 5.34 10.10 25.27
C ARG B 368 5.32 10.10 26.78
N ARG B 369 5.42 8.91 27.40
CA ARG B 369 5.45 8.84 28.85
C ARG B 369 6.74 9.39 29.45
N ARG B 370 7.90 9.17 28.81
CA ARG B 370 9.15 9.63 29.42
C ARG B 370 9.31 11.15 29.39
N PHE B 371 8.53 11.86 28.60
CA PHE B 371 8.57 13.32 28.55
C PHE B 371 7.65 13.85 29.65
N GLU B 372 8.25 14.26 30.77
CA GLU B 372 7.50 14.65 31.96
C GLU B 372 6.80 15.99 31.84
N LYS B 373 7.04 16.75 30.78
CA LYS B 373 6.40 18.05 30.60
C LYS B 373 6.00 18.18 29.13
N ARG B 374 4.70 18.21 28.87
CA ARG B 374 4.18 18.40 27.53
C ARG B 374 3.42 19.72 27.50
N ILE B 375 3.92 20.68 26.72
CA ILE B 375 3.49 22.07 26.80
C ILE B 375 2.98 22.50 25.44
N PHE B 376 1.79 23.09 25.40
CA PHE B 376 1.26 23.68 24.18
C PHE B 376 1.83 25.08 23.98
N ILE B 377 2.08 25.41 22.70
CA ILE B 377 2.56 26.73 22.32
C ILE B 377 1.45 27.40 21.51
N PRO B 378 0.89 28.52 21.98
CA PRO B 378 -0.22 29.15 21.26
C PRO B 378 0.25 30.22 20.28
N LEU B 379 -0.65 30.52 19.34
CA LEU B 379 -0.46 31.67 18.47
C LEU B 379 -0.55 32.95 19.30
N PRO B 380 0.14 34.02 18.89
CA PRO B 380 0.13 35.25 19.69
C PRO B 380 -1.22 35.96 19.64
N ASP B 381 -1.61 36.52 20.78
CA ASP B 381 -2.89 37.19 20.93
C ASP B 381 -2.77 38.63 20.41
N ILE B 382 -3.78 39.46 20.72
CA ILE B 382 -3.79 40.82 20.23
C ILE B 382 -2.84 41.73 21.01
N ASP B 383 -2.35 41.28 22.16
CA ASP B 383 -1.40 42.08 22.93
C ASP B 383 0.04 41.77 22.52
N ALA B 384 0.34 40.51 22.22
CA ALA B 384 1.72 40.13 21.93
C ALA B 384 2.18 40.61 20.56
N ARG B 385 1.25 40.81 19.62
CA ARG B 385 1.65 41.23 18.28
C ARG B 385 2.13 42.67 18.25
N LYS B 386 1.53 43.53 19.08
CA LYS B 386 2.00 44.91 19.20
C LYS B 386 3.41 44.96 19.77
N LYS B 387 3.66 44.16 20.81
CA LYS B 387 5.00 44.03 21.37
C LYS B 387 5.98 43.46 20.35
N LEU B 388 5.53 42.55 19.50
CA LEU B 388 6.42 41.89 18.56
C LEU B 388 6.81 42.82 17.42
N ILE B 389 5.88 43.62 16.91
CA ILE B 389 6.26 44.58 15.87
C ILE B 389 7.08 45.72 16.47
N GLU B 390 6.78 46.16 17.69
CA GLU B 390 7.57 47.24 18.28
C GLU B 390 8.93 46.77 18.76
N LYS B 391 9.13 45.46 18.90
CA LYS B 391 10.47 44.93 19.14
C LYS B 391 11.23 44.74 17.84
N SER B 392 10.55 44.24 16.80
CA SER B 392 11.22 43.94 15.54
C SER B 392 11.65 45.21 14.81
N MET B 393 10.85 46.27 14.88
CA MET B 393 11.23 47.53 14.24
C MET B 393 11.92 48.44 15.27
N GLU B 394 13.23 48.26 15.37
CA GLU B 394 14.06 49.10 16.24
C GLU B 394 15.17 49.83 15.51
N GLY B 395 15.51 49.43 14.28
CA GLY B 395 16.60 50.07 13.58
C GLY B 395 16.16 51.05 12.52
N THR B 396 15.15 50.67 11.74
CA THR B 396 14.70 51.51 10.64
C THR B 396 13.77 52.61 11.17
N PRO B 397 13.89 53.84 10.65
CA PRO B 397 13.16 54.98 11.23
C PRO B 397 11.69 54.97 10.86
N LYS B 398 10.84 54.75 11.85
CA LYS B 398 9.40 54.97 11.69
C LYS B 398 9.06 56.40 12.09
N SER B 399 8.10 56.99 11.37
CA SER B 399 7.80 58.40 11.57
C SER B 399 6.40 58.65 12.13
N ASP B 400 5.35 58.18 11.45
CA ASP B 400 4.00 58.55 11.82
C ASP B 400 3.05 57.36 11.98
N GLU B 401 3.49 56.15 11.67
CA GLU B 401 2.67 54.95 11.85
C GLU B 401 2.76 54.49 13.30
N ILE B 402 2.22 55.31 14.20
CA ILE B 402 2.17 55.00 15.62
C ILE B 402 0.85 54.33 15.99
N ASN B 403 0.06 53.91 15.01
CA ASN B 403 -1.17 53.16 15.27
C ASN B 403 -0.86 51.67 15.33
N TYR B 404 -0.05 51.31 16.33
CA TYR B 404 0.34 49.91 16.50
C TYR B 404 -0.82 49.07 17.00
N ASP B 405 -1.77 49.68 17.72
CA ASP B 405 -2.99 48.98 18.09
C ASP B 405 -3.84 48.65 16.87
N ASP B 406 -3.91 49.57 15.92
CA ASP B 406 -4.61 49.30 14.66
C ASP B 406 -3.88 48.26 13.82
N LEU B 407 -2.55 48.33 13.80
CA LEU B 407 -1.75 47.40 13.01
C LEU B 407 -1.73 45.99 13.62
N ALA B 408 -1.97 45.87 14.93
CA ALA B 408 -2.12 44.57 15.56
C ALA B 408 -3.57 44.11 15.62
N ALA B 409 -4.53 45.01 15.36
CA ALA B 409 -5.92 44.62 15.27
C ALA B 409 -6.36 44.28 13.86
N ARG B 410 -5.58 44.67 12.85
CA ARG B 410 -5.94 44.32 11.48
C ARG B 410 -5.46 42.94 11.08
N THR B 411 -4.38 42.44 11.69
CA THR B 411 -3.91 41.08 11.44
C THR B 411 -4.68 40.14 12.36
N GLU B 412 -5.53 39.31 11.78
CA GLU B 412 -6.41 38.46 12.58
C GLU B 412 -5.69 37.19 13.05
N GLY B 413 -5.27 36.34 12.11
CA GLY B 413 -4.72 35.06 12.48
C GLY B 413 -3.29 34.84 12.06
N PHE B 414 -2.45 35.85 12.21
CA PHE B 414 -1.04 35.72 11.84
C PHE B 414 -0.33 34.86 12.85
N SER B 415 0.59 34.02 12.38
CA SER B 415 1.16 32.94 13.18
C SER B 415 2.52 33.30 13.76
N GLY B 416 2.73 34.54 14.15
CA GLY B 416 3.99 34.91 14.82
C GLY B 416 5.19 35.11 13.94
N ALA B 417 5.53 34.13 13.11
CA ALA B 417 6.64 34.24 12.18
C ALA B 417 6.25 34.84 10.84
N ASP B 418 5.01 35.32 10.72
CA ASP B 418 4.56 36.02 9.53
C ASP B 418 4.55 37.53 9.70
N VAL B 419 4.46 38.02 10.93
CA VAL B 419 4.42 39.47 11.12
C VAL B 419 5.84 40.05 11.01
N VAL B 420 6.85 39.20 11.24
CA VAL B 420 8.22 39.59 10.92
C VAL B 420 8.39 39.75 9.41
N SER B 421 7.75 38.87 8.64
CA SER B 421 7.72 39.03 7.19
C SER B 421 6.92 40.25 6.78
N LEU B 422 5.92 40.63 7.57
CA LEU B 422 5.17 41.86 7.30
C LEU B 422 6.07 43.09 7.44
N CYS B 423 6.84 43.18 8.53
CA CYS B 423 7.75 44.31 8.70
C CYS B 423 8.86 44.31 7.65
N ARG B 424 9.35 43.12 7.27
CA ARG B 424 10.37 43.04 6.24
C ARG B 424 9.83 43.46 4.89
N THR B 425 8.58 43.10 4.57
CA THR B 425 7.93 43.55 3.36
C THR B 425 7.70 45.05 3.38
N ALA B 426 7.47 45.64 4.56
CA ALA B 426 7.36 47.09 4.66
C ALA B 426 8.69 47.79 4.35
N ALA B 427 9.81 47.25 4.83
CA ALA B 427 11.11 47.86 4.53
C ALA B 427 11.48 47.71 3.04
N ILE B 428 11.23 46.53 2.47
CA ILE B 428 11.50 46.38 1.04
C ILE B 428 10.52 47.19 0.20
N ASN B 429 9.33 47.49 0.73
CA ASN B 429 8.42 48.38 0.01
C ASN B 429 8.87 49.82 0.10
N VAL B 430 9.59 50.20 1.16
CA VAL B 430 10.29 51.48 1.18
C VAL B 430 11.33 51.52 0.08
N LEU B 431 12.02 50.40 -0.17
CA LEU B 431 12.94 50.35 -1.31
C LEU B 431 12.20 50.45 -2.66
N ARG B 432 11.08 49.74 -2.80
CA ARG B 432 10.43 49.52 -4.09
C ARG B 432 9.78 50.77 -4.68
N ARG B 433 9.55 51.82 -3.89
CA ARG B 433 8.85 52.99 -4.43
C ARG B 433 9.74 53.82 -5.32
N TYR B 434 11.05 53.79 -5.11
CA TYR B 434 12.01 54.47 -5.97
C TYR B 434 12.49 53.46 -7.01
N ASP B 435 12.16 53.72 -8.28
CA ASP B 435 12.47 52.79 -9.36
C ASP B 435 13.98 52.77 -9.60
N THR B 436 14.63 51.70 -9.14
CA THR B 436 16.08 51.55 -9.23
C THR B 436 16.50 50.55 -10.28
N LYS B 437 15.57 50.07 -11.12
CA LYS B 437 15.91 49.10 -12.14
C LYS B 437 16.68 49.72 -13.30
N SER B 438 16.56 51.03 -13.50
CA SER B 438 17.16 51.70 -14.65
C SER B 438 18.51 52.32 -14.34
N LEU B 439 18.78 52.70 -13.09
CA LEU B 439 20.03 53.35 -12.75
C LEU B 439 21.17 52.34 -12.77
N ARG B 440 22.09 52.50 -13.72
CA ARG B 440 23.11 51.50 -14.02
C ARG B 440 24.49 52.13 -13.87
N GLY B 441 25.20 51.73 -12.80
CA GLY B 441 26.58 52.16 -12.59
C GLY B 441 26.82 53.56 -12.06
N GLY B 442 26.20 54.56 -12.66
CA GLY B 442 26.43 55.95 -12.27
C GLY B 442 25.86 56.30 -10.92
N GLU B 443 26.75 56.50 -9.94
CA GLU B 443 26.43 56.93 -8.57
C GLU B 443 25.46 55.97 -7.88
N LEU B 444 25.78 54.68 -7.90
CA LEU B 444 25.00 53.69 -7.16
C LEU B 444 25.43 53.55 -5.72
N THR B 445 26.22 54.48 -5.19
CA THR B 445 26.61 54.48 -3.80
C THR B 445 25.89 55.55 -2.99
N ALA B 446 25.69 56.74 -3.57
CA ALA B 446 24.96 57.81 -2.91
C ALA B 446 23.47 57.79 -3.19
N ALA B 447 23.05 57.20 -4.32
CA ALA B 447 21.62 57.05 -4.57
C ALA B 447 20.99 56.04 -3.64
N MET B 448 21.75 55.03 -3.22
CA MET B 448 21.26 54.13 -2.18
C MET B 448 21.54 54.66 -0.78
N GLU B 449 22.44 55.64 -0.65
CA GLU B 449 22.53 56.39 0.59
C GLU B 449 21.33 57.32 0.76
N SER B 450 20.72 57.75 -0.34
CA SER B 450 19.44 58.45 -0.29
C SER B 450 18.28 57.52 0.04
N LEU B 451 18.46 56.22 -0.10
CA LEU B 451 17.51 55.23 0.41
C LEU B 451 17.88 54.74 1.80
N LYS B 452 18.96 55.25 2.38
CA LYS B 452 19.33 54.95 3.75
C LYS B 452 18.88 56.03 4.72
N ALA B 453 18.41 57.16 4.22
CA ALA B 453 17.85 58.23 5.04
C ALA B 453 16.34 58.32 4.93
N GLU B 454 15.71 57.48 4.13
CA GLU B 454 14.27 57.54 3.94
C GLU B 454 13.56 56.78 5.05
N LEU B 455 12.45 57.37 5.51
CA LEU B 455 11.68 56.84 6.63
C LEU B 455 10.51 55.99 6.16
N VAL B 456 10.17 54.99 6.97
CA VAL B 456 9.06 54.09 6.67
C VAL B 456 7.77 54.82 7.02
N ARG B 457 7.11 55.38 6.02
CA ARG B 457 5.88 56.15 6.25
C ARG B 457 4.70 55.20 6.45
N ASN B 458 3.50 55.76 6.57
CA ASN B 458 2.31 54.95 6.74
C ASN B 458 1.80 54.36 5.43
N ILE B 459 2.29 54.86 4.29
CA ILE B 459 1.84 54.35 3.00
C ILE B 459 2.37 52.93 2.76
N ASP B 460 3.45 52.56 3.44
CA ASP B 460 4.09 51.27 3.16
C ASP B 460 3.35 50.12 3.82
N PHE B 461 2.77 50.32 5.01
CA PHE B 461 2.13 49.20 5.70
C PHE B 461 0.81 48.79 5.07
N GLU B 462 0.13 49.69 4.36
CA GLU B 462 -1.05 49.29 3.59
C GLU B 462 -0.65 48.41 2.42
N ALA B 463 0.39 48.81 1.69
CA ALA B 463 0.88 48.01 0.57
C ALA B 463 1.66 46.78 1.01
N ALA B 464 1.95 46.64 2.30
CA ALA B 464 2.49 45.40 2.83
C ALA B 464 1.42 44.50 3.42
N LEU B 465 0.30 45.06 3.87
CA LEU B 465 -0.82 44.26 4.35
C LEU B 465 -1.68 43.73 3.20
N GLN B 466 -1.69 44.41 2.06
CA GLN B 466 -2.45 43.95 0.91
C GLN B 466 -1.64 43.03 -0.01
N ALA B 467 -0.53 42.49 0.47
CA ALA B 467 0.27 41.57 -0.33
C ALA B 467 0.84 40.40 0.46
N VAL B 468 0.47 40.23 1.73
CA VAL B 468 0.99 39.17 2.57
C VAL B 468 -0.19 38.47 3.24
N SER B 469 -0.23 37.14 3.14
CA SER B 469 -1.29 36.33 3.71
C SER B 469 -0.69 35.28 4.64
N PRO B 470 -1.43 34.83 5.65
CA PRO B 470 -0.91 33.76 6.51
C PRO B 470 -0.88 32.44 5.78
N SER B 471 0.06 31.58 6.18
CA SER B 471 0.38 30.39 5.41
C SER B 471 -0.59 29.24 5.65
N ALA B 472 -1.43 29.29 6.68
CA ALA B 472 -2.22 28.12 7.05
C ALA B 472 -3.63 28.51 7.46
N GLY B 473 -4.47 27.48 7.57
CA GLY B 473 -5.72 27.58 8.29
C GLY B 473 -5.59 26.80 9.58
N PRO B 474 -6.38 27.16 10.59
CA PRO B 474 -6.10 26.64 11.94
C PRO B 474 -6.67 25.25 12.24
N ASP B 475 -6.59 24.32 11.28
CA ASP B 475 -7.03 22.97 11.56
C ASP B 475 -6.00 22.22 12.39
N THR B 476 -4.72 22.34 12.02
CA THR B 476 -3.66 21.74 12.81
C THR B 476 -3.49 22.45 14.15
N MET B 477 -3.83 23.75 14.21
CA MET B 477 -3.80 24.46 15.49
C MET B 477 -4.89 23.95 16.43
N LEU B 478 -6.11 23.77 15.92
CA LEU B 478 -7.19 23.25 16.74
C LEU B 478 -6.94 21.82 17.17
N LYS B 479 -6.33 21.01 16.30
CA LYS B 479 -6.06 19.62 16.67
C LYS B 479 -4.91 19.52 17.68
N CYS B 480 -3.92 20.42 17.56
CA CYS B 480 -2.84 20.46 18.55
C CYS B 480 -3.37 20.93 19.91
N LYS B 481 -4.29 21.90 19.91
CA LYS B 481 -4.89 22.36 21.16
C LYS B 481 -5.73 21.27 21.79
N GLU B 482 -6.44 20.49 20.98
CA GLU B 482 -7.24 19.38 21.50
C GLU B 482 -6.36 18.29 22.10
N TRP B 483 -5.25 17.96 21.43
CA TRP B 483 -4.36 16.93 21.97
C TRP B 483 -3.66 17.40 23.24
N CYS B 484 -3.26 18.67 23.29
CA CYS B 484 -2.62 19.16 24.50
C CYS B 484 -3.59 19.44 25.63
N ASP B 485 -4.90 19.54 25.34
CA ASP B 485 -5.88 19.59 26.42
C ASP B 485 -6.27 18.21 26.90
N SER B 486 -6.17 17.18 26.05
CA SER B 486 -6.51 15.84 26.47
C SER B 486 -5.33 15.03 26.98
N PHE B 487 -4.09 15.47 26.74
CA PHE B 487 -2.92 14.72 27.19
C PHE B 487 -1.81 15.56 27.78
N GLY B 488 -1.96 16.89 27.83
CA GLY B 488 -0.85 17.74 28.23
C GLY B 488 -0.65 17.89 29.72
N ALA B 489 0.57 17.63 30.19
CA ALA B 489 0.92 17.81 31.60
C ALA B 489 1.73 19.10 31.72
N MET B 490 1.01 20.22 31.82
CA MET B 490 1.65 21.53 31.95
C MET B 490 2.25 21.71 33.34
N LEU C 174 36.02 17.22 -6.94
CA LEU C 174 35.55 18.51 -6.46
C LEU C 174 36.56 19.60 -6.77
N PRO C 175 36.12 20.65 -7.46
CA PRO C 175 37.01 21.77 -7.75
C PRO C 175 37.33 22.58 -6.51
N GLN C 176 38.25 23.54 -6.69
CA GLN C 176 38.55 24.52 -5.67
C GLN C 176 37.77 25.79 -5.97
N ASN C 177 37.19 26.38 -4.92
CA ASN C 177 36.31 27.54 -5.06
C ASN C 177 37.14 28.81 -5.23
N SER C 178 36.48 29.96 -5.09
CA SER C 178 37.18 31.22 -5.04
C SER C 178 38.01 31.31 -3.76
N ALA C 179 39.04 32.17 -3.80
CA ALA C 179 40.06 32.35 -2.77
C ALA C 179 40.84 31.07 -2.46
N GLY C 180 40.88 30.13 -3.41
CA GLY C 180 41.79 29.00 -3.36
C GLY C 180 41.59 28.01 -2.23
N ASP C 181 40.41 27.96 -1.63
CA ASP C 181 40.18 27.04 -0.53
C ASP C 181 39.95 25.62 -1.06
N SER C 182 39.80 24.67 -0.13
CA SER C 182 39.61 23.27 -0.50
C SER C 182 38.64 22.62 0.47
N PHE C 183 37.79 21.74 -0.05
CA PHE C 183 36.77 21.05 0.72
C PHE C 183 37.26 19.68 1.14
N ASP C 184 37.06 19.35 2.42
CA ASP C 184 37.53 18.07 2.98
C ASP C 184 36.33 17.13 3.11
N ALA C 185 36.01 16.47 2.00
CA ALA C 185 34.89 15.53 1.93
C ALA C 185 35.45 14.13 2.11
N SER C 186 35.51 13.68 3.35
CA SER C 186 36.07 12.37 3.68
C SER C 186 35.04 11.40 4.23
N ALA C 187 34.11 11.87 5.06
CA ALA C 187 33.13 10.99 5.67
C ALA C 187 32.04 10.54 4.71
N TYR C 188 31.91 11.19 3.55
CA TYR C 188 30.91 10.81 2.56
C TYR C 188 31.51 9.81 1.58
N ASP C 189 30.67 8.90 1.11
CA ASP C 189 31.11 7.86 0.20
C ASP C 189 31.37 8.44 -1.20
N ALA C 190 31.95 7.61 -2.05
CA ALA C 190 32.45 8.08 -3.34
C ALA C 190 31.37 8.25 -4.40
N TYR C 191 30.12 7.87 -4.12
CA TYR C 191 29.04 8.04 -5.08
C TYR C 191 28.06 9.14 -4.71
N ILE C 192 27.96 9.48 -3.42
CA ILE C 192 27.19 10.66 -3.03
C ILE C 192 27.83 11.92 -3.60
N VAL C 193 29.16 12.01 -3.51
CA VAL C 193 29.87 13.17 -4.04
C VAL C 193 29.77 13.21 -5.56
N GLN C 194 29.75 12.04 -6.21
CA GLN C 194 29.55 11.99 -7.66
C GLN C 194 28.15 12.45 -8.05
N ALA C 195 27.14 12.13 -7.24
CA ALA C 195 25.79 12.57 -7.53
C ALA C 195 25.63 14.08 -7.37
N VAL C 196 26.19 14.64 -6.28
CA VAL C 196 26.09 16.08 -6.07
C VAL C 196 26.94 16.84 -7.08
N ARG C 197 28.06 16.25 -7.53
CA ARG C 197 28.83 16.86 -8.61
C ARG C 197 28.09 16.79 -9.94
N GLY C 198 27.29 15.73 -10.14
CA GLY C 198 26.45 15.67 -11.32
C GLY C 198 25.29 16.64 -11.29
N THR C 199 24.87 17.09 -10.09
CA THR C 199 23.84 18.12 -10.04
C THR C 199 24.34 19.48 -10.48
N MET C 200 25.64 19.74 -10.32
CA MET C 200 26.19 21.07 -10.59
C MET C 200 26.27 21.38 -12.08
N GLU C 205 27.86 30.78 -19.38
CA GLU C 205 26.76 30.49 -20.30
C GLU C 205 26.47 31.66 -21.21
N ASN C 206 25.74 32.65 -20.67
CA ASN C 206 25.34 33.88 -21.35
C ASN C 206 24.57 33.62 -22.65
N THR C 207 23.80 32.54 -22.69
CA THR C 207 22.97 32.25 -23.85
C THR C 207 21.72 33.12 -23.85
N MET C 208 20.96 33.09 -22.75
CA MET C 208 19.73 33.85 -22.63
C MET C 208 19.99 35.14 -21.87
N SER C 209 18.91 35.88 -21.62
CA SER C 209 18.93 37.07 -20.80
C SER C 209 17.51 37.30 -20.29
N LEU C 210 17.38 38.15 -19.27
CA LEU C 210 16.08 38.35 -18.64
C LEU C 210 15.13 39.19 -19.47
N ASP C 211 15.57 39.77 -20.59
CA ASP C 211 14.69 40.53 -21.45
C ASP C 211 13.95 39.65 -22.47
N ASP C 212 14.34 38.38 -22.60
CA ASP C 212 13.64 37.48 -23.51
C ASP C 212 12.28 37.09 -22.97
N ILE C 213 12.17 36.90 -21.66
CA ILE C 213 10.92 36.51 -21.03
C ILE C 213 10.02 37.73 -20.92
N ILE C 214 8.79 37.61 -21.38
CA ILE C 214 7.83 38.71 -21.34
C ILE C 214 6.79 38.43 -20.27
N GLY C 215 6.22 39.50 -19.72
CA GLY C 215 5.40 39.39 -18.54
C GLY C 215 6.25 39.13 -17.31
N MET C 216 5.57 38.67 -16.24
CA MET C 216 6.18 38.24 -14.97
C MET C 216 7.02 39.36 -14.35
N HIS C 217 6.32 40.44 -13.98
CA HIS C 217 7.00 41.59 -13.40
C HIS C 217 7.42 41.33 -11.96
N ASP C 218 6.56 40.65 -11.19
CA ASP C 218 6.82 40.42 -9.77
C ASP C 218 8.01 39.49 -9.57
N VAL C 219 8.12 38.46 -10.41
CA VAL C 219 9.23 37.52 -10.31
C VAL C 219 10.56 38.19 -10.67
N LYS C 220 10.54 39.07 -11.68
CA LYS C 220 11.74 39.81 -12.05
C LYS C 220 12.14 40.79 -10.96
N GLN C 221 11.16 41.39 -10.28
CA GLN C 221 11.46 42.31 -9.18
C GLN C 221 12.06 41.59 -7.98
N VAL C 222 11.52 40.42 -7.63
CA VAL C 222 12.06 39.68 -6.49
C VAL C 222 13.44 39.14 -6.80
N LEU C 223 13.67 38.67 -8.03
CA LEU C 223 15.02 38.25 -8.42
C LEU C 223 16.00 39.42 -8.44
N HIS C 224 15.52 40.62 -8.82
CA HIS C 224 16.38 41.80 -8.87
C HIS C 224 16.79 42.26 -7.47
N GLU C 225 15.89 42.19 -6.50
CA GLU C 225 16.27 42.60 -5.15
C GLU C 225 16.57 41.42 -4.23
N ALA C 226 16.80 40.23 -4.79
CA ALA C 226 17.31 39.12 -3.99
C ALA C 226 18.57 38.46 -4.53
N VAL C 227 18.97 38.73 -5.78
CA VAL C 227 20.18 38.13 -6.37
C VAL C 227 21.14 39.21 -6.85
N THR C 228 20.63 40.20 -7.59
CA THR C 228 21.51 41.18 -8.23
C THR C 228 21.96 42.26 -7.26
N LEU C 229 21.02 42.92 -6.58
CA LEU C 229 21.34 44.05 -5.70
C LEU C 229 22.20 43.76 -4.47
N PRO C 230 22.22 42.53 -3.87
CA PRO C 230 23.26 42.27 -2.86
C PRO C 230 24.67 42.03 -3.41
N LEU C 231 24.89 42.24 -4.70
CA LEU C 231 26.23 42.20 -5.27
C LEU C 231 26.83 43.57 -5.51
N LEU C 232 26.00 44.57 -5.79
CA LEU C 232 26.47 45.94 -6.02
C LEU C 232 26.60 46.71 -4.72
N VAL C 233 25.54 46.73 -3.91
CA VAL C 233 25.51 47.49 -2.66
C VAL C 233 25.33 46.53 -1.49
N PRO C 234 26.37 45.87 -1.00
CA PRO C 234 26.21 44.92 0.10
C PRO C 234 26.28 45.55 1.48
N GLU C 235 26.46 46.87 1.57
CA GLU C 235 26.47 47.56 2.86
C GLU C 235 25.11 48.16 3.19
N PHE C 236 24.07 47.80 2.45
CA PHE C 236 22.72 48.28 2.67
C PHE C 236 21.77 47.20 3.14
N PHE C 237 21.94 45.96 2.66
CA PHE C 237 21.08 44.85 3.06
C PHE C 237 21.63 44.21 4.33
N GLN C 238 21.34 44.85 5.45
CA GLN C 238 21.77 44.35 6.76
C GLN C 238 20.67 44.58 7.78
N GLY C 239 20.56 43.66 8.75
CA GLY C 239 19.60 43.79 9.81
C GLY C 239 18.19 43.38 9.42
N LEU C 240 17.25 44.33 9.46
CA LEU C 240 15.88 44.05 9.04
C LEU C 240 15.79 43.88 7.54
N ARG C 241 16.65 44.54 6.78
CA ARG C 241 16.62 44.47 5.33
C ARG C 241 17.54 43.40 4.77
N SER C 242 17.71 42.29 5.50
CA SER C 242 18.45 41.15 4.98
C SER C 242 17.71 40.57 3.78
N PRO C 243 18.42 40.10 2.76
CA PRO C 243 17.75 39.65 1.52
C PRO C 243 16.98 38.36 1.73
N TRP C 244 16.12 38.07 0.76
CA TRP C 244 15.23 36.92 0.83
C TRP C 244 16.01 35.61 0.76
N LYS C 245 15.35 34.52 1.14
CA LYS C 245 16.02 33.24 1.23
C LYS C 245 15.30 32.10 0.55
N ALA C 246 14.14 32.34 -0.06
CA ALA C 246 13.37 31.28 -0.71
C ALA C 246 12.33 31.92 -1.62
N MET C 247 11.77 31.09 -2.51
CA MET C 247 10.69 31.46 -3.42
C MET C 247 10.12 30.18 -4.02
N VAL C 248 8.83 30.18 -4.31
CA VAL C 248 8.19 29.08 -5.02
C VAL C 248 7.16 29.65 -5.99
N LEU C 249 7.29 29.29 -7.26
CA LEU C 249 6.34 29.70 -8.28
C LEU C 249 5.25 28.64 -8.42
N ALA C 250 4.08 29.07 -8.87
CA ALA C 250 2.96 28.15 -9.02
C ALA C 250 2.03 28.69 -10.10
N GLY C 251 1.45 27.78 -10.88
CA GLY C 251 0.52 28.17 -11.90
C GLY C 251 0.13 27.06 -12.85
N PRO C 252 -0.41 27.43 -14.01
CA PRO C 252 -0.75 26.45 -15.04
C PRO C 252 0.51 25.80 -15.60
N PRO C 253 0.41 24.60 -16.17
CA PRO C 253 1.62 23.84 -16.51
C PRO C 253 2.28 24.19 -17.83
N GLY C 254 1.97 25.33 -18.44
CA GLY C 254 2.65 25.70 -19.67
C GLY C 254 2.98 27.17 -19.82
N THR C 255 3.21 27.87 -18.70
CA THR C 255 3.27 29.31 -18.71
C THR C 255 4.66 29.89 -18.49
N GLY C 256 5.65 29.06 -18.15
CA GLY C 256 7.03 29.48 -18.07
C GLY C 256 7.52 29.74 -16.67
N LYS C 257 8.11 28.72 -16.06
CA LYS C 257 8.74 28.86 -14.77
C LYS C 257 10.01 28.03 -14.64
N THR C 258 10.42 27.34 -15.71
CA THR C 258 11.76 26.81 -15.86
C THR C 258 12.63 27.74 -16.69
N LEU C 259 11.99 28.46 -17.61
CA LEU C 259 12.69 29.46 -18.41
C LEU C 259 13.22 30.59 -17.55
N ILE C 260 12.52 30.95 -16.47
CA ILE C 260 13.02 31.98 -15.57
C ILE C 260 14.22 31.46 -14.78
N ALA C 261 14.27 30.15 -14.52
CA ALA C 261 15.41 29.59 -13.81
C ALA C 261 16.62 29.52 -14.71
N ARG C 262 16.43 29.19 -15.99
CA ARG C 262 17.56 29.21 -16.92
C ARG C 262 18.02 30.65 -17.20
N ALA C 263 17.10 31.61 -17.20
CA ALA C 263 17.50 33.00 -17.39
C ALA C 263 18.32 33.53 -16.22
N ILE C 264 17.92 33.21 -14.99
CA ILE C 264 18.72 33.65 -13.85
C ILE C 264 19.98 32.81 -13.69
N ALA C 265 20.04 31.63 -14.31
CA ALA C 265 21.31 30.91 -14.35
C ALA C 265 22.27 31.53 -15.36
N SER C 266 21.73 32.08 -16.46
CA SER C 266 22.58 32.64 -17.50
C SER C 266 23.02 34.07 -17.21
N GLU C 267 22.23 34.86 -16.49
CA GLU C 267 22.57 36.26 -16.24
C GLU C 267 23.08 36.49 -14.82
N SER C 268 23.85 35.56 -14.27
CA SER C 268 24.40 35.72 -12.93
C SER C 268 25.78 35.09 -12.86
N SER C 269 26.50 35.40 -11.78
CA SER C 269 27.83 34.89 -11.54
C SER C 269 27.85 33.94 -10.34
N SER C 270 26.82 33.12 -10.23
CA SER C 270 26.62 32.23 -9.09
C SER C 270 26.63 30.78 -9.56
N THR C 271 27.19 29.91 -8.72
CA THR C 271 27.29 28.49 -9.06
C THR C 271 25.92 27.86 -9.01
N PHE C 272 25.26 27.81 -10.17
CA PHE C 272 23.87 27.42 -10.26
C PHE C 272 23.74 25.91 -10.13
N PHE C 273 23.04 25.46 -9.11
CA PHE C 273 22.69 24.05 -8.95
C PHE C 273 21.36 23.77 -9.65
N THR C 274 21.14 22.49 -9.94
CA THR C 274 19.82 22.05 -10.35
C THR C 274 19.58 20.66 -9.79
N VAL C 275 18.42 20.46 -9.18
CA VAL C 275 18.12 19.24 -8.44
C VAL C 275 16.71 18.82 -8.81
N SER C 276 16.55 17.62 -9.32
CA SER C 276 15.25 17.03 -9.56
C SER C 276 14.97 16.01 -8.46
N SER C 277 13.88 15.27 -8.60
CA SER C 277 13.49 14.28 -7.60
C SER C 277 14.04 12.89 -7.89
N THR C 278 14.99 12.77 -8.81
CA THR C 278 15.53 11.46 -9.18
C THR C 278 16.93 11.21 -8.67
N ASP C 279 17.71 12.25 -8.39
CA ASP C 279 19.08 12.12 -7.89
C ASP C 279 19.13 12.32 -6.39
N LEU C 280 17.99 12.12 -5.73
CA LEU C 280 17.91 12.03 -4.28
C LEU C 280 17.50 10.64 -3.84
N SER C 281 17.63 9.64 -4.71
CA SER C 281 17.10 8.31 -4.48
C SER C 281 18.22 7.29 -4.45
N SER C 282 18.16 6.38 -3.48
CA SER C 282 19.05 5.23 -3.42
C SER C 282 18.37 4.16 -2.58
N LYS C 283 18.64 2.90 -2.93
CA LYS C 283 18.00 1.78 -2.26
C LYS C 283 18.72 1.37 -0.98
N TRP C 284 19.70 2.14 -0.52
CA TRP C 284 20.37 1.89 0.75
C TRP C 284 19.77 2.79 1.82
N ARG C 285 19.77 2.31 3.05
CA ARG C 285 19.19 3.06 4.15
C ARG C 285 20.14 4.18 4.56
N GLY C 286 19.67 5.42 4.47
CA GLY C 286 20.48 6.55 4.86
C GLY C 286 21.41 7.03 3.78
N ASP C 287 20.92 7.12 2.55
CA ASP C 287 21.60 7.83 1.49
C ASP C 287 20.75 8.89 0.84
N SER C 288 19.45 8.92 1.09
CA SER C 288 18.60 9.96 0.54
C SER C 288 18.64 11.24 1.35
N GLU C 289 18.99 11.16 2.63
CA GLU C 289 19.06 12.35 3.47
C GLU C 289 20.48 12.86 3.67
N LYS C 290 21.49 12.16 3.13
CA LYS C 290 22.85 12.68 3.15
C LYS C 290 23.23 13.41 1.87
N ILE C 291 22.55 13.11 0.76
CA ILE C 291 22.73 13.87 -0.46
C ILE C 291 22.27 15.31 -0.27
N VAL C 292 21.17 15.50 0.48
CA VAL C 292 20.65 16.84 0.72
C VAL C 292 21.57 17.63 1.64
N ARG C 293 22.13 16.97 2.65
CA ARG C 293 23.07 17.64 3.56
C ARG C 293 24.35 18.04 2.83
N LEU C 294 24.88 17.14 1.99
CA LEU C 294 26.06 17.49 1.19
C LEU C 294 25.74 18.58 0.16
N LEU C 295 24.51 18.59 -0.35
CA LEU C 295 24.09 19.60 -1.31
C LEU C 295 24.09 20.98 -0.68
N PHE C 296 23.49 21.10 0.51
CA PHE C 296 23.46 22.40 1.17
C PHE C 296 24.84 22.81 1.69
N GLU C 297 25.68 21.85 2.07
CA GLU C 297 27.03 22.21 2.51
C GLU C 297 27.89 22.70 1.35
N LEU C 298 27.75 22.09 0.16
CA LEU C 298 28.50 22.59 -0.98
C LEU C 298 27.95 23.92 -1.48
N ALA C 299 26.62 24.11 -1.42
CA ALA C 299 26.04 25.37 -1.83
C ALA C 299 26.43 26.51 -0.89
N ARG C 300 26.65 26.21 0.39
CA ARG C 300 27.22 27.22 1.27
C ARG C 300 28.70 27.43 1.00
N PHE C 301 29.44 26.35 0.70
CA PHE C 301 30.89 26.44 0.63
C PHE C 301 31.37 27.17 -0.61
N TYR C 302 30.74 26.98 -1.76
CA TYR C 302 31.30 27.52 -2.99
C TYR C 302 31.15 29.02 -3.09
N ALA C 303 29.93 29.51 -3.06
CA ALA C 303 29.70 30.86 -3.58
C ALA C 303 28.37 31.38 -3.04
N PRO C 304 27.95 32.61 -3.38
CA PRO C 304 26.53 32.94 -3.23
C PRO C 304 25.65 32.16 -4.19
N SER C 305 25.43 30.88 -3.90
CA SER C 305 24.87 29.94 -4.86
C SER C 305 23.37 30.11 -5.00
N ILE C 306 22.80 29.34 -5.93
CA ILE C 306 21.37 29.31 -6.21
C ILE C 306 20.96 27.86 -6.39
N ILE C 307 20.07 27.37 -5.55
CA ILE C 307 19.55 26.01 -5.68
C ILE C 307 18.19 26.09 -6.34
N PHE C 308 17.97 25.26 -7.36
CA PHE C 308 16.72 25.25 -8.10
C PHE C 308 16.15 23.84 -8.07
N ILE C 309 15.09 23.63 -7.29
CA ILE C 309 14.47 22.33 -7.15
C ILE C 309 13.22 22.34 -8.01
N ASP C 310 13.21 21.53 -9.07
CA ASP C 310 12.09 21.49 -9.98
C ASP C 310 11.14 20.37 -9.59
N GLN C 311 9.84 20.62 -9.80
CA GLN C 311 8.73 19.74 -9.43
C GLN C 311 8.79 19.36 -7.95
N ILE C 312 8.59 20.39 -7.12
CA ILE C 312 8.65 20.22 -5.67
C ILE C 312 7.34 19.73 -5.07
N ASP C 313 6.33 19.44 -5.90
CA ASP C 313 5.12 18.83 -5.37
C ASP C 313 5.37 17.40 -4.91
N THR C 314 6.32 16.70 -5.53
CA THR C 314 6.94 15.55 -4.88
C THR C 314 8.13 16.05 -4.08
N LEU C 315 8.47 15.30 -3.01
CA LEU C 315 9.18 15.75 -1.80
C LEU C 315 8.44 16.85 -1.06
N GLY C 316 7.13 16.96 -1.28
CA GLY C 316 6.26 17.78 -0.48
C GLY C 316 5.25 16.87 0.18
N GLY C 317 4.01 17.33 0.35
CA GLY C 317 3.01 16.49 0.96
C GLY C 317 3.11 16.50 2.47
N GLN C 318 1.97 16.60 3.15
CA GLN C 318 1.97 16.70 4.60
C GLN C 318 2.47 15.41 5.24
N ARG C 319 3.12 15.56 6.39
CA ARG C 319 3.75 14.42 7.03
C ARG C 319 2.77 13.52 7.76
N GLY C 320 1.52 13.96 7.93
CA GLY C 320 0.50 13.11 8.51
C GLY C 320 -0.34 12.43 7.45
N ASN C 321 0.32 11.97 6.39
CA ASN C 321 -0.38 11.36 5.27
C ASN C 321 -0.42 9.85 5.44
N SER C 322 -1.27 9.21 4.65
CA SER C 322 -1.46 7.76 4.70
C SER C 322 -0.71 7.11 3.55
N GLY C 323 0.02 6.04 3.86
CA GLY C 323 0.80 5.37 2.84
C GLY C 323 2.07 6.09 2.47
N GLU C 324 2.75 6.70 3.44
CA GLU C 324 4.00 7.40 3.20
C GLU C 324 5.16 6.54 3.66
N HIS C 325 6.12 6.29 2.76
CA HIS C 325 7.30 5.52 3.09
C HIS C 325 8.18 6.29 4.09
N GLU C 326 9.00 5.54 4.81
CA GLU C 326 9.70 6.10 5.96
C GLU C 326 10.84 7.02 5.56
N ALA C 327 11.58 6.69 4.51
CA ALA C 327 12.72 7.52 4.11
C ALA C 327 12.27 8.83 3.47
N SER C 328 11.09 8.85 2.87
CA SER C 328 10.54 10.07 2.32
C SER C 328 10.02 11.01 3.38
N ARG C 329 10.01 10.61 4.65
CA ARG C 329 9.79 11.50 5.78
C ARG C 329 11.08 12.13 6.25
N ARG C 330 12.17 11.36 6.24
CA ARG C 330 13.45 11.91 6.67
C ARG C 330 14.07 12.83 5.62
N VAL C 331 13.72 12.66 4.34
CA VAL C 331 14.14 13.64 3.34
C VAL C 331 13.50 15.00 3.61
N LYS C 332 12.20 15.00 3.89
CA LYS C 332 11.51 16.24 4.24
C LYS C 332 12.01 16.82 5.56
N SER C 333 12.39 15.97 6.51
CA SER C 333 12.93 16.48 7.77
C SER C 333 14.30 17.14 7.57
N GLU C 334 15.13 16.58 6.69
CA GLU C 334 16.41 17.22 6.39
C GLU C 334 16.21 18.53 5.63
N PHE C 335 15.23 18.57 4.73
CA PHE C 335 14.87 19.82 4.08
C PHE C 335 14.38 20.85 5.07
N LEU C 336 13.64 20.43 6.09
CA LEU C 336 13.10 21.37 7.05
C LEU C 336 14.17 21.90 7.98
N VAL C 337 15.15 21.07 8.34
CA VAL C 337 16.20 21.53 9.23
C VAL C 337 17.20 22.43 8.49
N GLN C 338 17.56 22.07 7.26
CA GLN C 338 18.63 22.79 6.57
C GLN C 338 18.24 24.18 6.06
N MET C 339 16.94 24.50 6.01
CA MET C 339 16.49 25.70 5.30
C MET C 339 16.20 26.88 6.22
N ASP C 340 16.86 26.95 7.38
CA ASP C 340 16.80 28.15 8.20
C ASP C 340 18.08 28.28 9.01
N GLY C 341 18.43 29.50 9.35
CA GLY C 341 19.63 29.76 10.12
C GLY C 341 20.21 31.15 9.93
N ASP C 347 27.08 33.98 9.87
CA ASP C 347 27.75 33.63 8.63
C ASP C 347 27.10 34.34 7.44
N SER C 348 27.93 35.06 6.67
CA SER C 348 27.45 35.78 5.49
C SER C 348 27.70 34.96 4.23
N ARG C 349 27.05 33.80 4.16
CA ARG C 349 27.07 32.93 2.99
C ARG C 349 25.64 32.74 2.54
N ARG C 350 25.33 33.19 1.33
CA ARG C 350 23.97 33.34 0.87
C ARG C 350 23.58 32.21 -0.07
N VAL C 351 22.40 31.63 0.16
CA VAL C 351 21.78 30.68 -0.75
C VAL C 351 20.37 31.19 -1.05
N PHE C 352 19.81 30.74 -2.16
CA PHE C 352 18.49 31.20 -2.60
C PHE C 352 17.75 30.02 -3.21
N VAL C 353 16.97 29.32 -2.39
CA VAL C 353 16.24 28.13 -2.83
C VAL C 353 15.06 28.56 -3.68
N LEU C 354 14.99 28.04 -4.90
CA LEU C 354 13.97 28.42 -5.86
C LEU C 354 13.26 27.16 -6.34
N ALA C 355 11.94 27.22 -6.44
CA ALA C 355 11.16 26.02 -6.75
C ALA C 355 10.05 26.38 -7.73
N ALA C 356 9.40 25.32 -8.24
CA ALA C 356 8.35 25.47 -9.24
C ALA C 356 7.45 24.24 -9.17
N THR C 357 6.15 24.46 -9.27
CA THR C 357 5.20 23.36 -9.12
C THR C 357 3.89 23.72 -9.82
N ASN C 358 3.10 22.68 -10.09
CA ASN C 358 1.76 22.84 -10.66
C ASN C 358 0.65 22.50 -9.68
N ILE C 359 0.94 21.74 -8.63
CA ILE C 359 -0.03 21.38 -7.61
C ILE C 359 0.43 21.99 -6.29
N PRO C 360 0.19 23.28 -6.05
CA PRO C 360 0.76 23.91 -4.85
C PRO C 360 0.00 23.63 -3.57
N TRP C 361 -1.28 23.23 -3.65
CA TRP C 361 -2.03 22.95 -2.42
C TRP C 361 -1.59 21.64 -1.77
N GLU C 362 -0.91 20.77 -2.51
CA GLU C 362 -0.35 19.55 -1.94
C GLU C 362 1.10 19.76 -1.50
N LEU C 363 1.32 20.80 -0.72
CA LEU C 363 2.62 21.05 -0.11
C LEU C 363 2.54 20.78 1.38
N ASP C 364 3.70 20.63 2.00
CA ASP C 364 3.78 20.42 3.43
C ASP C 364 3.31 21.66 4.17
N GLU C 365 2.91 21.46 5.43
CA GLU C 365 2.43 22.58 6.22
C GLU C 365 3.60 23.44 6.70
N ALA C 366 4.65 22.82 7.21
CA ALA C 366 5.80 23.53 7.73
C ALA C 366 6.88 23.75 6.68
N LEU C 367 6.55 23.64 5.40
CA LEU C 367 7.48 23.94 4.32
C LEU C 367 7.08 25.13 3.49
N ARG C 368 5.78 25.42 3.38
CA ARG C 368 5.33 26.65 2.73
C ARG C 368 5.32 27.84 3.69
N ARG C 369 5.89 27.68 4.88
CA ARG C 369 6.27 28.79 5.75
C ARG C 369 7.69 29.24 5.46
N ARG C 370 8.57 28.29 5.15
CA ARG C 370 9.96 28.62 4.85
C ARG C 370 10.11 29.30 3.49
N PHE C 371 9.17 29.05 2.59
CA PHE C 371 9.17 29.70 1.29
C PHE C 371 8.57 31.09 1.45
N GLU C 372 9.45 32.09 1.54
CA GLU C 372 9.08 33.43 1.96
C GLU C 372 8.29 34.20 0.91
N LYS C 373 8.27 33.75 -0.34
CA LYS C 373 7.54 34.45 -1.39
C LYS C 373 6.90 33.42 -2.30
N ARG C 374 5.57 33.29 -2.22
CA ARG C 374 4.82 32.35 -3.02
C ARG C 374 3.95 33.15 -3.98
N ILE C 375 4.29 33.11 -5.27
CA ILE C 375 3.69 33.99 -6.26
C ILE C 375 2.82 33.15 -7.20
N PHE C 376 2.04 33.83 -8.02
CA PHE C 376 1.21 33.19 -9.04
C PHE C 376 1.57 33.77 -10.41
N ILE C 377 1.63 32.91 -11.41
CA ILE C 377 1.96 33.32 -12.77
C ILE C 377 0.86 32.89 -13.73
N PRO C 378 0.08 33.83 -14.25
CA PRO C 378 -1.15 33.47 -14.96
C PRO C 378 -0.86 33.12 -16.42
N LEU C 379 -1.93 32.76 -17.13
CA LEU C 379 -1.89 32.72 -18.57
C LEU C 379 -1.69 34.13 -19.13
N PRO C 380 -1.10 34.27 -20.31
CA PRO C 380 -0.88 35.61 -20.87
C PRO C 380 -2.19 36.30 -21.21
N ASP C 381 -2.17 37.63 -21.06
CA ASP C 381 -3.34 38.46 -21.29
C ASP C 381 -3.48 38.75 -22.79
N ILE C 382 -4.33 39.72 -23.12
CA ILE C 382 -4.64 40.01 -24.53
C ILE C 382 -3.46 40.68 -25.23
N ASP C 383 -2.57 41.34 -24.50
CA ASP C 383 -1.47 42.07 -25.11
C ASP C 383 -0.15 41.30 -25.10
N ALA C 384 0.09 40.43 -24.11
CA ALA C 384 1.36 39.71 -24.06
C ALA C 384 1.46 38.67 -25.17
N ARG C 385 0.33 38.19 -25.67
CA ARG C 385 0.38 37.19 -26.74
C ARG C 385 0.84 37.80 -28.05
N LYS C 386 0.57 39.09 -28.28
CA LYS C 386 1.10 39.74 -29.48
C LYS C 386 2.60 39.88 -29.41
N LYS C 387 3.14 40.21 -28.24
CA LYS C 387 4.59 40.29 -28.09
C LYS C 387 5.24 38.92 -28.16
N LEU C 388 4.54 37.87 -27.73
CA LEU C 388 5.09 36.53 -27.86
C LEU C 388 5.08 36.05 -29.30
N ILE C 389 4.03 36.41 -30.06
CA ILE C 389 3.97 36.14 -31.49
C ILE C 389 5.11 36.85 -32.21
N GLU C 390 5.37 38.11 -31.86
CA GLU C 390 6.43 38.86 -32.52
C GLU C 390 7.81 38.31 -32.15
N LYS C 391 8.03 37.98 -30.88
CA LYS C 391 9.31 37.47 -30.44
C LYS C 391 9.58 36.05 -30.96
N SER C 392 8.55 35.30 -31.32
CA SER C 392 8.80 34.02 -31.95
C SER C 392 9.04 34.18 -33.45
N MET C 393 8.19 34.96 -34.13
CA MET C 393 8.24 35.07 -35.58
C MET C 393 9.25 36.09 -36.09
N GLU C 394 10.03 36.73 -35.23
CA GLU C 394 11.13 37.56 -35.74
C GLU C 394 12.23 36.69 -36.32
N GLY C 395 12.83 37.17 -37.42
CA GLY C 395 13.91 36.48 -38.08
C GLY C 395 13.49 35.72 -39.33
N THR C 396 12.36 35.04 -39.27
CA THR C 396 11.83 34.25 -40.38
C THR C 396 11.15 35.17 -41.39
N PRO C 397 11.47 35.07 -42.68
CA PRO C 397 10.88 35.98 -43.68
C PRO C 397 9.38 35.75 -43.86
N LYS C 398 8.61 36.81 -43.65
CA LYS C 398 7.16 36.75 -43.63
C LYS C 398 6.58 37.82 -44.55
N SER C 399 5.29 37.69 -44.85
CA SER C 399 4.62 38.68 -45.66
C SER C 399 4.24 39.89 -44.83
N ASP C 400 4.08 41.03 -45.49
CA ASP C 400 3.86 42.30 -44.82
C ASP C 400 2.39 42.58 -44.53
N GLU C 401 1.51 41.61 -44.73
CA GLU C 401 0.08 41.80 -44.50
C GLU C 401 -0.47 40.90 -43.40
N ILE C 402 0.39 40.30 -42.59
CA ILE C 402 -0.07 39.50 -41.45
C ILE C 402 -0.58 40.44 -40.37
N ASN C 403 -1.87 40.34 -40.08
CA ASN C 403 -2.49 41.17 -39.05
C ASN C 403 -2.25 40.55 -37.70
N TYR C 404 -1.45 41.20 -36.86
CA TYR C 404 -1.15 40.67 -35.53
C TYR C 404 -2.28 40.84 -34.55
N ASP C 405 -3.16 41.83 -34.76
CA ASP C 405 -4.26 42.05 -33.81
C ASP C 405 -5.30 40.95 -33.89
N ASP C 406 -5.58 40.45 -35.10
CA ASP C 406 -6.56 39.38 -35.27
C ASP C 406 -6.04 38.06 -34.69
N LEU C 407 -4.74 37.77 -34.88
CA LEU C 407 -4.15 36.60 -34.26
C LEU C 407 -4.00 36.75 -32.76
N ALA C 408 -3.90 37.99 -32.27
CA ALA C 408 -3.83 38.20 -30.83
C ALA C 408 -5.18 38.00 -30.17
N ALA C 409 -6.25 38.48 -30.81
CA ALA C 409 -7.59 38.36 -30.25
C ALA C 409 -8.28 37.05 -30.60
N ARG C 410 -7.71 36.25 -31.50
CA ARG C 410 -8.36 35.02 -31.94
C ARG C 410 -7.95 33.80 -31.14
N THR C 411 -6.93 33.89 -30.29
CA THR C 411 -6.50 32.73 -29.51
C THR C 411 -7.43 32.53 -28.31
N GLU C 412 -7.43 33.49 -27.39
CA GLU C 412 -8.40 33.63 -26.29
C GLU C 412 -8.41 32.39 -25.38
N GLY C 413 -7.28 32.16 -24.74
CA GLY C 413 -7.18 31.07 -23.77
C GLY C 413 -5.97 30.19 -23.99
N PHE C 414 -5.10 30.60 -24.90
CA PHE C 414 -3.91 29.81 -25.20
C PHE C 414 -2.92 29.89 -24.04
N SER C 415 -2.15 28.82 -23.89
CA SER C 415 -1.45 28.56 -22.64
C SER C 415 -0.06 29.17 -22.57
N GLY C 416 0.41 29.85 -23.61
CA GLY C 416 1.75 30.42 -23.57
C GLY C 416 2.78 29.59 -24.29
N ALA C 417 2.71 28.27 -24.15
CA ALA C 417 3.51 27.38 -24.98
C ALA C 417 2.80 27.02 -26.28
N ASP C 418 1.46 27.02 -26.25
CA ASP C 418 0.69 26.74 -27.45
C ASP C 418 0.79 27.86 -28.49
N VAL C 419 1.17 29.07 -28.08
CA VAL C 419 1.40 30.14 -29.06
C VAL C 419 2.68 29.87 -29.84
N VAL C 420 3.74 29.41 -29.15
CA VAL C 420 4.96 29.01 -29.84
C VAL C 420 4.72 27.79 -30.72
N SER C 421 3.88 26.85 -30.26
CA SER C 421 3.53 25.71 -31.09
C SER C 421 2.71 26.12 -32.31
N LEU C 422 1.86 27.14 -32.16
CA LEU C 422 1.14 27.69 -33.30
C LEU C 422 2.08 28.32 -34.31
N CYS C 423 3.13 29.00 -33.82
CA CYS C 423 4.12 29.58 -34.73
C CYS C 423 4.91 28.51 -35.46
N ARG C 424 5.26 27.42 -34.78
CA ARG C 424 5.98 26.32 -35.45
C ARG C 424 5.11 25.63 -36.49
N THR C 425 3.81 25.46 -36.19
CA THR C 425 2.91 24.85 -37.15
C THR C 425 2.71 25.75 -38.38
N ALA C 426 2.57 27.06 -38.16
CA ALA C 426 2.44 27.98 -39.28
C ALA C 426 3.74 28.19 -40.04
N ALA C 427 4.89 27.79 -39.48
CA ALA C 427 6.13 27.82 -40.23
C ALA C 427 6.41 26.52 -40.97
N ILE C 428 5.86 25.38 -40.51
CA ILE C 428 6.04 24.12 -41.22
C ILE C 428 4.94 23.86 -42.25
N ASN C 429 3.84 24.62 -42.19
CA ASN C 429 2.80 24.51 -43.21
C ASN C 429 3.28 24.93 -44.59
N VAL C 430 4.31 25.78 -44.67
CA VAL C 430 4.85 26.16 -45.98
C VAL C 430 5.69 25.06 -46.59
N LEU C 431 6.11 24.08 -45.81
CA LEU C 431 6.64 22.84 -46.35
C LEU C 431 5.53 21.86 -46.67
N ARG C 432 4.48 21.83 -45.85
CA ARG C 432 3.35 20.94 -46.14
C ARG C 432 2.42 21.46 -47.23
N ARG C 433 2.71 22.63 -47.82
CA ARG C 433 1.89 23.12 -48.93
C ARG C 433 2.38 22.61 -50.27
N TYR C 434 3.68 22.67 -50.52
CA TYR C 434 4.26 22.04 -51.70
C TYR C 434 4.43 20.54 -51.41
N ASP C 435 3.80 19.71 -52.26
CA ASP C 435 3.77 18.28 -52.00
C ASP C 435 5.14 17.64 -52.25
N THR C 436 5.95 17.52 -51.19
CA THR C 436 7.28 16.94 -51.26
C THR C 436 7.31 15.50 -50.75
N LYS C 437 6.23 14.74 -50.99
CA LYS C 437 6.14 13.38 -50.50
C LYS C 437 6.63 12.34 -51.50
N SER C 438 6.71 12.69 -52.78
CA SER C 438 7.14 11.75 -53.81
C SER C 438 8.50 12.07 -54.40
N LEU C 439 8.93 13.33 -54.32
CA LEU C 439 10.25 13.70 -54.82
C LEU C 439 11.32 13.20 -53.86
N ARG C 440 12.14 12.26 -54.32
CA ARG C 440 13.13 11.63 -53.47
C ARG C 440 14.43 11.43 -54.24
N GLY C 441 15.53 11.92 -53.68
CA GLY C 441 16.84 11.78 -54.29
C GLY C 441 17.09 12.76 -55.40
N GLY C 442 16.45 12.54 -56.55
CA GLY C 442 16.58 13.43 -57.68
C GLY C 442 15.63 14.61 -57.56
N GLU C 443 16.22 15.82 -57.60
CA GLU C 443 15.55 17.11 -57.64
C GLU C 443 14.82 17.49 -56.35
N LEU C 444 14.82 16.59 -55.36
CA LEU C 444 14.28 16.94 -54.05
C LEU C 444 15.22 17.88 -53.30
N THR C 445 16.53 17.60 -53.38
CA THR C 445 17.54 18.39 -52.68
C THR C 445 17.69 19.80 -53.26
N ALA C 446 17.17 20.07 -54.44
CA ALA C 446 17.04 21.44 -54.93
C ALA C 446 15.68 22.04 -54.59
N ALA C 447 14.66 21.20 -54.36
CA ALA C 447 13.35 21.70 -53.99
C ALA C 447 13.34 22.29 -52.58
N MET C 448 14.13 21.73 -51.67
CA MET C 448 14.25 22.33 -50.34
C MET C 448 15.01 23.64 -50.39
N GLU C 449 15.98 23.76 -51.29
CA GLU C 449 16.66 25.05 -51.49
C GLU C 449 15.71 26.07 -52.10
N SER C 450 14.78 25.63 -52.96
CA SER C 450 13.78 26.55 -53.50
C SER C 450 12.74 26.91 -52.45
N LEU C 451 12.46 26.02 -51.51
CA LEU C 451 11.51 26.31 -50.44
C LEU C 451 12.11 27.14 -49.31
N LYS C 452 13.44 27.15 -49.17
CA LYS C 452 14.08 27.87 -48.07
C LYS C 452 13.96 29.40 -48.19
N ALA C 453 13.59 29.92 -49.36
CA ALA C 453 13.43 31.35 -49.56
C ALA C 453 11.98 31.75 -49.81
N GLU C 454 11.04 31.02 -49.21
CA GLU C 454 9.61 31.26 -49.40
C GLU C 454 9.03 31.83 -48.10
N LEU C 455 8.21 32.87 -48.23
CA LEU C 455 7.69 33.60 -47.09
C LEU C 455 6.63 32.77 -46.35
N VAL C 456 6.19 33.30 -45.21
CA VAL C 456 5.14 32.71 -44.39
C VAL C 456 3.94 33.64 -44.49
N ARG C 457 2.96 33.28 -45.31
CA ARG C 457 1.87 34.18 -45.64
C ARG C 457 0.71 33.98 -44.67
N ASN C 458 -0.45 34.59 -44.98
CA ASN C 458 -1.59 34.56 -44.07
C ASN C 458 -2.31 33.22 -44.08
N ILE C 459 -2.24 32.49 -45.21
CA ILE C 459 -2.88 31.18 -45.33
C ILE C 459 -2.26 30.19 -44.35
N ASP C 460 -0.95 30.35 -44.08
CA ASP C 460 -0.27 29.50 -43.12
C ASP C 460 -0.83 29.69 -41.72
N PHE C 461 -1.10 30.93 -41.34
CA PHE C 461 -1.62 31.18 -40.00
C PHE C 461 -3.09 30.80 -39.88
N GLU C 462 -3.88 30.93 -40.96
CA GLU C 462 -5.26 30.46 -40.91
C GLU C 462 -5.32 28.94 -40.79
N ALA C 463 -4.56 28.23 -41.62
CA ALA C 463 -4.58 26.77 -41.57
C ALA C 463 -3.83 26.21 -40.36
N ALA C 464 -3.04 27.03 -39.67
CA ALA C 464 -2.51 26.61 -38.38
C ALA C 464 -3.45 26.92 -37.24
N LEU C 465 -4.29 27.95 -37.36
CA LEU C 465 -5.30 28.21 -36.35
C LEU C 465 -6.44 27.20 -36.42
N GLN C 466 -6.68 26.61 -37.60
CA GLN C 466 -7.69 25.56 -37.68
C GLN C 466 -7.20 24.21 -37.16
N ALA C 467 -5.94 24.10 -36.74
CA ALA C 467 -5.37 22.80 -36.37
C ALA C 467 -4.96 22.69 -34.91
N VAL C 468 -4.53 23.77 -34.27
CA VAL C 468 -3.94 23.73 -32.94
C VAL C 468 -4.96 24.20 -31.93
N SER C 469 -5.19 23.39 -30.89
CA SER C 469 -6.04 23.72 -29.77
C SER C 469 -5.28 23.53 -28.46
N PRO C 470 -5.55 24.35 -27.44
CA PRO C 470 -4.79 24.23 -26.20
C PRO C 470 -5.24 23.05 -25.37
N SER C 471 -4.38 22.65 -24.44
CA SER C 471 -4.75 21.64 -23.44
C SER C 471 -5.52 22.34 -22.34
N ALA C 472 -6.81 22.54 -22.60
CA ALA C 472 -7.71 23.36 -21.80
C ALA C 472 -8.18 22.62 -20.55
N GLY C 473 -9.32 23.03 -20.00
CA GLY C 473 -9.73 22.62 -18.69
C GLY C 473 -9.15 23.52 -17.62
N PRO C 474 -9.64 24.77 -17.54
CA PRO C 474 -9.02 25.77 -16.67
C PRO C 474 -9.34 25.61 -15.18
N ASP C 475 -9.85 24.44 -14.77
CA ASP C 475 -10.04 24.18 -13.35
C ASP C 475 -8.72 24.17 -12.58
N THR C 476 -7.63 23.75 -13.22
CA THR C 476 -6.31 23.85 -12.61
C THR C 476 -5.91 25.31 -12.40
N MET C 477 -6.19 26.17 -13.38
CA MET C 477 -5.88 27.58 -13.25
C MET C 477 -6.73 28.23 -12.17
N LEU C 478 -7.99 27.83 -12.06
CA LEU C 478 -8.86 28.44 -11.05
C LEU C 478 -8.49 27.97 -9.65
N LYS C 479 -8.09 26.70 -9.50
CA LYS C 479 -7.63 26.22 -8.21
C LYS C 479 -6.32 26.87 -7.80
N CYS C 480 -5.40 27.06 -8.75
CA CYS C 480 -4.15 27.75 -8.43
C CYS C 480 -4.38 29.22 -8.11
N LYS C 481 -5.37 29.86 -8.76
CA LYS C 481 -5.68 31.25 -8.46
C LYS C 481 -6.29 31.39 -7.09
N GLU C 482 -7.21 30.49 -6.72
CA GLU C 482 -7.82 30.56 -5.40
C GLU C 482 -6.81 30.24 -4.28
N TRP C 483 -5.90 29.30 -4.51
CA TRP C 483 -4.89 29.01 -3.50
C TRP C 483 -3.89 30.15 -3.38
N CYS C 484 -3.43 30.71 -4.50
CA CYS C 484 -2.48 31.80 -4.43
C CYS C 484 -3.12 33.15 -4.15
N ASP C 485 -4.44 33.21 -4.02
CA ASP C 485 -5.09 34.40 -3.49
C ASP C 485 -5.56 34.24 -2.06
N SER C 486 -5.61 33.02 -1.54
CA SER C 486 -5.92 32.82 -0.12
C SER C 486 -4.69 32.54 0.74
N PHE C 487 -3.57 32.14 0.16
CA PHE C 487 -2.37 31.82 0.92
C PHE C 487 -1.10 32.37 0.30
N GLY C 488 -1.18 33.20 -0.72
CA GLY C 488 -0.01 33.62 -1.48
C GLY C 488 0.53 34.95 -1.01
N ALA C 489 1.84 35.03 -0.88
CA ALA C 489 2.54 36.21 -0.38
C ALA C 489 3.38 36.80 -1.51
N MET C 490 2.78 37.67 -2.30
CA MET C 490 3.47 38.31 -3.40
C MET C 490 4.42 39.39 -2.91
N LEU D 174 27.10 -3.86 -23.41
CA LEU D 174 26.71 -2.69 -24.21
C LEU D 174 27.60 -2.53 -25.43
N PRO D 175 27.00 -2.50 -26.61
CA PRO D 175 27.80 -2.32 -27.84
C PRO D 175 28.28 -0.89 -28.03
N GLN D 176 29.02 -0.66 -29.11
CA GLN D 176 29.42 0.67 -29.50
C GLN D 176 28.37 1.24 -30.47
N ASN D 177 28.71 2.35 -31.12
CA ASN D 177 27.82 3.01 -32.05
C ASN D 177 28.65 3.46 -33.24
N SER D 178 28.09 4.37 -34.03
CA SER D 178 28.88 5.04 -35.06
C SER D 178 29.97 5.91 -34.40
N ALA D 179 31.05 6.12 -35.15
CA ALA D 179 32.23 6.90 -34.76
C ALA D 179 32.99 6.31 -33.57
N GLY D 180 32.73 5.05 -33.21
CA GLY D 180 33.60 4.28 -32.36
C GLY D 180 33.73 4.72 -30.91
N ASP D 181 32.69 5.34 -30.34
CA ASP D 181 32.74 5.74 -28.94
C ASP D 181 32.41 4.56 -28.04
N SER D 182 32.28 4.80 -26.74
CA SER D 182 31.93 3.75 -25.79
C SER D 182 31.27 4.37 -24.56
N PHE D 183 30.15 3.78 -24.15
CA PHE D 183 29.42 4.26 -22.99
C PHE D 183 30.09 3.77 -21.70
N ASP D 184 29.90 4.55 -20.63
CA ASP D 184 30.53 4.26 -19.32
C ASP D 184 29.45 4.28 -18.25
N ALA D 185 28.81 3.13 -18.03
CA ALA D 185 27.77 2.99 -17.01
C ALA D 185 28.43 2.46 -15.75
N SER D 186 28.95 3.37 -14.93
CA SER D 186 29.57 3.01 -13.66
C SER D 186 28.68 3.26 -12.46
N ALA D 187 27.76 4.22 -12.54
CA ALA D 187 26.91 4.58 -11.42
C ALA D 187 25.64 3.73 -11.34
N TYR D 188 25.45 2.79 -12.25
CA TYR D 188 24.28 1.93 -12.26
C TYR D 188 24.68 0.50 -11.93
N ASP D 189 23.74 -0.27 -11.40
CA ASP D 189 24.00 -1.65 -11.00
C ASP D 189 23.92 -2.56 -12.23
N ALA D 190 23.89 -3.87 -12.00
CA ALA D 190 23.89 -4.81 -13.11
C ALA D 190 22.50 -4.94 -13.74
N TYR D 191 21.47 -5.16 -12.90
CA TYR D 191 20.14 -5.50 -13.40
C TYR D 191 19.36 -4.30 -13.92
N ILE D 192 19.94 -3.10 -13.91
CA ILE D 192 19.28 -1.95 -14.52
C ILE D 192 19.70 -1.79 -15.98
N VAL D 193 21.00 -1.91 -16.24
CA VAL D 193 21.50 -1.81 -17.61
C VAL D 193 21.08 -3.04 -18.42
N GLN D 194 20.85 -4.18 -17.76
CA GLN D 194 20.29 -5.33 -18.47
C GLN D 194 18.81 -5.11 -18.78
N ALA D 195 18.09 -4.45 -17.87
CA ALA D 195 16.67 -4.18 -18.11
C ALA D 195 16.46 -3.08 -19.14
N VAL D 196 17.48 -2.27 -19.43
CA VAL D 196 17.38 -1.32 -20.54
C VAL D 196 17.94 -1.92 -21.83
N ARG D 197 18.92 -2.82 -21.73
CA ARG D 197 19.41 -3.55 -22.90
C ARG D 197 18.34 -4.48 -23.45
N GLY D 198 17.51 -5.05 -22.59
CA GLY D 198 16.48 -5.98 -23.03
C GLY D 198 15.32 -5.39 -23.80
N THR D 199 15.28 -4.07 -24.01
CA THR D 199 14.24 -3.44 -24.83
C THR D 199 14.83 -2.68 -26.01
N MET D 200 16.01 -3.09 -26.46
CA MET D 200 16.66 -2.41 -27.58
C MET D 200 16.44 -3.16 -28.89
N ASN D 206 9.20 -8.81 -41.03
CA ASN D 206 10.55 -8.29 -41.18
C ASN D 206 10.70 -7.52 -42.49
N THR D 207 11.27 -6.33 -42.38
CA THR D 207 11.49 -5.39 -43.49
C THR D 207 10.20 -5.09 -44.25
N MET D 208 9.14 -4.78 -43.50
CA MET D 208 7.90 -4.34 -44.11
C MET D 208 7.94 -2.84 -44.35
N SER D 209 7.16 -2.38 -45.31
CA SER D 209 7.21 -1.01 -45.78
C SER D 209 6.06 -0.20 -45.21
N LEU D 210 6.13 1.11 -45.39
CA LEU D 210 5.14 2.03 -44.87
C LEU D 210 3.90 2.12 -45.76
N ASP D 211 3.92 1.48 -46.93
CA ASP D 211 2.76 1.48 -47.81
C ASP D 211 1.83 0.32 -47.52
N ASP D 212 2.14 -0.50 -46.51
CA ASP D 212 1.21 -1.53 -46.06
C ASP D 212 0.19 -1.01 -45.06
N ILE D 213 0.21 0.29 -44.77
CA ILE D 213 -0.80 0.90 -43.91
C ILE D 213 -1.84 1.60 -44.79
N ILE D 214 -3.10 1.30 -44.55
CA ILE D 214 -4.19 1.87 -45.33
C ILE D 214 -4.73 3.09 -44.59
N GLY D 215 -4.87 4.20 -45.30
CA GLY D 215 -5.29 5.43 -44.67
C GLY D 215 -4.16 6.05 -43.87
N MET D 216 -4.56 6.84 -42.87
CA MET D 216 -3.67 7.52 -41.92
C MET D 216 -2.66 8.43 -42.64
N HIS D 217 -3.19 9.43 -43.33
CA HIS D 217 -2.33 10.36 -44.05
C HIS D 217 -1.60 11.32 -43.10
N ASP D 218 -2.27 11.70 -41.99
CA ASP D 218 -1.68 12.65 -41.06
C ASP D 218 -0.47 12.08 -40.34
N VAL D 219 -0.58 10.83 -39.88
CA VAL D 219 0.52 10.20 -39.16
C VAL D 219 1.68 9.91 -40.11
N LYS D 220 1.37 9.55 -41.36
CA LYS D 220 2.41 9.37 -42.37
C LYS D 220 3.14 10.66 -42.65
N GLN D 221 2.40 11.78 -42.70
CA GLN D 221 3.04 13.07 -42.98
C GLN D 221 3.90 13.54 -41.81
N VAL D 222 3.44 13.33 -40.58
CA VAL D 222 4.21 13.77 -39.41
C VAL D 222 5.46 12.91 -39.24
N LEU D 223 5.33 11.58 -39.41
CA LEU D 223 6.51 10.72 -39.34
C LEU D 223 7.48 11.00 -40.47
N HIS D 224 6.96 11.36 -41.64
CA HIS D 224 7.79 11.77 -42.77
C HIS D 224 8.63 12.99 -42.42
N GLU D 225 7.99 14.11 -42.09
CA GLU D 225 8.75 15.33 -41.81
C GLU D 225 9.32 15.37 -40.39
N ALA D 226 9.27 14.27 -39.63
CA ALA D 226 9.98 14.21 -38.37
C ALA D 226 11.11 13.19 -38.33
N VAL D 227 11.14 12.21 -39.23
CA VAL D 227 12.19 11.20 -39.27
C VAL D 227 12.91 11.19 -40.62
N THR D 228 12.15 11.15 -41.72
CA THR D 228 12.74 10.89 -43.02
C THR D 228 13.50 12.10 -43.56
N LEU D 229 12.87 13.26 -43.57
CA LEU D 229 13.51 14.48 -44.07
C LEU D 229 14.68 15.07 -43.27
N PRO D 230 14.78 14.94 -41.94
CA PRO D 230 16.01 15.44 -41.29
C PRO D 230 17.29 14.66 -41.59
N LEU D 231 17.24 13.56 -42.33
CA LEU D 231 18.47 12.88 -42.72
C LEU D 231 18.92 13.29 -44.11
N LEU D 232 17.97 13.52 -45.04
CA LEU D 232 18.35 13.91 -46.39
C LEU D 232 18.79 15.36 -46.44
N VAL D 233 17.96 16.27 -45.93
CA VAL D 233 18.34 17.68 -45.83
C VAL D 233 18.39 18.10 -44.36
N PRO D 234 19.58 18.30 -43.81
CA PRO D 234 19.67 18.70 -42.40
C PRO D 234 19.80 20.21 -42.22
N GLU D 235 19.97 20.95 -43.33
CA GLU D 235 20.13 22.40 -43.24
C GLU D 235 18.80 23.13 -43.16
N PHE D 236 17.70 22.47 -43.50
CA PHE D 236 16.40 23.11 -43.48
C PHE D 236 15.87 23.24 -42.05
N PHE D 237 15.87 22.13 -41.31
CA PHE D 237 15.34 22.11 -39.95
C PHE D 237 16.40 22.62 -38.98
N GLN D 238 16.52 23.95 -38.89
CA GLN D 238 17.53 24.54 -38.03
C GLN D 238 16.93 25.37 -36.89
N GLY D 239 16.10 26.36 -37.21
CA GLY D 239 15.66 27.30 -36.20
C GLY D 239 14.22 27.12 -35.76
N LEU D 240 13.33 27.97 -36.28
CA LEU D 240 11.90 27.83 -36.00
C LEU D 240 11.31 26.60 -36.67
N ARG D 241 11.95 26.07 -37.71
CA ARG D 241 11.49 24.87 -38.39
C ARG D 241 12.14 23.62 -37.81
N SER D 242 12.46 23.63 -36.51
CA SER D 242 13.04 22.49 -35.84
C SER D 242 12.06 21.30 -35.85
N PRO D 243 12.57 20.07 -35.91
CA PRO D 243 11.67 18.91 -35.97
C PRO D 243 10.95 18.69 -34.65
N TRP D 244 9.91 17.87 -34.72
CA TRP D 244 9.09 17.60 -33.54
C TRP D 244 9.83 16.66 -32.59
N LYS D 245 9.23 16.44 -31.43
CA LYS D 245 9.86 15.61 -30.43
C LYS D 245 8.93 14.57 -29.81
N ALA D 246 7.64 14.57 -30.17
CA ALA D 246 6.70 13.65 -29.57
C ALA D 246 5.44 13.56 -30.44
N MET D 247 4.65 12.51 -30.19
CA MET D 247 3.37 12.29 -30.87
C MET D 247 2.57 11.26 -30.10
N VAL D 248 1.29 11.56 -29.85
CA VAL D 248 0.35 10.62 -29.23
C VAL D 248 -0.68 10.22 -30.27
N LEU D 249 -0.84 8.92 -30.47
CA LEU D 249 -1.91 8.36 -31.27
C LEU D 249 -3.02 7.91 -30.33
N ALA D 250 -4.25 8.31 -30.61
CA ALA D 250 -5.36 7.98 -29.74
C ALA D 250 -6.59 7.65 -30.56
N GLY D 251 -7.25 6.55 -30.24
CA GLY D 251 -8.45 6.16 -30.94
C GLY D 251 -9.10 4.89 -30.42
N PRO D 252 -10.02 4.32 -31.19
CA PRO D 252 -10.69 3.09 -30.78
C PRO D 252 -9.75 1.91 -30.85
N PRO D 253 -10.05 0.81 -30.15
CA PRO D 253 -9.14 -0.33 -30.16
C PRO D 253 -9.18 -1.11 -31.47
N GLY D 254 -8.01 -1.56 -31.89
CA GLY D 254 -7.88 -2.33 -33.12
C GLY D 254 -8.01 -1.50 -34.37
N THR D 255 -7.10 -0.53 -34.54
CA THR D 255 -7.15 0.34 -35.71
C THR D 255 -5.80 0.53 -36.39
N GLY D 256 -4.69 0.19 -35.75
CA GLY D 256 -3.39 0.40 -36.38
C GLY D 256 -2.46 1.30 -35.61
N LYS D 257 -2.52 1.26 -34.27
CA LYS D 257 -1.57 2.00 -33.47
C LYS D 257 -0.21 1.32 -33.42
N THR D 258 -0.18 0.05 -33.03
CA THR D 258 1.06 -0.70 -32.90
C THR D 258 1.58 -1.21 -34.23
N LEU D 259 0.89 -0.93 -35.33
CA LEU D 259 1.38 -1.32 -36.64
C LEU D 259 2.24 -0.24 -37.28
N ILE D 260 1.86 1.03 -37.09
CA ILE D 260 2.63 2.13 -37.67
C ILE D 260 3.97 2.28 -36.96
N ALA D 261 4.03 1.84 -35.68
CA ALA D 261 5.28 1.89 -34.95
C ALA D 261 6.28 0.87 -35.46
N ARG D 262 5.83 -0.37 -35.68
CA ARG D 262 6.74 -1.37 -36.22
C ARG D 262 7.05 -1.11 -37.70
N ALA D 263 6.13 -0.46 -38.42
CA ALA D 263 6.41 -0.08 -39.81
C ALA D 263 7.51 0.98 -39.87
N ILE D 264 7.41 2.03 -39.04
CA ILE D 264 8.46 3.05 -39.03
C ILE D 264 9.73 2.54 -38.36
N ALA D 265 9.65 1.45 -37.58
CA ALA D 265 10.86 0.82 -37.08
C ALA D 265 11.59 0.07 -38.18
N SER D 266 10.84 -0.70 -38.98
CA SER D 266 11.45 -1.51 -40.02
C SER D 266 11.71 -0.75 -41.32
N GLU D 267 11.26 0.49 -41.43
CA GLU D 267 11.58 1.24 -42.65
C GLU D 267 12.79 2.15 -42.47
N SER D 268 12.94 2.78 -41.32
CA SER D 268 14.03 3.72 -41.10
C SER D 268 15.30 2.96 -40.73
N SER D 269 16.33 3.71 -40.33
CA SER D 269 17.63 3.14 -40.01
C SER D 269 18.06 3.37 -38.57
N SER D 270 17.28 4.10 -37.78
CA SER D 270 17.69 4.52 -36.45
C SER D 270 17.42 3.44 -35.41
N THR D 271 17.98 3.65 -34.22
CA THR D 271 17.76 2.74 -33.11
C THR D 271 16.33 2.86 -32.60
N PHE D 272 15.73 1.72 -32.25
CA PHE D 272 14.33 1.67 -31.87
C PHE D 272 14.18 1.04 -30.50
N PHE D 273 13.59 1.78 -29.57
CA PHE D 273 13.30 1.29 -28.23
C PHE D 273 11.80 1.04 -28.11
N THR D 274 11.42 -0.21 -27.88
CA THR D 274 10.02 -0.58 -27.63
C THR D 274 9.88 -0.78 -26.13
N VAL D 275 9.52 0.29 -25.41
CA VAL D 275 9.41 0.23 -23.96
C VAL D 275 7.94 0.11 -23.60
N SER D 276 7.67 -0.58 -22.49
CA SER D 276 6.32 -0.79 -22.02
C SER D 276 6.32 -0.67 -20.50
N SER D 277 5.14 -0.79 -19.89
CA SER D 277 4.99 -0.49 -18.47
C SER D 277 5.49 -1.60 -17.55
N THR D 278 6.21 -2.61 -18.05
CA THR D 278 6.75 -3.66 -17.21
C THR D 278 8.26 -3.71 -17.20
N ASP D 279 8.93 -2.90 -18.01
CA ASP D 279 10.36 -2.72 -17.92
C ASP D 279 10.72 -1.57 -16.99
N LEU D 280 9.74 -1.00 -16.31
CA LEU D 280 9.91 0.16 -15.46
C LEU D 280 9.49 -0.10 -14.02
N SER D 281 9.52 -1.34 -13.57
CA SER D 281 9.04 -1.68 -12.23
C SER D 281 9.97 -2.68 -11.57
N SER D 282 10.23 -2.44 -10.28
CA SER D 282 11.02 -3.36 -9.47
C SER D 282 10.65 -3.13 -8.01
N LYS D 283 10.85 -4.15 -7.18
CA LYS D 283 10.39 -4.09 -5.80
C LYS D 283 11.27 -3.20 -4.93
N TRP D 284 12.48 -2.88 -5.36
CA TRP D 284 13.33 -1.99 -4.58
C TRP D 284 12.89 -0.54 -4.77
N ARG D 285 13.42 0.34 -3.94
CA ARG D 285 13.10 1.76 -3.99
C ARG D 285 14.23 2.50 -4.68
N GLY D 286 13.92 3.19 -5.77
CA GLY D 286 14.92 3.92 -6.51
C GLY D 286 15.46 3.23 -7.73
N ASP D 287 14.74 2.26 -8.28
CA ASP D 287 15.11 1.64 -9.55
C ASP D 287 14.17 2.03 -10.68
N SER D 288 12.89 2.21 -10.35
CA SER D 288 11.89 2.50 -11.37
C SER D 288 12.02 3.90 -11.92
N GLU D 289 12.67 4.80 -11.20
CA GLU D 289 12.95 6.14 -11.70
C GLU D 289 14.39 6.30 -12.16
N LYS D 290 15.20 5.26 -12.08
CA LYS D 290 16.53 5.26 -12.69
C LYS D 290 16.55 4.57 -14.04
N ILE D 291 15.66 3.60 -14.25
CA ILE D 291 15.56 2.93 -15.54
C ILE D 291 15.15 3.91 -16.64
N VAL D 292 14.28 4.87 -16.30
CA VAL D 292 13.85 5.89 -17.27
C VAL D 292 15.01 6.81 -17.64
N ARG D 293 15.80 7.20 -16.64
CA ARG D 293 16.96 8.07 -16.89
C ARG D 293 18.00 7.35 -17.73
N LEU D 294 18.24 6.07 -17.46
CA LEU D 294 19.19 5.30 -18.25
C LEU D 294 18.69 5.09 -19.67
N LEU D 295 17.37 4.91 -19.83
CA LEU D 295 16.78 4.74 -21.16
C LEU D 295 16.94 6.00 -22.00
N PHE D 296 16.67 7.16 -21.41
CA PHE D 296 16.84 8.40 -22.16
C PHE D 296 18.31 8.72 -22.40
N GLU D 297 19.21 8.37 -21.47
CA GLU D 297 20.64 8.60 -21.69
C GLU D 297 21.18 7.73 -22.82
N LEU D 298 20.74 6.47 -22.89
CA LEU D 298 21.19 5.60 -23.99
C LEU D 298 20.56 6.02 -25.31
N ALA D 299 19.29 6.45 -25.29
CA ALA D 299 18.65 6.89 -26.53
C ALA D 299 19.25 8.20 -27.05
N ARG D 300 19.83 9.01 -26.17
CA ARG D 300 20.53 10.19 -26.63
C ARG D 300 21.98 9.90 -26.99
N PHE D 301 22.59 8.88 -26.38
CA PHE D 301 23.98 8.57 -26.66
C PHE D 301 24.15 7.82 -27.99
N TYR D 302 23.21 6.94 -28.33
CA TYR D 302 23.45 6.01 -29.41
C TYR D 302 23.34 6.68 -30.79
N ALA D 303 22.18 7.22 -31.10
CA ALA D 303 21.89 7.60 -32.46
C ALA D 303 20.74 8.60 -32.45
N PRO D 304 20.31 9.14 -33.60
CA PRO D 304 18.98 9.78 -33.62
C PRO D 304 17.84 8.80 -33.44
N SER D 305 17.68 8.26 -32.23
CA SER D 305 16.86 7.09 -32.00
C SER D 305 15.38 7.45 -31.88
N ILE D 306 14.56 6.42 -31.70
CA ILE D 306 13.11 6.56 -31.57
C ILE D 306 12.68 5.69 -30.40
N ILE D 307 11.91 6.25 -29.48
CA ILE D 307 11.35 5.51 -28.36
C ILE D 307 9.87 5.32 -28.58
N PHE D 308 9.37 4.12 -28.32
CA PHE D 308 7.95 3.80 -28.51
C PHE D 308 7.38 3.33 -27.18
N ILE D 309 6.76 4.24 -26.44
CA ILE D 309 6.13 3.91 -25.16
C ILE D 309 4.72 3.44 -25.46
N ASP D 310 4.45 2.17 -25.20
CA ASP D 310 3.19 1.55 -25.54
C ASP D 310 2.27 1.58 -24.35
N GLN D 311 1.01 1.98 -24.57
CA GLN D 311 -0.05 2.08 -23.56
C GLN D 311 0.37 3.04 -22.43
N ILE D 312 0.50 4.32 -22.79
CA ILE D 312 0.91 5.32 -21.79
C ILE D 312 -0.19 5.65 -20.80
N ASP D 313 -1.43 5.24 -21.05
CA ASP D 313 -2.51 5.42 -20.08
C ASP D 313 -2.26 4.68 -18.78
N THR D 314 -1.57 3.54 -18.85
CA THR D 314 -1.16 2.84 -17.64
C THR D 314 -0.09 3.61 -16.89
N LEU D 315 0.86 4.19 -17.62
CA LEU D 315 2.08 4.72 -17.03
C LEU D 315 1.94 6.15 -16.53
N GLY D 316 1.34 7.03 -17.33
CA GLY D 316 1.11 8.39 -16.87
C GLY D 316 -0.36 8.73 -16.71
N GLY D 317 -0.82 8.80 -15.47
CA GLY D 317 -2.13 9.34 -15.15
C GLY D 317 -2.04 10.75 -14.61
N GLN D 318 -3.15 11.22 -14.05
CA GLN D 318 -3.12 12.52 -13.39
C GLN D 318 -2.37 12.42 -12.06
N ARG D 319 -1.65 13.48 -11.72
CA ARG D 319 -0.71 13.40 -10.60
C ARG D 319 -1.42 13.56 -9.26
N GLY D 320 -2.22 14.59 -9.10
CA GLY D 320 -2.95 14.76 -7.87
C GLY D 320 -4.18 13.89 -7.79
N ASN D 321 -3.98 12.59 -7.60
CA ASN D 321 -5.05 11.61 -7.71
C ASN D 321 -5.36 11.03 -6.34
N SER D 322 -6.30 10.09 -6.31
CA SER D 322 -6.84 9.59 -5.04
C SER D 322 -5.95 8.52 -4.42
N GLY D 323 -5.79 7.40 -5.11
CA GLY D 323 -5.06 6.28 -4.55
C GLY D 323 -3.74 6.03 -5.23
N GLU D 324 -3.05 7.11 -5.57
CA GLU D 324 -1.79 7.02 -6.30
C GLU D 324 -0.67 6.62 -5.34
N HIS D 325 0.07 5.59 -5.72
CA HIS D 325 1.23 5.14 -4.95
C HIS D 325 2.34 6.19 -5.02
N GLU D 326 3.27 6.09 -4.08
CA GLU D 326 4.34 7.08 -4.02
C GLU D 326 5.36 6.89 -5.13
N ALA D 327 5.59 5.64 -5.56
CA ALA D 327 6.61 5.36 -6.56
C ALA D 327 6.09 5.47 -7.99
N SER D 328 4.94 6.11 -8.20
CA SER D 328 4.50 6.48 -9.53
C SER D 328 4.61 7.97 -9.80
N ARG D 329 4.56 8.79 -8.75
CA ARG D 329 4.82 10.22 -8.87
C ARG D 329 6.24 10.47 -9.36
N ARG D 330 7.20 9.65 -8.93
CA ARG D 330 8.58 9.85 -9.35
C ARG D 330 8.77 9.48 -10.81
N VAL D 331 8.06 8.47 -11.31
CA VAL D 331 8.18 8.11 -12.72
C VAL D 331 7.51 9.15 -13.61
N LYS D 332 6.35 9.67 -13.17
CA LYS D 332 5.68 10.71 -13.94
C LYS D 332 6.48 12.00 -13.96
N SER D 333 7.07 12.37 -12.82
CA SER D 333 7.93 13.55 -12.79
C SER D 333 9.23 13.33 -13.54
N GLU D 334 9.72 12.09 -13.61
CA GLU D 334 10.92 11.80 -14.35
C GLU D 334 10.71 11.94 -15.85
N PHE D 335 9.59 11.43 -16.35
CA PHE D 335 9.22 11.68 -17.75
C PHE D 335 9.01 13.16 -18.00
N LEU D 336 8.35 13.86 -17.07
CA LEU D 336 8.03 15.27 -17.24
C LEU D 336 9.26 16.16 -17.22
N VAL D 337 10.31 15.75 -16.51
CA VAL D 337 11.54 16.53 -16.47
C VAL D 337 12.48 16.14 -17.61
N GLN D 338 12.54 14.87 -17.98
CA GLN D 338 13.49 14.45 -19.00
C GLN D 338 13.01 14.79 -20.40
N MET D 339 11.70 14.92 -20.61
CA MET D 339 11.20 15.03 -21.98
C MET D 339 11.22 16.46 -22.53
N ASP D 340 11.82 17.44 -21.84
CA ASP D 340 11.98 18.76 -22.43
C ASP D 340 13.42 19.27 -22.42
N GLY D 341 14.27 18.80 -21.53
CA GLY D 341 15.65 19.24 -21.48
C GLY D 341 16.50 18.63 -22.56
N ASN D 344 19.89 23.42 -23.22
CA ASN D 344 21.12 23.98 -23.78
C ASN D 344 20.98 24.25 -25.27
N LYS D 345 21.85 25.12 -25.79
CA LYS D 345 21.86 25.43 -27.22
C LYS D 345 22.76 24.50 -28.01
N PHE D 346 23.69 23.82 -27.35
CA PHE D 346 24.57 22.86 -28.00
C PHE D 346 24.08 21.43 -27.74
N ASP D 347 24.76 20.48 -28.41
CA ASP D 347 24.48 19.04 -28.34
C ASP D 347 23.04 18.72 -28.73
N SER D 348 22.75 19.00 -30.00
CA SER D 348 21.41 18.81 -30.55
C SER D 348 21.28 17.45 -31.23
N ARG D 349 21.39 16.39 -30.42
CA ARG D 349 21.09 15.04 -30.86
C ARG D 349 19.60 14.80 -30.70
N ARG D 350 19.01 14.06 -31.64
CA ARG D 350 17.56 13.97 -31.76
C ARG D 350 17.04 12.70 -31.12
N VAL D 351 15.89 12.82 -30.46
CA VAL D 351 15.15 11.69 -29.90
C VAL D 351 13.67 11.94 -30.15
N PHE D 352 13.00 10.98 -30.80
CA PHE D 352 11.58 11.09 -31.12
C PHE D 352 10.82 10.08 -30.27
N VAL D 353 9.74 10.55 -29.63
CA VAL D 353 9.00 9.73 -28.67
C VAL D 353 7.61 9.48 -29.23
N LEU D 354 7.32 8.24 -29.62
CA LEU D 354 6.03 7.87 -30.17
C LEU D 354 5.25 7.11 -29.11
N ALA D 355 3.95 7.38 -29.00
CA ALA D 355 3.15 6.76 -27.96
C ALA D 355 1.72 6.57 -28.44
N ALA D 356 1.08 5.52 -27.93
CA ALA D 356 -0.28 5.18 -28.34
C ALA D 356 -1.11 4.80 -27.12
N THR D 357 -2.40 5.13 -27.17
CA THR D 357 -3.32 4.85 -26.08
C THR D 357 -4.73 4.84 -26.63
N ASN D 358 -5.66 4.27 -25.86
CA ASN D 358 -7.04 4.20 -26.29
C ASN D 358 -8.04 4.68 -25.24
N ILE D 359 -7.55 5.25 -24.14
CA ILE D 359 -8.37 6.05 -23.23
C ILE D 359 -7.62 7.35 -22.92
N PRO D 360 -7.57 8.29 -23.86
CA PRO D 360 -6.62 9.41 -23.74
C PRO D 360 -7.00 10.48 -22.75
N TRP D 361 -8.23 10.48 -22.21
CA TRP D 361 -8.63 11.58 -21.32
C TRP D 361 -8.07 11.43 -19.91
N GLU D 362 -7.36 10.35 -19.60
CA GLU D 362 -6.75 10.19 -18.29
C GLU D 362 -5.28 10.59 -18.27
N LEU D 363 -4.79 11.28 -19.30
CA LEU D 363 -3.42 11.73 -19.29
C LEU D 363 -3.28 12.96 -18.39
N ASP D 364 -2.06 13.18 -17.89
CA ASP D 364 -1.79 14.30 -17.00
C ASP D 364 -1.89 15.61 -17.76
N GLU D 365 -2.29 16.66 -17.04
CA GLU D 365 -2.46 17.97 -17.68
C GLU D 365 -1.14 18.62 -18.03
N ALA D 366 -0.04 18.17 -17.45
CA ALA D 366 1.29 18.65 -17.80
C ALA D 366 2.01 17.73 -18.77
N LEU D 367 1.55 16.50 -18.92
CA LEU D 367 2.17 15.57 -19.87
C LEU D 367 1.61 15.71 -21.27
N ARG D 368 0.41 16.25 -21.43
CA ARG D 368 -0.13 16.49 -22.76
C ARG D 368 0.48 17.71 -23.43
N ARG D 369 1.13 18.58 -22.67
CA ARG D 369 1.86 19.68 -23.27
C ARG D 369 3.14 19.20 -23.93
N ARG D 370 3.76 18.15 -23.36
CA ARG D 370 4.99 17.61 -23.92
C ARG D 370 4.74 16.93 -25.26
N PHE D 371 3.71 16.09 -25.33
CA PHE D 371 3.30 15.47 -26.58
C PHE D 371 2.63 16.50 -27.47
N GLU D 372 3.39 17.14 -28.34
CA GLU D 372 2.90 18.32 -29.04
C GLU D 372 2.21 18.00 -30.36
N LYS D 373 1.80 16.76 -30.57
CA LYS D 373 0.91 16.41 -31.67
C LYS D 373 0.08 15.19 -31.26
N ARG D 374 -1.24 15.35 -31.24
CA ARG D 374 -2.15 14.41 -30.57
C ARG D 374 -3.23 13.94 -31.54
N ILE D 375 -2.79 13.44 -32.71
CA ILE D 375 -3.69 13.12 -33.80
C ILE D 375 -4.61 11.96 -33.45
N PHE D 376 -5.80 11.96 -34.05
CA PHE D 376 -6.83 10.96 -33.85
C PHE D 376 -6.98 10.12 -35.09
N ILE D 377 -7.10 8.80 -34.92
CA ILE D 377 -7.20 7.86 -36.03
C ILE D 377 -8.57 7.20 -36.01
N PRO D 378 -9.37 7.34 -37.06
CA PRO D 378 -10.76 6.90 -37.01
C PRO D 378 -10.96 5.48 -37.51
N LEU D 379 -12.20 5.01 -37.39
CA LEU D 379 -12.59 3.75 -38.01
C LEU D 379 -12.69 3.95 -39.53
N PRO D 380 -12.40 2.91 -40.31
CA PRO D 380 -12.36 3.08 -41.77
C PRO D 380 -13.74 3.26 -42.38
N ASP D 381 -13.79 4.07 -43.44
CA ASP D 381 -15.01 4.35 -44.17
C ASP D 381 -15.23 3.31 -45.27
N ILE D 382 -16.19 3.58 -46.16
CA ILE D 382 -16.56 2.60 -47.18
C ILE D 382 -15.53 2.47 -48.30
N ASP D 383 -14.60 3.41 -48.41
CA ASP D 383 -13.59 3.35 -49.44
C ASP D 383 -12.25 2.82 -48.94
N ALA D 384 -12.14 2.54 -47.65
CA ALA D 384 -10.92 1.98 -47.09
C ALA D 384 -11.03 0.50 -46.80
N ARG D 385 -12.24 -0.01 -46.53
CA ARG D 385 -12.40 -1.42 -46.28
C ARG D 385 -12.33 -2.24 -47.56
N LYS D 386 -12.70 -1.64 -48.70
CA LYS D 386 -12.50 -2.30 -49.99
C LYS D 386 -11.02 -2.51 -50.27
N LYS D 387 -10.20 -1.49 -50.02
CA LYS D 387 -8.76 -1.61 -50.20
C LYS D 387 -8.15 -2.55 -49.16
N LEU D 388 -8.70 -2.60 -47.95
CA LEU D 388 -8.18 -3.51 -46.93
C LEU D 388 -8.49 -4.96 -47.28
N ILE D 389 -9.68 -5.22 -47.82
CA ILE D 389 -10.03 -6.58 -48.23
C ILE D 389 -9.20 -7.00 -49.44
N GLU D 390 -8.99 -6.06 -50.39
CA GLU D 390 -8.18 -6.38 -51.57
C GLU D 390 -6.71 -6.58 -51.21
N LYS D 391 -6.22 -5.91 -50.18
CA LYS D 391 -4.85 -6.11 -49.73
C LYS D 391 -4.69 -7.40 -48.94
N SER D 392 -5.68 -7.75 -48.12
CA SER D 392 -5.54 -8.92 -47.25
C SER D 392 -5.76 -10.24 -47.97
N MET D 393 -6.38 -10.23 -49.15
CA MET D 393 -6.73 -11.47 -49.84
C MET D 393 -5.74 -11.86 -50.92
N GLU D 394 -4.68 -11.09 -51.13
CA GLU D 394 -3.70 -11.43 -52.15
C GLU D 394 -2.78 -12.53 -51.64
N GLY D 395 -2.65 -13.60 -52.41
CA GLY D 395 -1.85 -14.76 -52.04
C GLY D 395 -2.60 -16.06 -52.02
N THR D 396 -3.93 -16.05 -52.06
CA THR D 396 -4.76 -17.24 -52.10
C THR D 396 -5.59 -17.24 -53.37
N PRO D 397 -5.77 -18.40 -54.01
CA PRO D 397 -6.55 -18.42 -55.27
C PRO D 397 -8.04 -18.28 -54.99
N LYS D 398 -8.68 -17.37 -55.72
CA LYS D 398 -10.09 -17.07 -55.53
C LYS D 398 -10.77 -16.99 -56.89
N SER D 399 -12.09 -16.97 -56.86
CA SER D 399 -12.88 -16.88 -58.07
C SER D 399 -13.26 -15.43 -58.36
N ASP D 400 -13.87 -15.20 -59.53
CA ASP D 400 -14.28 -13.88 -59.95
C ASP D 400 -15.78 -13.64 -59.80
N GLU D 401 -16.42 -14.36 -58.87
CA GLU D 401 -17.83 -14.13 -58.57
C GLU D 401 -18.03 -13.03 -57.55
N ILE D 402 -17.04 -12.77 -56.70
CA ILE D 402 -17.22 -11.91 -55.54
C ILE D 402 -17.22 -10.44 -55.97
N ASN D 403 -18.17 -9.69 -55.42
CA ASN D 403 -18.29 -8.25 -55.66
C ASN D 403 -17.81 -7.54 -54.40
N TYR D 404 -16.67 -6.86 -54.51
CA TYR D 404 -16.07 -6.21 -53.34
C TYR D 404 -16.85 -4.98 -52.88
N ASP D 405 -17.67 -4.39 -53.76
CA ASP D 405 -18.46 -3.22 -53.36
C ASP D 405 -19.55 -3.62 -52.37
N ASP D 406 -20.17 -4.78 -52.56
CA ASP D 406 -21.19 -5.24 -51.62
C ASP D 406 -20.58 -5.63 -50.28
N LEU D 407 -19.39 -6.24 -50.30
CA LEU D 407 -18.70 -6.57 -49.06
C LEU D 407 -18.21 -5.33 -48.33
N ALA D 408 -17.87 -4.27 -49.08
CA ALA D 408 -17.50 -3.00 -48.45
C ALA D 408 -18.71 -2.23 -47.95
N ALA D 409 -19.88 -2.44 -48.55
CA ALA D 409 -21.08 -1.74 -48.13
C ALA D 409 -21.84 -2.46 -47.03
N ARG D 410 -21.58 -3.75 -46.82
CA ARG D 410 -22.26 -4.48 -45.75
C ARG D 410 -21.46 -4.49 -44.44
N THR D 411 -20.14 -4.60 -44.50
CA THR D 411 -19.30 -4.55 -43.30
C THR D 411 -19.23 -3.10 -42.83
N GLU D 412 -20.24 -2.70 -42.07
CA GLU D 412 -20.36 -1.33 -41.57
C GLU D 412 -20.12 -1.32 -40.07
N GLY D 413 -19.27 -0.42 -39.61
CA GLY D 413 -18.87 -0.37 -38.23
C GLY D 413 -17.71 -1.29 -37.88
N PHE D 414 -17.15 -1.99 -38.85
CA PHE D 414 -16.02 -2.87 -38.62
C PHE D 414 -14.74 -2.05 -38.46
N SER D 415 -13.85 -2.55 -37.61
CA SER D 415 -12.51 -2.01 -37.49
C SER D 415 -11.59 -2.74 -38.48
N GLY D 416 -10.29 -2.56 -38.35
CA GLY D 416 -9.38 -3.24 -39.25
C GLY D 416 -9.19 -4.71 -38.94
N ALA D 417 -9.01 -5.00 -37.64
CA ALA D 417 -8.75 -6.36 -37.20
C ALA D 417 -9.96 -7.27 -37.42
N ASP D 418 -11.17 -6.72 -37.34
CA ASP D 418 -12.34 -7.54 -37.59
C ASP D 418 -12.53 -7.83 -39.07
N VAL D 419 -12.14 -6.90 -39.95
CA VAL D 419 -12.16 -7.17 -41.38
C VAL D 419 -11.14 -8.24 -41.75
N VAL D 420 -9.96 -8.20 -41.13
CA VAL D 420 -8.96 -9.24 -41.37
C VAL D 420 -9.42 -10.58 -40.78
N SER D 421 -10.13 -10.56 -39.65
CA SER D 421 -10.66 -11.80 -39.10
C SER D 421 -11.79 -12.38 -39.95
N LEU D 422 -12.58 -11.52 -40.62
CA LEU D 422 -13.57 -11.99 -41.58
C LEU D 422 -12.90 -12.64 -42.78
N CYS D 423 -11.85 -12.00 -43.31
CA CYS D 423 -11.12 -12.56 -44.44
C CYS D 423 -10.36 -13.84 -44.07
N ARG D 424 -10.09 -14.08 -42.79
CA ARG D 424 -9.53 -15.36 -42.36
C ARG D 424 -10.60 -16.42 -42.13
N THR D 425 -11.77 -16.00 -41.63
CA THR D 425 -12.88 -16.91 -41.42
C THR D 425 -13.41 -17.47 -42.73
N ALA D 426 -13.28 -16.71 -43.83
CA ALA D 426 -13.66 -17.23 -45.15
C ALA D 426 -12.80 -18.43 -45.57
N ALA D 427 -11.49 -18.33 -45.40
CA ALA D 427 -10.60 -19.43 -45.79
C ALA D 427 -10.75 -20.63 -44.86
N ILE D 428 -10.97 -20.39 -43.57
CA ILE D 428 -11.21 -21.54 -42.71
C ILE D 428 -12.60 -22.13 -42.96
N ASN D 429 -13.54 -21.36 -43.51
CA ASN D 429 -14.82 -21.93 -43.89
C ASN D 429 -14.71 -22.80 -45.13
N VAL D 430 -13.83 -22.43 -46.07
CA VAL D 430 -13.64 -23.32 -47.21
C VAL D 430 -12.81 -24.54 -46.80
N LEU D 431 -12.10 -24.48 -45.67
CA LEU D 431 -11.67 -25.73 -45.04
C LEU D 431 -12.85 -26.51 -44.50
N ARG D 432 -13.81 -25.81 -43.88
CA ARG D 432 -14.92 -26.47 -43.19
C ARG D 432 -15.93 -27.10 -44.13
N ARG D 433 -15.92 -26.74 -45.41
CA ARG D 433 -16.89 -27.33 -46.35
C ARG D 433 -16.62 -28.80 -46.64
N TYR D 434 -15.40 -29.28 -46.40
CA TYR D 434 -15.05 -30.68 -46.61
C TYR D 434 -14.90 -31.31 -45.22
N ASP D 435 -15.82 -32.21 -44.88
CA ASP D 435 -15.88 -32.75 -43.53
C ASP D 435 -14.73 -33.73 -43.29
N THR D 436 -13.80 -33.33 -42.43
CA THR D 436 -12.63 -34.15 -42.09
C THR D 436 -12.70 -34.68 -40.66
N LYS D 437 -13.88 -34.63 -40.03
CA LYS D 437 -14.00 -35.08 -38.65
C LYS D 437 -14.05 -36.59 -38.54
N SER D 438 -14.44 -37.29 -39.62
CA SER D 438 -14.51 -38.74 -39.58
C SER D 438 -13.17 -39.39 -39.93
N LEU D 439 -12.37 -38.73 -40.76
CA LEU D 439 -11.08 -39.28 -41.17
C LEU D 439 -10.09 -39.21 -40.02
N ARG D 440 -9.16 -40.17 -39.99
CA ARG D 440 -8.14 -40.22 -38.95
C ARG D 440 -6.93 -40.96 -39.51
N GLY D 441 -5.92 -40.21 -39.91
CA GLY D 441 -4.66 -40.80 -40.36
C GLY D 441 -4.65 -41.35 -41.76
N GLY D 442 -5.62 -42.21 -42.09
CA GLY D 442 -5.67 -42.86 -43.38
C GLY D 442 -6.02 -41.93 -44.51
N GLU D 443 -5.02 -41.63 -45.36
CA GLU D 443 -5.11 -40.72 -46.51
C GLU D 443 -5.58 -39.33 -46.11
N LEU D 444 -5.21 -38.88 -44.90
CA LEU D 444 -5.59 -37.54 -44.44
C LEU D 444 -4.65 -36.49 -45.01
N THR D 445 -3.36 -36.82 -45.14
CA THR D 445 -2.42 -35.92 -45.81
C THR D 445 -2.76 -35.79 -47.29
N ALA D 446 -3.27 -36.86 -47.90
CA ALA D 446 -3.74 -36.81 -49.27
C ALA D 446 -5.20 -36.38 -49.38
N ALA D 447 -5.86 -36.13 -48.25
CA ALA D 447 -7.23 -35.58 -48.31
C ALA D 447 -7.20 -34.11 -48.66
N MET D 448 -6.34 -33.34 -47.98
CA MET D 448 -6.23 -31.92 -48.23
C MET D 448 -5.50 -31.59 -49.53
N GLU D 449 -4.90 -32.57 -50.20
CA GLU D 449 -4.26 -32.33 -51.49
C GLU D 449 -5.29 -31.97 -52.55
N SER D 450 -6.51 -32.48 -52.42
CA SER D 450 -7.60 -32.02 -53.27
C SER D 450 -8.22 -30.71 -52.77
N LEU D 451 -7.92 -30.33 -51.52
CA LEU D 451 -8.48 -29.13 -50.92
C LEU D 451 -7.51 -27.96 -50.92
N LYS D 452 -6.20 -28.21 -50.94
CA LYS D 452 -5.21 -27.15 -50.96
C LYS D 452 -5.18 -26.36 -52.25
N ALA D 453 -5.85 -26.85 -53.31
CA ALA D 453 -5.99 -26.11 -54.55
C ALA D 453 -7.43 -25.62 -54.78
N GLU D 454 -8.29 -25.71 -53.76
CA GLU D 454 -9.67 -25.27 -53.90
C GLU D 454 -9.75 -23.75 -53.82
N LEU D 455 -10.72 -23.20 -54.55
CA LEU D 455 -10.92 -21.76 -54.62
C LEU D 455 -11.78 -21.29 -53.45
N VAL D 456 -11.93 -19.98 -53.33
CA VAL D 456 -12.73 -19.35 -52.29
C VAL D 456 -13.88 -18.64 -52.99
N ARG D 457 -15.05 -19.28 -52.99
CA ARG D 457 -16.19 -18.76 -53.74
C ARG D 457 -17.03 -17.85 -52.85
N ASN D 458 -18.24 -17.51 -53.33
CA ASN D 458 -19.08 -16.55 -52.63
C ASN D 458 -19.81 -17.15 -51.43
N ILE D 459 -19.91 -18.48 -51.35
CA ILE D 459 -20.59 -19.11 -50.23
C ILE D 459 -19.80 -18.93 -48.94
N ASP D 460 -18.46 -18.90 -49.05
CA ASP D 460 -17.62 -18.70 -47.87
C ASP D 460 -17.80 -17.30 -47.28
N PHE D 461 -17.86 -16.28 -48.13
CA PHE D 461 -18.08 -14.93 -47.62
C PHE D 461 -19.51 -14.75 -47.16
N GLU D 462 -20.48 -15.38 -47.84
CA GLU D 462 -21.87 -15.26 -47.43
C GLU D 462 -22.17 -16.01 -46.13
N ALA D 463 -21.31 -16.94 -45.73
CA ALA D 463 -21.41 -17.52 -44.39
C ALA D 463 -20.59 -16.76 -43.37
N ALA D 464 -19.42 -16.26 -43.75
CA ALA D 464 -18.57 -15.54 -42.80
C ALA D 464 -19.12 -14.17 -42.42
N LEU D 465 -19.96 -13.57 -43.26
CA LEU D 465 -20.55 -12.29 -42.89
C LEU D 465 -21.58 -12.41 -41.76
N GLN D 466 -22.13 -13.59 -41.53
CA GLN D 466 -22.95 -13.84 -40.36
C GLN D 466 -22.23 -14.66 -39.31
N ALA D 467 -21.03 -15.14 -39.61
CA ALA D 467 -20.22 -15.77 -38.56
C ALA D 467 -19.55 -14.75 -37.65
N VAL D 468 -19.23 -13.56 -38.15
CA VAL D 468 -18.37 -12.61 -37.44
C VAL D 468 -19.11 -11.30 -37.26
N SER D 469 -19.17 -10.82 -36.03
CA SER D 469 -19.68 -9.52 -35.63
C SER D 469 -18.54 -8.64 -35.12
N PRO D 470 -18.74 -7.32 -35.01
CA PRO D 470 -17.69 -6.46 -34.43
C PRO D 470 -17.50 -6.73 -32.95
N SER D 471 -16.45 -6.12 -32.40
CA SER D 471 -16.03 -6.40 -31.04
C SER D 471 -16.71 -5.52 -30.00
N ALA D 472 -17.01 -4.27 -30.32
CA ALA D 472 -17.58 -3.38 -29.33
C ALA D 472 -18.46 -2.34 -30.01
N GLY D 473 -19.56 -1.97 -29.34
CA GLY D 473 -20.44 -0.93 -29.81
C GLY D 473 -19.79 0.43 -29.64
N PRO D 474 -20.19 1.40 -30.47
CA PRO D 474 -19.50 2.69 -30.45
C PRO D 474 -19.90 3.57 -29.28
N ASP D 475 -19.05 3.63 -28.28
CA ASP D 475 -19.06 4.65 -27.24
C ASP D 475 -17.68 5.25 -27.03
N THR D 476 -16.63 4.42 -27.06
CA THR D 476 -15.27 4.92 -26.94
C THR D 476 -14.86 5.71 -28.17
N MET D 477 -15.35 5.33 -29.35
CA MET D 477 -15.09 6.10 -30.56
C MET D 477 -15.71 7.48 -30.48
N LEU D 478 -16.93 7.58 -29.94
CA LEU D 478 -17.58 8.89 -29.81
C LEU D 478 -16.92 9.73 -28.74
N LYS D 479 -16.46 9.11 -27.65
CA LYS D 479 -15.78 9.87 -26.61
C LYS D 479 -14.41 10.36 -27.09
N CYS D 480 -13.67 9.54 -27.84
CA CYS D 480 -12.40 10.00 -28.38
C CYS D 480 -12.59 11.03 -29.48
N LYS D 481 -13.68 10.93 -30.24
CA LYS D 481 -13.96 11.94 -31.26
C LYS D 481 -14.37 13.27 -30.65
N GLU D 482 -15.02 13.25 -29.48
CA GLU D 482 -15.33 14.50 -28.80
C GLU D 482 -14.17 15.03 -27.99
N TRP D 483 -13.21 14.18 -27.63
CA TRP D 483 -12.00 14.65 -26.94
C TRP D 483 -11.03 15.28 -27.92
N CYS D 484 -10.65 14.55 -28.97
CA CYS D 484 -9.62 15.01 -29.89
C CYS D 484 -10.06 16.16 -30.78
N ASP D 485 -11.34 16.54 -30.77
CA ASP D 485 -11.80 17.70 -31.54
C ASP D 485 -11.81 18.98 -30.70
N SER D 486 -11.34 18.92 -29.47
CA SER D 486 -11.30 20.11 -28.62
C SER D 486 -9.92 20.30 -28.03
N PHE D 487 -9.17 19.22 -27.85
CA PHE D 487 -7.81 19.28 -27.29
C PHE D 487 -6.78 18.72 -28.25
N GLY D 488 -7.12 18.57 -29.52
CA GLY D 488 -6.27 17.87 -30.48
C GLY D 488 -5.52 18.84 -31.37
N ALA D 489 -4.23 18.56 -31.57
CA ALA D 489 -3.35 19.37 -32.41
C ALA D 489 -2.81 18.48 -33.51
N MET D 490 -3.43 18.52 -34.69
CA MET D 490 -3.01 17.70 -35.81
C MET D 490 -2.14 18.50 -36.77
N LEU E 174 13.42 -25.72 -13.36
CA LEU E 174 12.67 -26.01 -14.58
C LEU E 174 13.35 -27.10 -15.39
N PRO E 175 12.59 -28.12 -15.78
CA PRO E 175 13.16 -29.18 -16.62
C PRO E 175 13.38 -28.72 -18.05
N GLN E 176 14.07 -29.55 -18.80
CA GLN E 176 14.38 -29.26 -20.19
C GLN E 176 13.20 -29.61 -21.09
N ASN E 177 13.31 -29.25 -22.35
CA ASN E 177 12.29 -29.49 -23.35
C ASN E 177 12.86 -30.41 -24.42
N SER E 178 12.14 -30.54 -25.53
CA SER E 178 12.63 -31.28 -26.68
C SER E 178 13.89 -30.63 -27.24
N ALA E 179 14.73 -31.46 -27.87
CA ALA E 179 16.05 -31.11 -28.40
C ALA E 179 17.01 -30.57 -27.33
N GLY E 180 16.78 -30.95 -26.07
CA GLY E 180 17.77 -30.85 -25.01
C GLY E 180 18.24 -29.46 -24.63
N ASP E 181 17.44 -28.42 -24.88
CA ASP E 181 17.86 -27.06 -24.55
C ASP E 181 17.62 -26.78 -23.07
N SER E 182 17.77 -25.53 -22.65
CA SER E 182 17.55 -25.15 -21.27
C SER E 182 17.10 -23.70 -21.20
N PHE E 183 16.48 -23.35 -20.08
CA PHE E 183 15.92 -22.01 -19.87
C PHE E 183 16.80 -21.24 -18.90
N ASP E 184 17.14 -20.00 -19.27
CA ASP E 184 18.00 -19.15 -18.45
C ASP E 184 17.12 -18.18 -17.66
N ALA E 185 16.59 -18.66 -16.53
CA ALA E 185 15.77 -17.83 -15.64
C ALA E 185 16.65 -17.28 -14.53
N SER E 186 17.51 -16.33 -14.92
CA SER E 186 18.42 -15.69 -13.98
C SER E 186 17.95 -14.33 -13.50
N ALA E 187 17.19 -13.60 -14.31
CA ALA E 187 16.74 -12.26 -13.98
C ALA E 187 15.47 -12.24 -13.13
N TYR E 188 14.98 -13.40 -12.70
CA TYR E 188 13.83 -13.48 -11.82
C TYR E 188 14.25 -14.12 -10.51
N ASP E 189 13.46 -13.89 -9.46
CA ASP E 189 13.77 -14.40 -8.14
C ASP E 189 13.33 -15.85 -8.03
N ALA E 190 13.44 -16.43 -6.84
CA ALA E 190 13.13 -17.84 -6.67
C ALA E 190 11.63 -18.08 -6.50
N TYR E 191 10.93 -17.18 -5.81
CA TYR E 191 9.52 -17.41 -5.54
C TYR E 191 8.66 -17.19 -6.78
N ILE E 192 9.09 -16.34 -7.71
CA ILE E 192 8.34 -16.17 -8.95
C ILE E 192 8.45 -17.43 -9.82
N VAL E 193 9.65 -18.00 -9.91
CA VAL E 193 9.85 -19.24 -10.66
C VAL E 193 9.09 -20.40 -10.02
N GLN E 194 9.08 -20.46 -8.69
CA GLN E 194 8.30 -21.50 -8.00
C GLN E 194 6.80 -21.30 -8.18
N ALA E 195 6.33 -20.05 -8.17
CA ALA E 195 4.90 -19.78 -8.33
C ALA E 195 4.43 -20.02 -9.75
N VAL E 196 5.32 -19.96 -10.74
CA VAL E 196 4.92 -20.35 -12.09
C VAL E 196 5.04 -21.86 -12.29
N ARG E 197 6.10 -22.49 -11.75
CA ARG E 197 6.28 -23.93 -11.83
C ARG E 197 5.19 -24.71 -11.09
N GLY E 198 4.55 -24.10 -10.10
CA GLY E 198 3.43 -24.76 -9.46
C GLY E 198 2.15 -24.83 -10.29
N THR E 199 2.12 -24.24 -11.48
CA THR E 199 0.93 -24.26 -12.32
C THR E 199 1.22 -24.93 -13.66
N MET E 200 1.91 -26.06 -13.64
CA MET E 200 2.30 -26.72 -14.88
C MET E 200 2.13 -28.23 -14.79
N ASN E 206 -5.43 -37.64 -16.85
CA ASN E 206 -5.46 -38.55 -17.99
C ASN E 206 -6.81 -39.24 -18.11
N THR E 207 -6.93 -40.10 -19.14
CA THR E 207 -8.06 -41.00 -19.36
C THR E 207 -9.39 -40.26 -19.52
N MET E 208 -9.41 -39.31 -20.44
CA MET E 208 -10.63 -38.67 -20.90
C MET E 208 -10.64 -38.67 -22.42
N SER E 209 -11.69 -38.10 -23.01
CA SER E 209 -11.81 -38.04 -24.46
C SER E 209 -12.73 -36.89 -24.83
N LEU E 210 -12.74 -36.56 -26.12
CA LEU E 210 -13.60 -35.51 -26.64
C LEU E 210 -15.00 -35.99 -26.96
N ASP E 211 -15.27 -37.29 -26.87
CA ASP E 211 -16.61 -37.83 -27.07
C ASP E 211 -17.37 -37.95 -25.76
N ASP E 212 -16.80 -37.48 -24.66
CA ASP E 212 -17.47 -37.46 -23.37
C ASP E 212 -18.23 -36.15 -23.15
N ILE E 213 -18.20 -35.26 -24.13
CA ILE E 213 -18.81 -33.94 -24.02
C ILE E 213 -20.04 -33.95 -24.93
N ILE E 214 -21.23 -34.06 -24.33
CA ILE E 214 -22.45 -34.09 -25.10
C ILE E 214 -22.76 -32.68 -25.61
N GLY E 215 -22.93 -32.55 -26.92
CA GLY E 215 -23.16 -31.26 -27.52
C GLY E 215 -21.86 -30.53 -27.82
N MET E 216 -21.98 -29.21 -27.95
CA MET E 216 -20.87 -28.27 -28.17
C MET E 216 -20.09 -28.61 -29.43
N HIS E 217 -20.78 -28.48 -30.56
CA HIS E 217 -20.19 -28.84 -31.85
C HIS E 217 -19.16 -27.81 -32.31
N ASP E 218 -19.48 -26.52 -32.19
CA ASP E 218 -18.59 -25.50 -32.72
C ASP E 218 -17.33 -25.33 -31.88
N VAL E 219 -17.41 -25.60 -30.57
CA VAL E 219 -16.22 -25.57 -29.74
C VAL E 219 -15.26 -26.70 -30.13
N LYS E 220 -15.80 -27.89 -30.39
CA LYS E 220 -14.98 -28.99 -30.88
C LYS E 220 -14.42 -28.70 -32.27
N GLN E 221 -15.17 -27.95 -33.09
CA GLN E 221 -14.70 -27.58 -34.42
C GLN E 221 -13.50 -26.64 -34.34
N VAL E 222 -13.58 -25.62 -33.48
CA VAL E 222 -12.47 -24.67 -33.35
C VAL E 222 -11.26 -25.32 -32.72
N LEU E 223 -11.47 -26.20 -31.72
CA LEU E 223 -10.37 -26.95 -31.14
C LEU E 223 -9.72 -27.90 -32.15
N HIS E 224 -10.53 -28.48 -33.04
CA HIS E 224 -10.02 -29.37 -34.07
C HIS E 224 -9.16 -28.61 -35.08
N GLU E 225 -9.67 -27.51 -35.63
CA GLU E 225 -8.92 -26.77 -36.64
C GLU E 225 -7.96 -25.74 -36.04
N ALA E 226 -7.72 -25.77 -34.73
CA ALA E 226 -6.68 -24.92 -34.16
C ALA E 226 -5.68 -25.62 -33.24
N VAL E 227 -5.88 -26.89 -32.87
CA VAL E 227 -4.98 -27.59 -31.97
C VAL E 227 -4.41 -28.85 -32.63
N THR E 228 -5.26 -29.72 -33.15
CA THR E 228 -4.81 -31.04 -33.57
C THR E 228 -4.59 -31.18 -35.06
N LEU E 229 -5.08 -30.26 -35.89
CA LEU E 229 -4.71 -30.28 -37.30
C LEU E 229 -3.35 -29.68 -37.64
N PRO E 230 -2.87 -28.58 -37.02
CA PRO E 230 -1.49 -28.15 -37.32
C PRO E 230 -0.41 -29.09 -36.81
N LEU E 231 -0.72 -30.03 -35.91
CA LEU E 231 0.30 -30.97 -35.48
C LEU E 231 0.59 -32.01 -36.56
N LEU E 232 -0.40 -32.35 -37.38
CA LEU E 232 -0.23 -33.35 -38.41
C LEU E 232 0.24 -32.76 -39.74
N VAL E 233 -0.45 -31.73 -40.23
CA VAL E 233 -0.13 -31.12 -41.52
C VAL E 233 0.23 -29.65 -41.36
N PRO E 234 1.45 -29.33 -40.91
CA PRO E 234 1.79 -27.92 -40.63
C PRO E 234 2.06 -27.10 -41.87
N GLU E 235 2.23 -27.71 -43.05
CA GLU E 235 2.52 -26.94 -44.25
C GLU E 235 1.29 -26.26 -44.82
N PHE E 236 0.10 -26.69 -44.43
CA PHE E 236 -1.12 -26.09 -44.96
C PHE E 236 -1.48 -24.79 -44.25
N PHE E 237 -1.17 -24.68 -42.96
CA PHE E 237 -1.55 -23.52 -42.17
C PHE E 237 -0.42 -22.48 -42.23
N GLN E 238 -0.42 -21.70 -43.31
CA GLN E 238 0.56 -20.65 -43.52
C GLN E 238 -0.08 -19.52 -44.31
N GLY E 239 0.24 -18.30 -43.94
CA GLY E 239 -0.27 -17.13 -44.65
C GLY E 239 -1.57 -16.65 -44.04
N LEU E 240 -2.65 -16.67 -44.85
CA LEU E 240 -3.96 -16.29 -44.37
C LEU E 240 -4.61 -17.36 -43.52
N ARG E 241 -4.11 -18.60 -43.56
CA ARG E 241 -4.66 -19.69 -42.76
C ARG E 241 -3.81 -19.96 -41.52
N SER E 242 -3.28 -18.92 -40.90
CA SER E 242 -2.54 -19.07 -39.66
C SER E 242 -3.48 -19.53 -38.56
N PRO E 243 -3.04 -20.44 -37.69
CA PRO E 243 -3.95 -21.00 -36.68
C PRO E 243 -4.31 -19.99 -35.62
N TRP E 244 -5.51 -20.16 -35.06
CA TRP E 244 -6.03 -19.21 -34.08
C TRP E 244 -5.29 -19.33 -32.77
N LYS E 245 -5.33 -18.26 -31.99
CA LYS E 245 -4.57 -18.21 -30.75
C LYS E 245 -5.40 -17.62 -29.62
N ALA E 246 -6.71 -17.87 -29.64
CA ALA E 246 -7.64 -17.29 -28.69
C ALA E 246 -8.99 -17.97 -28.79
N MET E 247 -9.67 -18.08 -27.65
CA MET E 247 -11.07 -18.51 -27.54
C MET E 247 -11.56 -18.19 -26.13
N VAL E 248 -12.80 -17.75 -26.01
CA VAL E 248 -13.44 -17.53 -24.72
C VAL E 248 -14.83 -18.16 -24.73
N LEU E 249 -15.10 -19.00 -23.74
CA LEU E 249 -16.36 -19.74 -23.64
C LEU E 249 -17.23 -19.05 -22.60
N ALA E 250 -18.21 -18.28 -23.05
CA ALA E 250 -19.05 -17.47 -22.17
C ALA E 250 -20.47 -18.00 -22.19
N GLY E 251 -20.93 -18.50 -21.05
CA GLY E 251 -22.27 -19.05 -20.96
C GLY E 251 -22.83 -19.06 -19.54
N PRO E 252 -24.03 -19.62 -19.38
CA PRO E 252 -24.64 -19.73 -18.06
C PRO E 252 -23.88 -20.73 -17.20
N PRO E 253 -23.95 -20.62 -15.85
CA PRO E 253 -22.97 -21.32 -15.01
C PRO E 253 -23.22 -22.79 -14.78
N GLY E 254 -24.10 -23.42 -15.55
CA GLY E 254 -24.36 -24.83 -15.36
C GLY E 254 -23.72 -25.71 -16.41
N THR E 255 -23.50 -25.16 -17.61
CA THR E 255 -23.05 -25.94 -18.76
C THR E 255 -21.58 -26.30 -18.61
N GLY E 256 -21.08 -27.06 -19.59
CA GLY E 256 -19.72 -27.56 -19.53
C GLY E 256 -18.69 -26.60 -20.09
N LYS E 257 -17.98 -25.89 -19.22
CA LYS E 257 -16.96 -24.93 -19.64
C LYS E 257 -15.57 -25.23 -19.11
N THR E 258 -15.44 -25.98 -18.02
CA THR E 258 -14.16 -26.45 -17.52
C THR E 258 -13.84 -27.87 -17.96
N LEU E 259 -14.89 -28.68 -18.15
CA LEU E 259 -14.69 -30.07 -18.54
C LEU E 259 -14.16 -30.18 -19.96
N ILE E 260 -14.55 -29.26 -20.84
CA ILE E 260 -14.01 -29.24 -22.20
C ILE E 260 -12.54 -28.84 -22.19
N ALA E 261 -12.14 -27.96 -21.27
CA ALA E 261 -10.74 -27.59 -21.15
C ALA E 261 -9.92 -28.74 -20.60
N ARG E 262 -10.45 -29.47 -19.63
CA ARG E 262 -9.74 -30.65 -19.14
C ARG E 262 -9.69 -31.76 -20.17
N ALA E 263 -10.72 -31.88 -21.02
CA ALA E 263 -10.70 -32.90 -22.06
C ALA E 263 -9.68 -32.58 -23.14
N ILE E 264 -9.61 -31.31 -23.57
CA ILE E 264 -8.59 -30.93 -24.55
C ILE E 264 -7.20 -30.86 -23.94
N ALA E 265 -7.09 -30.81 -22.61
CA ALA E 265 -5.79 -30.99 -21.99
C ALA E 265 -5.38 -32.45 -21.96
N SER E 266 -6.34 -33.34 -21.75
CA SER E 266 -6.03 -34.77 -21.64
C SER E 266 -5.73 -35.39 -23.01
N GLU E 267 -6.55 -35.10 -24.01
CA GLU E 267 -6.38 -35.69 -25.34
C GLU E 267 -5.58 -34.73 -26.23
N SER E 268 -4.30 -34.63 -25.92
CA SER E 268 -3.35 -33.81 -26.67
C SER E 268 -1.94 -34.29 -26.35
N SER E 269 -0.94 -33.56 -26.84
CA SER E 269 0.45 -33.84 -26.51
C SER E 269 1.20 -32.56 -26.13
N SER E 270 0.48 -31.50 -25.82
CA SER E 270 1.06 -30.21 -25.48
C SER E 270 0.99 -29.97 -23.98
N THR E 271 1.93 -29.19 -23.47
CA THR E 271 1.96 -28.89 -22.05
C THR E 271 0.85 -27.92 -21.69
N PHE E 272 0.29 -28.07 -20.50
CA PHE E 272 -0.89 -27.33 -20.07
C PHE E 272 -0.54 -26.41 -18.92
N PHE E 273 -1.06 -25.19 -18.95
CA PHE E 273 -0.87 -24.20 -17.90
C PHE E 273 -2.24 -23.74 -17.40
N THR E 274 -2.61 -24.12 -16.19
CA THR E 274 -3.83 -23.64 -15.57
C THR E 274 -3.52 -22.41 -14.74
N VAL E 275 -4.21 -21.31 -15.00
CA VAL E 275 -3.95 -20.04 -14.33
C VAL E 275 -5.27 -19.53 -13.78
N SER E 276 -5.35 -19.35 -12.48
CA SER E 276 -6.48 -18.72 -11.82
C SER E 276 -6.10 -17.29 -11.46
N SER E 277 -6.96 -16.61 -10.70
CA SER E 277 -6.70 -15.23 -10.33
C SER E 277 -5.84 -15.08 -9.08
N THR E 278 -5.59 -16.15 -8.34
CA THR E 278 -4.80 -16.08 -7.12
C THR E 278 -3.40 -16.63 -7.29
N ASP E 279 -2.99 -16.91 -8.52
CA ASP E 279 -1.57 -17.10 -8.80
C ASP E 279 -0.90 -15.76 -9.06
N LEU E 280 -1.59 -14.88 -9.78
CA LEU E 280 -1.04 -13.58 -10.17
C LEU E 280 -1.33 -12.53 -9.10
N SER E 281 -0.84 -12.79 -7.89
CA SER E 281 -1.04 -11.88 -6.78
C SER E 281 0.13 -12.00 -5.83
N SER E 282 0.63 -10.86 -5.36
CA SER E 282 1.74 -10.85 -4.43
C SER E 282 1.67 -9.59 -3.59
N LYS E 283 2.49 -9.57 -2.54
CA LYS E 283 2.46 -8.49 -1.56
C LYS E 283 3.25 -7.28 -2.05
N TRP E 284 4.36 -7.52 -2.76
CA TRP E 284 5.30 -6.48 -3.12
C TRP E 284 4.79 -5.69 -4.33
N ARG E 285 5.62 -4.79 -4.84
CA ARG E 285 5.28 -3.98 -6.01
C ARG E 285 6.04 -4.51 -7.21
N GLY E 286 5.31 -4.81 -8.28
CA GLY E 286 5.95 -5.28 -9.49
C GLY E 286 6.32 -6.75 -9.41
N ASP E 287 5.34 -7.59 -9.11
CA ASP E 287 5.49 -9.03 -9.13
C ASP E 287 4.48 -9.72 -10.03
N SER E 288 3.27 -9.19 -10.13
CA SER E 288 2.25 -9.83 -10.96
C SER E 288 2.60 -9.73 -12.45
N GLU E 289 3.16 -8.59 -12.87
CA GLU E 289 3.55 -8.45 -14.28
C GLU E 289 4.72 -9.38 -14.61
N LYS E 290 5.64 -9.58 -13.66
CA LYS E 290 6.74 -10.50 -13.90
C LYS E 290 6.26 -11.95 -13.90
N ILE E 291 5.22 -12.27 -13.12
CA ILE E 291 4.68 -13.63 -13.17
C ILE E 291 3.98 -13.89 -14.49
N VAL E 292 3.22 -12.92 -15.00
CA VAL E 292 2.56 -13.07 -16.30
C VAL E 292 3.59 -13.16 -17.43
N ARG E 293 4.66 -12.36 -17.34
CA ARG E 293 5.71 -12.37 -18.34
C ARG E 293 6.46 -13.70 -18.35
N LEU E 294 6.76 -14.26 -17.17
CA LEU E 294 7.41 -15.56 -17.10
C LEU E 294 6.50 -16.68 -17.57
N LEU E 295 5.19 -16.57 -17.31
CA LEU E 295 4.25 -17.58 -17.78
C LEU E 295 4.19 -17.63 -19.30
N PHE E 296 4.10 -16.46 -19.93
CA PHE E 296 4.06 -16.44 -21.39
C PHE E 296 5.40 -16.83 -22.01
N GLU E 297 6.52 -16.50 -21.37
CA GLU E 297 7.81 -16.89 -21.92
C GLU E 297 8.04 -18.40 -21.81
N LEU E 298 7.61 -19.01 -20.70
CA LEU E 298 7.71 -20.47 -20.61
C LEU E 298 6.74 -21.16 -21.56
N ALA E 299 5.54 -20.59 -21.75
CA ALA E 299 4.59 -21.19 -22.67
C ALA E 299 5.03 -21.08 -24.11
N ARG E 300 5.83 -20.07 -24.44
CA ARG E 300 6.43 -20.04 -25.78
C ARG E 300 7.66 -20.93 -25.87
N PHE E 301 8.42 -21.07 -24.77
CA PHE E 301 9.67 -21.81 -24.86
C PHE E 301 9.47 -23.32 -24.86
N TYR E 302 8.53 -23.84 -24.07
CA TYR E 302 8.51 -25.27 -23.79
C TYR E 302 8.02 -26.09 -24.98
N ALA E 303 6.90 -25.70 -25.56
CA ALA E 303 6.22 -26.58 -26.50
C ALA E 303 5.26 -25.77 -27.34
N PRO E 304 4.56 -26.36 -28.31
CA PRO E 304 3.32 -25.72 -28.79
C PRO E 304 2.21 -25.77 -27.75
N SER E 305 2.33 -24.99 -26.68
CA SER E 305 1.56 -25.20 -25.47
C SER E 305 0.19 -24.54 -25.55
N ILE E 306 -0.49 -24.48 -24.42
CA ILE E 306 -1.85 -23.96 -24.33
C ILE E 306 -2.08 -23.50 -22.90
N ILE E 307 -2.69 -22.33 -22.76
CA ILE E 307 -2.88 -21.66 -21.47
C ILE E 307 -4.39 -21.55 -21.22
N PHE E 308 -4.82 -22.00 -20.05
CA PHE E 308 -6.23 -21.96 -19.67
C PHE E 308 -6.40 -21.00 -18.50
N ILE E 309 -6.87 -19.78 -18.79
CA ILE E 309 -7.09 -18.78 -17.76
C ILE E 309 -8.54 -18.90 -17.32
N ASP E 310 -8.77 -19.56 -16.20
CA ASP E 310 -10.13 -19.74 -15.69
C ASP E 310 -10.59 -18.47 -14.99
N GLN E 311 -11.87 -18.14 -15.18
CA GLN E 311 -12.56 -17.00 -14.57
C GLN E 311 -11.85 -15.68 -14.93
N ILE E 312 -11.93 -15.33 -16.21
CA ILE E 312 -11.24 -14.15 -16.73
C ILE E 312 -11.88 -12.85 -16.24
N ASP E 313 -13.10 -12.88 -15.70
CA ASP E 313 -13.74 -11.63 -15.31
C ASP E 313 -13.24 -11.07 -13.99
N THR E 314 -12.58 -11.88 -13.16
CA THR E 314 -11.92 -11.37 -11.96
C THR E 314 -10.49 -10.93 -12.23
N LEU E 315 -10.00 -11.11 -13.45
CA LEU E 315 -8.62 -10.82 -13.80
C LEU E 315 -8.50 -9.72 -14.83
N GLY E 316 -9.16 -9.87 -15.98
CA GLY E 316 -9.30 -8.77 -16.91
C GLY E 316 -10.66 -8.14 -16.79
N GLY E 317 -10.76 -7.04 -16.06
CA GLY E 317 -12.02 -6.34 -15.94
C GLY E 317 -12.11 -5.18 -16.90
N GLN E 318 -12.65 -4.05 -16.44
CA GLN E 318 -12.64 -2.83 -17.20
C GLN E 318 -11.42 -2.00 -16.78
N ARG E 319 -11.01 -1.04 -17.60
CA ARG E 319 -9.80 -0.28 -17.35
C ARG E 319 -10.04 1.14 -16.86
N GLY E 320 -11.25 1.67 -17.00
CA GLY E 320 -11.50 3.04 -16.58
C GLY E 320 -12.58 3.17 -15.52
N ASN E 321 -12.80 2.11 -14.75
CA ASN E 321 -13.84 2.14 -13.72
C ASN E 321 -13.31 2.79 -12.45
N SER E 322 -14.24 3.16 -11.57
CA SER E 322 -13.91 3.87 -10.34
C SER E 322 -13.72 2.85 -9.23
N GLY E 323 -12.53 2.87 -8.63
CA GLY E 323 -12.26 2.01 -7.50
C GLY E 323 -11.51 0.74 -7.84
N GLU E 324 -10.45 0.86 -8.62
CA GLU E 324 -9.53 -0.23 -8.85
C GLU E 324 -8.12 0.17 -8.42
N HIS E 325 -7.36 -0.82 -7.99
CA HIS E 325 -6.01 -0.56 -7.52
C HIS E 325 -5.08 -0.32 -8.71
N GLU E 326 -3.87 0.12 -8.40
CA GLU E 326 -2.89 0.43 -9.44
C GLU E 326 -2.05 -0.78 -9.85
N ALA E 327 -2.50 -2.00 -9.54
CA ALA E 327 -1.83 -3.20 -10.00
C ALA E 327 -2.65 -4.00 -11.00
N SER E 328 -3.97 -4.01 -10.86
CA SER E 328 -4.83 -4.71 -11.81
C SER E 328 -4.77 -4.06 -13.19
N ARG E 329 -4.57 -2.75 -13.24
CA ARG E 329 -4.44 -2.06 -14.52
C ARG E 329 -3.13 -2.44 -15.21
N ARG E 330 -2.07 -2.66 -14.43
CA ARG E 330 -0.82 -3.11 -15.03
C ARG E 330 -0.87 -4.56 -15.46
N VAL E 331 -1.65 -5.41 -14.77
CA VAL E 331 -1.84 -6.77 -15.26
C VAL E 331 -2.64 -6.79 -16.56
N LYS E 332 -3.65 -5.91 -16.66
CA LYS E 332 -4.40 -5.80 -17.91
C LYS E 332 -3.52 -5.28 -19.05
N SER E 333 -2.65 -4.31 -18.77
CA SER E 333 -1.74 -3.83 -19.81
C SER E 333 -0.71 -4.88 -20.20
N GLU E 334 -0.31 -5.73 -19.26
CA GLU E 334 0.60 -6.82 -19.57
C GLU E 334 -0.03 -7.85 -20.49
N PHE E 335 -1.29 -8.21 -20.24
CA PHE E 335 -1.99 -9.12 -21.13
C PHE E 335 -2.20 -8.49 -22.51
N LEU E 336 -2.53 -7.20 -22.54
CA LEU E 336 -2.76 -6.50 -23.81
C LEU E 336 -1.50 -6.41 -24.65
N VAL E 337 -0.34 -6.25 -24.02
CA VAL E 337 0.92 -6.20 -24.76
C VAL E 337 1.41 -7.59 -25.14
N GLN E 338 1.31 -8.57 -24.25
CA GLN E 338 1.91 -9.87 -24.48
C GLN E 338 1.09 -10.77 -25.38
N MET E 339 -0.23 -10.59 -25.47
CA MET E 339 -1.06 -11.55 -26.20
C MET E 339 -0.84 -11.46 -27.70
N ASP E 340 -0.75 -10.24 -28.24
CA ASP E 340 -0.21 -10.09 -29.58
C ASP E 340 1.31 -9.97 -29.50
N GLY E 341 1.95 -9.96 -30.65
CA GLY E 341 3.38 -9.75 -30.69
C GLY E 341 4.03 -10.67 -31.71
N SER E 342 5.30 -10.99 -31.43
CA SER E 342 6.15 -11.85 -32.26
C SER E 342 6.26 -11.29 -33.68
N GLN E 343 6.92 -10.13 -33.76
CA GLN E 343 7.11 -9.44 -35.05
C GLN E 343 7.96 -10.25 -36.02
N ASN E 344 8.92 -11.03 -35.51
CA ASN E 344 9.75 -11.87 -36.35
C ASN E 344 8.91 -13.01 -36.91
N LYS E 345 8.70 -13.01 -38.23
CA LYS E 345 7.82 -13.99 -38.85
C LYS E 345 8.45 -15.38 -38.91
N PHE E 346 9.77 -15.48 -38.75
CA PHE E 346 10.43 -16.77 -38.65
C PHE E 346 10.57 -17.16 -37.17
N ASP E 347 10.80 -18.47 -36.96
CA ASP E 347 10.87 -19.11 -35.65
C ASP E 347 9.58 -18.87 -34.85
N SER E 348 8.50 -19.41 -35.40
CA SER E 348 7.16 -19.25 -34.83
C SER E 348 6.80 -20.47 -34.00
N ARG E 349 6.67 -20.28 -32.69
CA ARG E 349 6.21 -21.31 -31.77
C ARG E 349 4.79 -20.99 -31.35
N ARG E 350 3.98 -22.02 -31.15
CA ARG E 350 2.54 -21.84 -31.01
C ARG E 350 2.12 -21.73 -29.55
N VAL E 351 1.16 -20.84 -29.30
CA VAL E 351 0.55 -20.63 -28.00
C VAL E 351 -0.95 -20.42 -28.26
N PHE E 352 -1.79 -21.01 -27.41
CA PHE E 352 -3.24 -20.98 -27.63
C PHE E 352 -3.91 -20.69 -26.28
N VAL E 353 -4.61 -19.57 -26.20
CA VAL E 353 -5.18 -19.08 -24.94
C VAL E 353 -6.67 -19.39 -24.91
N LEU E 354 -7.13 -19.98 -23.81
CA LEU E 354 -8.52 -20.40 -23.65
C LEU E 354 -9.03 -19.89 -22.31
N ALA E 355 -10.27 -19.40 -22.27
CA ALA E 355 -10.80 -18.80 -21.06
C ALA E 355 -12.29 -19.08 -20.93
N ALA E 356 -12.77 -19.14 -19.69
CA ALA E 356 -14.17 -19.43 -19.38
C ALA E 356 -14.75 -18.28 -18.56
N THR E 357 -16.01 -17.95 -18.82
CA THR E 357 -16.61 -16.74 -18.27
C THR E 357 -18.09 -16.99 -17.99
N ASN E 358 -18.59 -16.45 -16.88
CA ASN E 358 -20.03 -16.34 -16.68
C ASN E 358 -20.57 -14.94 -16.95
N ILE E 359 -19.73 -13.92 -16.83
CA ILE E 359 -20.14 -12.52 -16.98
C ILE E 359 -19.40 -11.93 -18.18
N PRO E 360 -19.91 -12.05 -19.40
CA PRO E 360 -19.16 -11.63 -20.57
C PRO E 360 -19.29 -10.16 -20.95
N TRP E 361 -20.11 -9.38 -20.26
CA TRP E 361 -20.19 -7.94 -20.50
C TRP E 361 -19.26 -7.16 -19.57
N GLU E 362 -18.31 -7.83 -18.95
CA GLU E 362 -17.41 -7.24 -17.97
C GLU E 362 -15.97 -7.43 -18.41
N LEU E 363 -15.70 -7.21 -19.69
CA LEU E 363 -14.35 -7.31 -20.22
C LEU E 363 -13.98 -6.00 -20.89
N ASP E 364 -12.70 -5.66 -20.83
CA ASP E 364 -12.21 -4.49 -21.53
C ASP E 364 -12.28 -4.72 -23.03
N GLU E 365 -12.51 -3.64 -23.78
CA GLU E 365 -12.72 -3.77 -25.22
C GLU E 365 -11.44 -4.14 -25.95
N ALA E 366 -10.30 -3.62 -25.47
CA ALA E 366 -9.02 -3.97 -26.07
C ALA E 366 -8.56 -5.37 -25.70
N LEU E 367 -9.15 -5.98 -24.68
CA LEU E 367 -8.91 -7.39 -24.38
C LEU E 367 -10.00 -8.29 -24.95
N ARG E 368 -11.20 -7.77 -25.18
CA ARG E 368 -12.22 -8.52 -25.88
C ARG E 368 -11.88 -8.66 -27.35
N ARG E 369 -11.21 -7.65 -27.93
CA ARG E 369 -10.80 -7.73 -29.32
C ARG E 369 -9.70 -8.76 -29.54
N ARG E 370 -8.85 -8.98 -28.54
CA ARG E 370 -7.75 -9.93 -28.67
C ARG E 370 -8.22 -11.37 -28.64
N PHE E 371 -9.44 -11.63 -28.20
CA PHE E 371 -10.03 -12.96 -28.20
C PHE E 371 -10.82 -13.12 -29.48
N GLU E 372 -10.24 -13.78 -30.47
CA GLU E 372 -11.02 -14.21 -31.62
C GLU E 372 -11.78 -15.48 -31.24
N LYS E 373 -12.89 -15.71 -31.95
CA LYS E 373 -13.80 -16.84 -31.73
C LYS E 373 -14.36 -16.85 -30.30
N ARG E 374 -15.17 -15.82 -30.02
CA ARG E 374 -15.97 -15.76 -28.80
C ARG E 374 -17.31 -16.43 -29.06
N ILE E 375 -17.54 -17.57 -28.43
CA ILE E 375 -18.69 -18.43 -28.73
C ILE E 375 -19.51 -18.68 -27.48
N PHE E 376 -20.78 -19.03 -27.70
CA PHE E 376 -21.75 -19.24 -26.65
C PHE E 376 -21.97 -20.72 -26.41
N ILE E 377 -22.22 -21.08 -25.16
CA ILE E 377 -22.47 -22.47 -24.77
C ILE E 377 -23.85 -22.56 -24.12
N PRO E 378 -24.82 -23.21 -24.74
CA PRO E 378 -26.20 -23.13 -24.27
C PRO E 378 -26.58 -24.22 -23.29
N LEU E 379 -27.77 -24.05 -22.70
CA LEU E 379 -28.37 -25.10 -21.89
C LEU E 379 -28.80 -26.26 -22.79
N PRO E 380 -28.72 -27.49 -22.31
CA PRO E 380 -28.95 -28.65 -23.19
C PRO E 380 -30.41 -28.80 -23.59
N ASP E 381 -30.60 -29.31 -24.81
CA ASP E 381 -31.91 -29.55 -25.38
C ASP E 381 -32.42 -30.92 -24.94
N ILE E 382 -33.47 -31.42 -25.61
CA ILE E 382 -34.10 -32.68 -25.22
C ILE E 382 -33.19 -33.85 -25.55
N ASP E 383 -32.62 -33.87 -26.75
CA ASP E 383 -31.76 -34.97 -27.17
C ASP E 383 -30.46 -35.01 -26.39
N ALA E 384 -29.93 -33.84 -26.01
CA ALA E 384 -28.72 -33.79 -25.20
C ALA E 384 -28.97 -34.33 -23.80
N ARG E 385 -30.13 -34.02 -23.22
CA ARG E 385 -30.46 -34.55 -21.90
C ARG E 385 -30.73 -36.04 -21.95
N LYS E 386 -31.35 -36.51 -23.04
CA LYS E 386 -31.59 -37.95 -23.21
C LYS E 386 -30.27 -38.72 -23.33
N LYS E 387 -29.33 -38.18 -24.12
CA LYS E 387 -28.03 -38.82 -24.23
C LYS E 387 -27.23 -38.73 -22.94
N LEU E 388 -27.43 -37.67 -22.15
CA LEU E 388 -26.67 -37.54 -20.91
C LEU E 388 -27.20 -38.50 -19.84
N ILE E 389 -28.52 -38.70 -19.78
CA ILE E 389 -29.07 -39.70 -18.88
C ILE E 389 -28.68 -41.11 -19.33
N GLU E 390 -28.63 -41.34 -20.65
CA GLU E 390 -28.18 -42.64 -21.15
C GLU E 390 -26.70 -42.89 -20.86
N LYS E 391 -25.88 -41.84 -20.87
CA LYS E 391 -24.46 -42.01 -20.60
C LYS E 391 -24.18 -42.19 -19.11
N SER E 392 -24.81 -41.38 -18.26
CA SER E 392 -24.46 -41.37 -16.84
C SER E 392 -24.99 -42.58 -16.08
N MET E 393 -25.86 -43.39 -16.68
CA MET E 393 -26.44 -44.55 -16.00
C MET E 393 -25.88 -45.87 -16.53
N GLU E 394 -24.60 -45.91 -16.86
CA GLU E 394 -23.94 -47.16 -17.22
C GLU E 394 -23.10 -47.67 -16.05
N GLY E 395 -23.01 -48.99 -15.93
CA GLY E 395 -22.37 -49.62 -14.81
C GLY E 395 -23.31 -49.88 -13.63
N THR E 396 -24.15 -48.90 -13.28
CA THR E 396 -25.14 -49.07 -12.23
C THR E 396 -26.29 -49.92 -12.74
N PRO E 397 -26.65 -51.00 -12.04
CA PRO E 397 -27.72 -51.88 -12.54
C PRO E 397 -29.09 -51.22 -12.42
N LYS E 398 -29.84 -51.23 -13.51
CA LYS E 398 -31.16 -50.63 -13.58
C LYS E 398 -32.15 -51.67 -14.12
N SER E 399 -33.42 -51.28 -14.15
CA SER E 399 -34.47 -52.15 -14.63
C SER E 399 -34.65 -51.95 -16.14
N ASP E 400 -35.72 -52.50 -16.71
CA ASP E 400 -36.02 -52.34 -18.12
C ASP E 400 -37.36 -51.66 -18.34
N GLU E 401 -37.86 -50.93 -17.33
CA GLU E 401 -39.15 -50.25 -17.43
C GLU E 401 -39.02 -48.74 -17.25
N ILE E 402 -37.84 -48.18 -17.45
CA ILE E 402 -37.63 -46.74 -17.29
C ILE E 402 -37.85 -46.07 -18.65
N ASN E 403 -38.81 -45.16 -18.71
CA ASN E 403 -39.12 -44.43 -19.94
C ASN E 403 -38.27 -43.16 -19.97
N TYR E 404 -37.27 -43.14 -20.87
CA TYR E 404 -36.37 -42.00 -20.93
C TYR E 404 -37.01 -40.76 -21.54
N ASP E 405 -38.12 -40.92 -22.28
CA ASP E 405 -38.78 -39.76 -22.87
C ASP E 405 -39.47 -38.90 -21.82
N ASP E 406 -40.02 -39.52 -20.77
CA ASP E 406 -40.62 -38.75 -19.69
C ASP E 406 -39.56 -38.01 -18.89
N LEU E 407 -38.42 -38.65 -18.63
CA LEU E 407 -37.31 -37.97 -17.96
C LEU E 407 -36.67 -36.91 -18.83
N ALA E 408 -36.79 -37.03 -20.15
CA ALA E 408 -36.29 -35.97 -21.03
C ALA E 408 -37.24 -34.79 -21.05
N ALA E 409 -38.54 -35.05 -21.14
CA ALA E 409 -39.51 -33.96 -21.31
C ALA E 409 -39.95 -33.33 -19.99
N ARG E 410 -39.65 -33.94 -18.84
CA ARG E 410 -40.06 -33.35 -17.57
C ARG E 410 -39.01 -32.42 -16.97
N THR E 411 -37.75 -32.53 -17.38
CA THR E 411 -36.71 -31.61 -16.95
C THR E 411 -36.58 -30.41 -17.87
N GLU E 412 -37.70 -29.73 -18.14
CA GLU E 412 -37.72 -28.58 -19.04
C GLU E 412 -37.13 -27.39 -18.30
N GLY E 413 -35.88 -27.06 -18.57
CA GLY E 413 -35.20 -25.96 -17.93
C GLY E 413 -34.00 -26.36 -17.08
N PHE E 414 -33.70 -27.65 -16.98
CA PHE E 414 -32.55 -28.09 -16.20
C PHE E 414 -31.25 -27.72 -16.91
N SER E 415 -30.21 -27.50 -16.10
CA SER E 415 -28.89 -27.23 -16.65
C SER E 415 -28.21 -28.52 -17.03
N GLY E 416 -26.99 -28.42 -17.53
CA GLY E 416 -26.23 -29.61 -17.84
C GLY E 416 -25.59 -30.27 -16.64
N ALA E 417 -25.54 -29.58 -15.51
CA ALA E 417 -24.93 -30.13 -14.30
C ALA E 417 -25.96 -30.59 -13.28
N ASP E 418 -27.23 -30.23 -13.45
CA ASP E 418 -28.28 -30.67 -12.54
C ASP E 418 -28.77 -32.08 -12.87
N VAL E 419 -28.54 -32.54 -14.10
CA VAL E 419 -29.03 -33.86 -14.50
C VAL E 419 -28.21 -34.96 -13.85
N VAL E 420 -26.90 -34.74 -13.70
CA VAL E 420 -26.06 -35.69 -12.97
C VAL E 420 -26.43 -35.69 -11.49
N SER E 421 -26.86 -34.54 -10.96
CA SER E 421 -27.35 -34.48 -9.59
C SER E 421 -28.66 -35.24 -9.44
N LEU E 422 -29.52 -35.17 -10.45
CA LEU E 422 -30.76 -35.95 -10.45
C LEU E 422 -30.48 -37.44 -10.49
N CYS E 423 -29.50 -37.86 -11.29
CA CYS E 423 -29.12 -39.26 -11.35
C CYS E 423 -28.50 -39.73 -10.04
N ARG E 424 -27.72 -38.87 -9.38
CA ARG E 424 -27.11 -39.25 -8.11
C ARG E 424 -28.16 -39.37 -7.01
N THR E 425 -29.14 -38.46 -6.98
CA THR E 425 -30.22 -38.58 -5.99
C THR E 425 -31.08 -39.80 -6.26
N ALA E 426 -31.33 -40.13 -7.53
CA ALA E 426 -32.05 -41.35 -7.86
C ALA E 426 -31.24 -42.61 -7.56
N ALA E 427 -29.92 -42.51 -7.50
CA ALA E 427 -29.11 -43.68 -7.19
C ALA E 427 -28.87 -43.88 -5.68
N ILE E 428 -28.97 -42.82 -4.87
CA ILE E 428 -28.91 -42.99 -3.41
C ILE E 428 -30.31 -43.05 -2.79
N ASN E 429 -31.36 -42.85 -3.60
CA ASN E 429 -32.70 -43.11 -3.09
C ASN E 429 -32.95 -44.59 -2.82
N VAL E 430 -32.20 -45.49 -3.46
CA VAL E 430 -32.31 -46.91 -3.14
C VAL E 430 -31.68 -47.24 -1.79
N LEU E 431 -30.80 -46.36 -1.28
CA LEU E 431 -30.30 -46.48 0.08
C LEU E 431 -31.26 -45.84 1.07
N ARG E 432 -31.86 -44.70 0.70
CA ARG E 432 -32.85 -44.08 1.57
C ARG E 432 -34.17 -44.84 1.63
N ARG E 433 -34.42 -45.77 0.70
CA ARG E 433 -35.66 -46.54 0.72
C ARG E 433 -35.66 -47.58 1.83
N TYR E 434 -34.53 -48.23 2.08
CA TYR E 434 -34.46 -49.26 3.12
C TYR E 434 -34.25 -48.61 4.48
N ASP E 435 -33.96 -49.43 5.49
CA ASP E 435 -33.85 -48.99 6.87
C ASP E 435 -32.41 -49.13 7.32
N THR E 436 -31.63 -48.05 7.17
CA THR E 436 -30.33 -47.94 7.79
C THR E 436 -30.29 -46.87 8.86
N LYS E 437 -31.28 -45.97 8.90
CA LYS E 437 -31.39 -44.98 9.97
C LYS E 437 -31.94 -45.59 11.24
N SER E 438 -32.76 -46.64 11.12
CA SER E 438 -33.28 -47.32 12.30
C SER E 438 -32.30 -48.36 12.81
N LEU E 439 -31.68 -49.12 11.91
CA LEU E 439 -30.67 -50.08 12.31
C LEU E 439 -29.38 -49.35 12.70
N ARG E 440 -29.04 -49.38 13.98
CA ARG E 440 -27.89 -48.66 14.52
C ARG E 440 -26.79 -49.67 14.82
N GLY E 441 -25.76 -49.69 13.97
CA GLY E 441 -24.63 -50.58 14.18
C GLY E 441 -24.90 -52.01 13.75
N GLY E 442 -25.74 -52.71 14.52
CA GLY E 442 -26.11 -54.05 14.14
C GLY E 442 -27.08 -54.07 12.97
N GLU E 443 -26.99 -55.16 12.19
CA GLU E 443 -27.79 -55.38 10.97
C GLU E 443 -27.63 -54.25 9.95
N LEU E 444 -26.46 -53.62 9.92
CA LEU E 444 -26.19 -52.52 9.00
C LEU E 444 -25.10 -52.90 8.01
N THR E 445 -23.93 -53.31 8.47
CA THR E 445 -22.87 -53.74 7.56
C THR E 445 -23.09 -55.14 7.04
N ALA E 446 -23.91 -55.95 7.72
CA ALA E 446 -24.28 -57.26 7.20
C ALA E 446 -25.38 -57.17 6.16
N ALA E 447 -26.13 -56.07 6.14
CA ALA E 447 -27.15 -55.84 5.12
C ALA E 447 -26.66 -55.02 3.94
N MET E 448 -25.51 -54.34 4.09
CA MET E 448 -24.94 -53.59 2.98
C MET E 448 -24.32 -54.50 1.93
N GLU E 449 -24.05 -55.76 2.27
CA GLU E 449 -23.44 -56.70 1.35
C GLU E 449 -24.42 -57.18 0.27
N SER E 450 -25.71 -57.16 0.55
CA SER E 450 -26.73 -57.56 -0.41
C SER E 450 -27.47 -56.38 -1.01
N LEU E 451 -27.18 -55.16 -0.56
CA LEU E 451 -27.81 -53.98 -1.15
C LEU E 451 -27.19 -53.61 -2.49
N LYS E 452 -25.97 -54.06 -2.77
CA LYS E 452 -25.26 -53.70 -3.99
C LYS E 452 -25.88 -54.32 -5.23
N ALA E 453 -26.75 -55.32 -5.10
CA ALA E 453 -27.38 -55.97 -6.24
C ALA E 453 -28.77 -55.44 -6.54
N GLU E 454 -29.35 -54.63 -5.66
CA GLU E 454 -30.69 -54.10 -5.88
C GLU E 454 -30.66 -53.01 -6.95
N LEU E 455 -31.47 -53.17 -7.99
CA LEU E 455 -31.50 -52.25 -9.11
C LEU E 455 -32.40 -51.05 -8.80
N VAL E 456 -32.50 -50.13 -9.76
CA VAL E 456 -33.18 -48.85 -9.60
C VAL E 456 -34.40 -48.83 -10.51
N ARG E 457 -35.58 -48.73 -9.91
CA ARG E 457 -36.83 -48.75 -10.65
C ARG E 457 -37.35 -47.32 -10.85
N ASN E 458 -38.60 -47.22 -11.32
CA ASN E 458 -39.15 -45.93 -11.76
C ASN E 458 -39.49 -45.03 -10.58
N ILE E 459 -39.87 -45.64 -9.44
CA ILE E 459 -40.32 -44.86 -8.28
C ILE E 459 -39.17 -44.05 -7.68
N ASP E 460 -37.93 -44.55 -7.81
CA ASP E 460 -36.77 -43.78 -7.34
C ASP E 460 -36.55 -42.54 -8.21
N PHE E 461 -36.75 -42.66 -9.52
CA PHE E 461 -36.66 -41.48 -10.38
C PHE E 461 -37.82 -40.51 -10.15
N GLU E 462 -38.99 -41.01 -9.80
CA GLU E 462 -40.11 -40.12 -9.50
C GLU E 462 -39.84 -39.34 -8.21
N ALA E 463 -39.31 -40.02 -7.18
CA ALA E 463 -38.98 -39.34 -5.93
C ALA E 463 -37.83 -38.35 -6.11
N ALA E 464 -36.82 -38.72 -6.90
CA ALA E 464 -35.70 -37.81 -7.13
C ALA E 464 -36.10 -36.63 -8.00
N LEU E 465 -37.05 -36.81 -8.92
CA LEU E 465 -37.53 -35.69 -9.71
C LEU E 465 -38.43 -34.77 -8.89
N GLN E 466 -39.13 -35.31 -7.91
CA GLN E 466 -39.89 -34.45 -7.00
C GLN E 466 -38.99 -33.74 -6.00
N ALA E 467 -37.81 -34.30 -5.69
CA ALA E 467 -36.95 -33.77 -4.64
C ALA E 467 -35.76 -32.97 -5.16
N VAL E 468 -35.75 -32.59 -6.43
CA VAL E 468 -34.64 -31.83 -7.01
C VAL E 468 -35.22 -30.72 -7.88
N SER E 469 -34.79 -29.48 -7.64
CA SER E 469 -35.20 -28.32 -8.40
C SER E 469 -33.99 -27.64 -9.03
N PRO E 470 -34.14 -27.09 -10.23
CA PRO E 470 -32.97 -26.51 -10.91
C PRO E 470 -32.57 -25.17 -10.32
N SER E 471 -31.31 -24.78 -10.58
CA SER E 471 -30.83 -23.45 -10.23
C SER E 471 -31.30 -22.48 -11.31
N ALA E 472 -32.56 -22.08 -11.19
CA ALA E 472 -33.29 -21.36 -12.22
C ALA E 472 -32.95 -19.88 -12.25
N GLY E 473 -33.82 -19.08 -12.87
CA GLY E 473 -33.54 -17.69 -13.14
C GLY E 473 -32.93 -17.45 -14.50
N PRO E 474 -33.68 -17.74 -15.58
CA PRO E 474 -33.11 -17.70 -16.94
C PRO E 474 -32.85 -16.30 -17.49
N ASP E 475 -33.00 -15.25 -16.67
CA ASP E 475 -32.69 -13.90 -17.12
C ASP E 475 -31.20 -13.72 -17.40
N THR E 476 -30.33 -14.41 -16.65
CA THR E 476 -28.90 -14.35 -16.94
C THR E 476 -28.55 -15.11 -18.21
N MET E 477 -29.28 -16.20 -18.51
CA MET E 477 -29.12 -16.88 -19.79
C MET E 477 -29.56 -15.98 -20.93
N LEU E 478 -30.65 -15.23 -20.72
CA LEU E 478 -31.12 -14.30 -21.75
C LEU E 478 -30.11 -13.18 -21.99
N LYS E 479 -29.53 -12.64 -20.92
CA LYS E 479 -28.53 -11.58 -21.07
C LYS E 479 -27.27 -12.09 -21.76
N CYS E 480 -26.79 -13.28 -21.37
CA CYS E 480 -25.60 -13.85 -21.99
C CYS E 480 -25.84 -14.22 -23.45
N LYS E 481 -27.06 -14.68 -23.78
CA LYS E 481 -27.37 -15.02 -25.16
C LYS E 481 -27.50 -13.78 -26.02
N GLU E 482 -28.06 -12.69 -25.48
CA GLU E 482 -28.14 -11.46 -26.25
C GLU E 482 -26.76 -10.83 -26.46
N TRP E 483 -25.87 -10.94 -25.47
CA TRP E 483 -24.50 -10.46 -25.69
C TRP E 483 -23.77 -11.29 -26.73
N CYS E 484 -23.90 -12.62 -26.66
CA CYS E 484 -23.21 -13.46 -27.64
C CYS E 484 -23.85 -13.40 -29.02
N ASP E 485 -25.09 -12.93 -29.12
CA ASP E 485 -25.69 -12.70 -30.43
C ASP E 485 -25.38 -11.32 -30.99
N SER E 486 -25.07 -10.35 -30.13
CA SER E 486 -24.70 -9.04 -30.66
C SER E 486 -23.21 -8.91 -30.95
N PHE E 487 -22.34 -9.37 -30.04
CA PHE E 487 -20.91 -9.16 -30.16
C PHE E 487 -20.14 -10.46 -30.32
N GLY E 488 -20.78 -11.54 -30.74
CA GLY E 488 -20.16 -12.84 -30.81
C GLY E 488 -19.56 -13.14 -32.17
N ALA E 489 -18.56 -14.03 -32.18
CA ALA E 489 -17.92 -14.47 -33.40
C ALA E 489 -17.72 -15.97 -33.33
N MET E 490 -18.33 -16.70 -34.26
CA MET E 490 -18.23 -18.15 -34.27
C MET E 490 -17.55 -18.66 -35.53
N LEU F 174 1.05 -26.54 12.94
CA LEU F 174 0.69 -27.67 12.10
C LEU F 174 1.46 -28.89 12.58
N PRO F 175 0.91 -29.60 13.58
CA PRO F 175 1.68 -30.67 14.24
C PRO F 175 2.08 -31.84 13.34
N GLN F 176 1.10 -32.61 12.87
CA GLN F 176 1.27 -33.84 12.11
C GLN F 176 -0.10 -34.31 11.66
N ASN F 177 -0.15 -35.49 11.04
CA ASN F 177 -1.39 -36.20 10.78
C ASN F 177 -1.10 -37.67 11.02
N SER F 178 -1.99 -38.55 10.54
CA SER F 178 -1.73 -39.98 10.58
C SER F 178 -0.57 -40.33 9.65
N ALA F 179 0.03 -41.50 9.92
CA ALA F 179 1.18 -42.08 9.20
C ALA F 179 2.42 -41.19 9.22
N GLY F 180 2.53 -40.30 10.21
CA GLY F 180 3.78 -39.62 10.52
C GLY F 180 4.26 -38.58 9.53
N ASP F 181 3.49 -38.27 8.50
CA ASP F 181 3.93 -37.28 7.52
C ASP F 181 3.82 -35.87 8.10
N SER F 182 4.37 -34.91 7.35
CA SER F 182 4.33 -33.51 7.76
C SER F 182 4.12 -32.62 6.55
N PHE F 183 3.53 -31.46 6.78
CA PHE F 183 3.26 -30.50 5.72
C PHE F 183 4.50 -29.68 5.42
N ASP F 184 4.61 -29.22 4.18
CA ASP F 184 5.71 -28.35 3.76
C ASP F 184 5.11 -27.02 3.35
N ALA F 185 4.85 -26.15 4.32
CA ALA F 185 4.34 -24.81 4.04
C ALA F 185 5.49 -23.80 3.96
N SER F 186 6.50 -24.11 3.16
CA SER F 186 7.62 -23.19 2.97
C SER F 186 7.33 -22.12 1.93
N ALA F 187 6.26 -22.26 1.16
CA ALA F 187 5.93 -21.30 0.13
C ALA F 187 5.05 -20.16 0.62
N TYR F 188 4.64 -20.17 1.89
CA TYR F 188 3.77 -19.14 2.44
C TYR F 188 4.48 -18.38 3.53
N ASP F 189 3.81 -17.35 4.04
CA ASP F 189 4.39 -16.48 5.05
C ASP F 189 4.26 -17.11 6.43
N ALA F 190 4.52 -16.33 7.48
CA ALA F 190 4.46 -16.82 8.84
C ALA F 190 3.28 -16.28 9.63
N TYR F 191 2.55 -15.30 9.09
CA TYR F 191 1.29 -14.88 9.70
C TYR F 191 0.08 -15.51 9.03
N ILE F 192 0.21 -15.92 7.77
CA ILE F 192 -0.88 -16.59 7.07
C ILE F 192 -1.13 -17.97 7.66
N VAL F 193 -0.07 -18.73 7.92
CA VAL F 193 -0.23 -20.04 8.51
C VAL F 193 -0.70 -19.95 9.96
N GLN F 194 -0.41 -18.85 10.66
CA GLN F 194 -0.93 -18.68 12.01
C GLN F 194 -2.41 -18.30 11.99
N ALA F 195 -2.81 -17.46 11.03
CA ALA F 195 -4.22 -17.11 10.90
C ALA F 195 -5.05 -18.28 10.41
N VAL F 196 -4.45 -19.25 9.72
CA VAL F 196 -5.19 -20.46 9.37
C VAL F 196 -5.22 -21.44 10.55
N ARG F 197 -4.10 -21.57 11.27
CA ARG F 197 -4.04 -22.45 12.44
C ARG F 197 -4.91 -21.95 13.59
N GLY F 198 -5.28 -20.68 13.60
CA GLY F 198 -6.20 -20.18 14.59
C GLY F 198 -7.66 -20.57 14.41
N THR F 199 -8.00 -21.36 13.39
CA THR F 199 -9.36 -21.78 13.15
C THR F 199 -9.71 -23.13 13.77
N MET F 200 -8.74 -24.01 13.96
CA MET F 200 -9.01 -25.35 14.46
C MET F 200 -9.35 -25.34 15.95
N ASN F 206 -20.16 -28.45 21.24
CA ASN F 206 -19.50 -29.73 21.41
C ASN F 206 -20.15 -30.52 22.54
N THR F 207 -20.78 -29.80 23.47
CA THR F 207 -21.38 -30.42 24.66
C THR F 207 -22.81 -30.88 24.36
N MET F 208 -22.91 -31.80 23.40
CA MET F 208 -24.19 -32.38 23.00
C MET F 208 -23.91 -33.66 22.24
N SER F 209 -24.95 -34.48 22.09
CA SER F 209 -24.89 -35.67 21.28
C SER F 209 -25.54 -35.41 19.94
N LEU F 210 -25.65 -36.45 19.11
CA LEU F 210 -26.29 -36.27 17.81
C LEU F 210 -27.81 -36.24 17.94
N ASP F 211 -28.38 -36.97 18.89
CA ASP F 211 -29.81 -36.95 19.13
C ASP F 211 -30.22 -35.90 20.17
N ASP F 212 -29.28 -35.05 20.59
CA ASP F 212 -29.65 -33.91 21.43
C ASP F 212 -30.43 -32.88 20.61
N ILE F 213 -30.06 -32.68 19.36
CA ILE F 213 -30.76 -31.77 18.47
C ILE F 213 -32.00 -32.50 17.96
N ILE F 214 -33.16 -32.08 18.42
CA ILE F 214 -34.40 -32.76 18.11
C ILE F 214 -35.01 -32.16 16.85
N GLY F 215 -35.82 -32.96 16.16
CA GLY F 215 -36.44 -32.52 14.92
C GLY F 215 -35.46 -32.46 13.78
N MET F 216 -35.97 -31.96 12.64
CA MET F 216 -35.26 -31.69 11.37
C MET F 216 -34.36 -32.87 10.95
N HIS F 217 -35.02 -33.98 10.68
CA HIS F 217 -34.35 -35.24 10.40
C HIS F 217 -33.78 -35.32 8.98
N ASP F 218 -34.09 -34.37 8.10
CA ASP F 218 -33.52 -34.39 6.76
C ASP F 218 -32.04 -34.02 6.79
N VAL F 219 -31.67 -33.07 7.65
CA VAL F 219 -30.27 -32.73 7.87
C VAL F 219 -29.54 -33.93 8.45
N LYS F 220 -30.19 -34.66 9.35
CA LYS F 220 -29.62 -35.89 9.87
C LYS F 220 -29.50 -36.96 8.78
N GLN F 221 -30.42 -36.97 7.82
CA GLN F 221 -30.35 -37.93 6.72
C GLN F 221 -29.15 -37.66 5.82
N VAL F 222 -28.96 -36.39 5.43
CA VAL F 222 -27.83 -36.03 4.58
C VAL F 222 -26.51 -36.21 5.32
N LEU F 223 -26.47 -35.85 6.61
CA LEU F 223 -25.29 -36.05 7.41
C LEU F 223 -25.00 -37.52 7.68
N HIS F 224 -26.02 -38.38 7.65
CA HIS F 224 -25.79 -39.80 7.83
C HIS F 224 -25.24 -40.43 6.57
N GLU F 225 -25.82 -40.09 5.41
CA GLU F 225 -25.37 -40.67 4.16
C GLU F 225 -24.21 -39.90 3.52
N ALA F 226 -23.66 -38.89 4.20
CA ALA F 226 -22.57 -38.11 3.65
C ALA F 226 -21.25 -38.31 4.39
N VAL F 227 -21.24 -38.15 5.70
CA VAL F 227 -20.00 -38.21 6.47
C VAL F 227 -19.96 -39.40 7.43
N THR F 228 -21.10 -40.00 7.78
CA THR F 228 -21.11 -41.10 8.75
C THR F 228 -20.87 -42.45 8.07
N LEU F 229 -21.73 -42.80 7.12
CA LEU F 229 -21.70 -44.10 6.45
C LEU F 229 -20.51 -44.35 5.51
N PRO F 230 -19.92 -43.37 4.81
CA PRO F 230 -18.65 -43.65 4.11
C PRO F 230 -17.46 -43.99 5.00
N LEU F 231 -17.55 -43.79 6.32
CA LEU F 231 -16.44 -44.17 7.18
C LEU F 231 -16.35 -45.68 7.36
N LEU F 232 -17.48 -46.35 7.59
CA LEU F 232 -17.47 -47.79 7.83
C LEU F 232 -17.25 -48.56 6.53
N VAL F 233 -17.97 -48.19 5.48
CA VAL F 233 -17.90 -48.90 4.20
C VAL F 233 -17.31 -47.96 3.16
N PRO F 234 -16.00 -48.03 2.89
CA PRO F 234 -15.41 -47.16 1.86
C PRO F 234 -15.58 -47.67 0.44
N GLU F 235 -16.07 -48.90 0.25
CA GLU F 235 -16.15 -49.50 -1.07
C GLU F 235 -17.49 -49.31 -1.75
N PHE F 236 -18.55 -49.02 -1.00
CA PHE F 236 -19.86 -48.81 -1.61
C PHE F 236 -19.95 -47.46 -2.30
N PHE F 237 -19.32 -46.43 -1.74
CA PHE F 237 -19.44 -45.06 -2.26
C PHE F 237 -18.33 -44.79 -3.26
N GLN F 238 -18.52 -45.31 -4.47
CA GLN F 238 -17.63 -45.03 -5.59
C GLN F 238 -18.40 -45.19 -6.89
N GLY F 239 -17.95 -44.46 -7.90
CA GLY F 239 -18.64 -44.47 -9.18
C GLY F 239 -19.68 -43.38 -9.24
N LEU F 240 -20.90 -43.74 -9.66
CA LEU F 240 -22.00 -42.78 -9.70
C LEU F 240 -22.45 -42.38 -8.31
N ARG F 241 -22.44 -43.32 -7.36
CA ARG F 241 -22.85 -43.04 -5.99
C ARG F 241 -21.70 -42.51 -5.15
N SER F 242 -21.07 -41.43 -5.63
CA SER F 242 -20.06 -40.76 -4.84
C SER F 242 -20.71 -39.99 -3.70
N PRO F 243 -20.06 -39.89 -2.54
CA PRO F 243 -20.66 -39.16 -1.42
C PRO F 243 -20.71 -37.67 -1.69
N TRP F 244 -21.57 -36.99 -0.92
CA TRP F 244 -21.80 -35.57 -1.11
C TRP F 244 -20.59 -34.76 -0.64
N LYS F 245 -20.55 -33.49 -1.04
CA LYS F 245 -19.43 -32.65 -0.69
C LYS F 245 -19.83 -31.23 -0.29
N ALA F 246 -21.11 -30.99 -0.03
CA ALA F 246 -21.61 -29.65 0.25
C ALA F 246 -23.01 -29.74 0.84
N MET F 247 -23.37 -28.73 1.64
CA MET F 247 -24.72 -28.56 2.14
C MET F 247 -24.89 -27.13 2.61
N VAL F 248 -26.14 -26.63 2.57
CA VAL F 248 -26.47 -25.28 3.01
C VAL F 248 -27.60 -25.36 4.03
N LEU F 249 -27.40 -24.73 5.18
CA LEU F 249 -28.40 -24.64 6.23
C LEU F 249 -28.93 -23.20 6.25
N ALA F 250 -29.99 -22.96 5.48
CA ALA F 250 -30.60 -21.64 5.39
C ALA F 250 -31.88 -21.60 6.21
N GLY F 251 -32.24 -20.40 6.66
CA GLY F 251 -33.47 -20.23 7.40
C GLY F 251 -33.44 -19.11 8.42
N PRO F 252 -34.38 -19.15 9.36
CA PRO F 252 -34.48 -18.07 10.36
C PRO F 252 -33.38 -18.16 11.40
N PRO F 253 -33.05 -17.06 12.08
CA PRO F 253 -31.94 -17.09 13.03
C PRO F 253 -32.30 -17.78 14.34
N GLY F 254 -31.31 -18.44 14.93
CA GLY F 254 -31.50 -19.15 16.18
C GLY F 254 -32.35 -20.39 16.02
N THR F 255 -31.84 -21.39 15.29
CA THR F 255 -32.58 -22.60 15.02
C THR F 255 -31.74 -23.86 15.28
N GLY F 256 -30.42 -23.75 15.34
CA GLY F 256 -29.60 -24.88 15.73
C GLY F 256 -28.58 -25.32 14.69
N LYS F 257 -28.10 -24.38 13.87
CA LYS F 257 -27.14 -24.71 12.83
C LYS F 257 -25.75 -24.97 13.43
N THR F 258 -25.31 -24.08 14.32
CA THR F 258 -23.99 -24.23 14.94
C THR F 258 -23.94 -25.45 15.86
N LEU F 259 -25.06 -25.79 16.50
CA LEU F 259 -25.10 -26.98 17.34
C LEU F 259 -25.03 -28.24 16.51
N ILE F 260 -25.66 -28.25 15.33
CA ILE F 260 -25.57 -29.39 14.42
C ILE F 260 -24.14 -29.54 13.90
N ALA F 261 -23.49 -28.41 13.60
CA ALA F 261 -22.10 -28.46 13.14
C ALA F 261 -21.16 -28.98 14.22
N ARG F 262 -21.34 -28.51 15.46
CA ARG F 262 -20.51 -29.00 16.56
C ARG F 262 -20.81 -30.47 16.88
N ALA F 263 -22.05 -30.90 16.74
CA ALA F 263 -22.40 -32.30 17.03
C ALA F 263 -21.83 -33.24 16.00
N ILE F 264 -21.90 -32.88 14.71
CA ILE F 264 -21.31 -33.73 13.68
C ILE F 264 -19.79 -33.63 13.69
N ALA F 265 -19.23 -32.55 14.27
CA ALA F 265 -17.79 -32.50 14.49
C ALA F 265 -17.36 -33.48 15.57
N SER F 266 -17.95 -33.36 16.76
CA SER F 266 -17.52 -34.14 17.91
C SER F 266 -17.95 -35.60 17.84
N GLU F 267 -19.02 -35.92 17.11
CA GLU F 267 -19.50 -37.29 17.06
C GLU F 267 -18.56 -38.18 16.24
N SER F 268 -18.02 -37.66 15.15
CA SER F 268 -17.04 -38.36 14.36
C SER F 268 -15.64 -37.97 14.81
N SER F 269 -14.64 -38.52 14.12
CA SER F 269 -13.24 -38.23 14.41
C SER F 269 -12.64 -37.30 13.36
N SER F 270 -13.42 -36.33 12.91
CA SER F 270 -13.01 -35.44 11.82
C SER F 270 -12.36 -34.18 12.35
N THR F 271 -11.37 -33.68 11.62
CA THR F 271 -10.82 -32.37 11.89
C THR F 271 -11.85 -31.31 11.53
N PHE F 272 -11.93 -30.26 12.35
CA PHE F 272 -13.03 -29.30 12.26
C PHE F 272 -12.48 -27.88 12.18
N PHE F 273 -12.51 -27.31 10.99
CA PHE F 273 -12.19 -25.90 10.82
C PHE F 273 -13.44 -25.05 10.98
N THR F 274 -13.25 -23.74 11.13
CA THR F 274 -14.37 -22.82 11.29
C THR F 274 -13.96 -21.47 10.73
N VAL F 275 -14.68 -21.00 9.71
CA VAL F 275 -14.35 -19.76 9.00
C VAL F 275 -15.49 -18.77 9.22
N SER F 276 -15.14 -17.54 9.53
CA SER F 276 -16.07 -16.43 9.54
C SER F 276 -15.53 -15.33 8.63
N SER F 277 -16.25 -14.21 8.57
CA SER F 277 -15.80 -13.08 7.77
C SER F 277 -14.69 -12.29 8.44
N THR F 278 -14.52 -12.46 9.76
CA THR F 278 -13.53 -11.70 10.51
C THR F 278 -12.12 -12.30 10.43
N ASP F 279 -11.95 -13.42 9.73
CA ASP F 279 -10.63 -14.01 9.56
C ASP F 279 -10.08 -13.81 8.15
N LEU F 280 -10.96 -13.65 7.17
CA LEU F 280 -10.54 -13.46 5.78
C LEU F 280 -10.45 -11.98 5.43
N SER F 281 -9.65 -11.26 6.22
CA SER F 281 -9.43 -9.84 5.99
C SER F 281 -8.10 -9.46 6.61
N SER F 282 -7.22 -8.87 5.80
CA SER F 282 -5.92 -8.41 6.25
C SER F 282 -5.61 -7.10 5.54
N LYS F 283 -4.40 -6.59 5.77
CA LYS F 283 -4.02 -5.28 5.23
C LYS F 283 -3.41 -5.37 3.84
N TRP F 284 -2.49 -6.33 3.63
CA TRP F 284 -1.74 -6.39 2.39
C TRP F 284 -2.61 -6.89 1.24
N ARG F 285 -2.35 -6.34 0.04
CA ARG F 285 -3.11 -6.74 -1.13
C ARG F 285 -2.71 -8.14 -1.55
N GLY F 286 -3.69 -9.03 -1.65
CA GLY F 286 -3.43 -10.39 -2.06
C GLY F 286 -2.97 -11.31 -0.96
N ASP F 287 -2.99 -10.87 0.29
CA ASP F 287 -2.65 -11.73 1.42
C ASP F 287 -3.87 -12.36 2.05
N SER F 288 -5.02 -12.32 1.37
CA SER F 288 -6.25 -12.93 1.85
C SER F 288 -6.61 -14.20 1.08
N GLU F 289 -6.35 -14.24 -0.23
CA GLU F 289 -6.65 -15.42 -1.02
C GLU F 289 -5.69 -16.57 -0.77
N LYS F 290 -4.54 -16.30 -0.15
CA LYS F 290 -3.66 -17.39 0.25
C LYS F 290 -4.18 -18.12 1.46
N ILE F 291 -5.03 -17.46 2.26
CA ILE F 291 -5.60 -18.10 3.45
C ILE F 291 -6.57 -19.19 3.06
N VAL F 292 -7.39 -18.95 2.02
CA VAL F 292 -8.35 -19.95 1.57
C VAL F 292 -7.65 -21.14 0.93
N ARG F 293 -6.60 -20.87 0.15
CA ARG F 293 -5.84 -21.95 -0.47
C ARG F 293 -5.09 -22.78 0.57
N LEU F 294 -4.52 -22.13 1.58
CA LEU F 294 -3.85 -22.86 2.64
C LEU F 294 -4.85 -23.63 3.50
N LEU F 295 -6.05 -23.07 3.71
CA LEU F 295 -7.10 -23.75 4.45
C LEU F 295 -7.55 -25.03 3.76
N PHE F 296 -7.79 -24.96 2.46
CA PHE F 296 -8.22 -26.15 1.74
C PHE F 296 -7.08 -27.15 1.57
N GLU F 297 -5.84 -26.67 1.44
CA GLU F 297 -4.71 -27.60 1.36
C GLU F 297 -4.48 -28.30 2.69
N LEU F 298 -4.73 -27.62 3.80
CA LEU F 298 -4.63 -28.25 5.11
C LEU F 298 -5.76 -29.23 5.34
N ALA F 299 -6.98 -28.88 4.90
CA ALA F 299 -8.11 -29.78 5.07
C ALA F 299 -7.98 -31.02 4.22
N ARG F 300 -7.35 -30.92 3.05
CA ARG F 300 -7.05 -32.12 2.28
C ARG F 300 -5.84 -32.86 2.84
N PHE F 301 -4.91 -32.14 3.47
CA PHE F 301 -3.68 -32.78 3.95
C PHE F 301 -3.93 -33.62 5.19
N TYR F 302 -4.82 -33.16 6.07
CA TYR F 302 -5.15 -33.91 7.28
C TYR F 302 -6.15 -35.01 6.98
N ALA F 303 -6.78 -35.54 8.03
CA ALA F 303 -7.81 -36.56 7.98
C ALA F 303 -9.04 -36.12 7.18
N PRO F 304 -10.00 -37.03 6.86
CA PRO F 304 -11.28 -36.57 6.32
C PRO F 304 -11.99 -35.59 7.25
N SER F 305 -12.08 -34.34 6.81
CA SER F 305 -12.34 -33.21 7.69
C SER F 305 -13.62 -32.49 7.28
N ILE F 306 -13.97 -31.47 8.05
CA ILE F 306 -15.19 -30.71 7.86
C ILE F 306 -14.85 -29.22 8.00
N ILE F 307 -15.24 -28.43 7.00
CA ILE F 307 -15.07 -26.98 7.04
C ILE F 307 -16.44 -26.36 7.24
N PHE F 308 -16.56 -25.51 8.25
CA PHE F 308 -17.84 -24.91 8.62
C PHE F 308 -17.77 -23.42 8.29
N ILE F 309 -18.15 -23.07 7.07
CA ILE F 309 -18.09 -21.68 6.60
C ILE F 309 -19.37 -21.01 7.10
N ASP F 310 -19.28 -20.27 8.19
CA ASP F 310 -20.45 -19.66 8.78
C ASP F 310 -20.66 -18.26 8.21
N GLN F 311 -21.94 -17.89 8.07
CA GLN F 311 -22.41 -16.59 7.60
C GLN F 311 -21.86 -16.27 6.20
N ILE F 312 -22.28 -17.09 5.23
CA ILE F 312 -21.82 -16.93 3.85
C ILE F 312 -22.56 -15.83 3.10
N ASP F 313 -23.50 -15.14 3.74
CA ASP F 313 -24.11 -13.99 3.10
C ASP F 313 -23.18 -12.79 3.04
N THR F 314 -22.09 -12.81 3.83
CA THR F 314 -21.09 -11.76 3.80
C THR F 314 -19.99 -12.03 2.79
N LEU F 315 -19.53 -13.27 2.70
CA LEU F 315 -18.45 -13.60 1.77
C LEU F 315 -18.95 -13.62 0.34
N GLY F 316 -19.89 -14.52 0.03
CA GLY F 316 -20.39 -14.65 -1.32
C GLY F 316 -21.75 -14.02 -1.55
N GLY F 317 -21.76 -12.83 -2.13
CA GLY F 317 -22.95 -12.20 -2.65
C GLY F 317 -23.06 -12.43 -4.14
N GLN F 318 -23.54 -11.40 -4.85
CA GLN F 318 -23.53 -11.44 -6.29
C GLN F 318 -22.24 -10.82 -6.82
N ARG F 319 -21.73 -11.37 -7.92
CA ARG F 319 -20.48 -10.87 -8.48
C ARG F 319 -20.70 -9.54 -9.20
N GLY F 320 -21.62 -9.51 -10.14
CA GLY F 320 -21.93 -8.29 -10.86
C GLY F 320 -22.87 -7.39 -10.11
N ASN F 321 -22.42 -6.85 -8.98
CA ASN F 321 -23.24 -5.99 -8.15
C ASN F 321 -23.03 -4.53 -8.54
N SER F 322 -23.53 -3.61 -7.72
CA SER F 322 -23.39 -2.18 -7.95
C SER F 322 -22.24 -1.58 -7.17
N GLY F 323 -22.16 -1.86 -5.87
CA GLY F 323 -21.05 -1.41 -5.06
C GLY F 323 -20.12 -2.53 -4.69
N GLU F 324 -19.87 -3.43 -5.65
CA GLU F 324 -19.01 -4.59 -5.41
C GLU F 324 -17.56 -4.14 -5.37
N HIS F 325 -16.89 -4.42 -4.25
CA HIS F 325 -15.49 -4.06 -4.13
C HIS F 325 -14.63 -5.07 -4.89
N GLU F 326 -13.38 -4.70 -5.13
CA GLU F 326 -12.47 -5.52 -5.92
C GLU F 326 -11.54 -6.36 -5.06
N ALA F 327 -11.80 -6.45 -3.75
CA ALA F 327 -11.00 -7.29 -2.87
C ALA F 327 -11.73 -8.53 -2.40
N SER F 328 -13.03 -8.64 -2.67
CA SER F 328 -13.79 -9.85 -2.35
C SER F 328 -14.15 -10.67 -3.58
N ARG F 329 -14.03 -10.07 -4.78
CA ARG F 329 -14.22 -10.85 -6.00
C ARG F 329 -13.17 -11.94 -6.15
N ARG F 330 -11.95 -11.67 -5.69
CA ARG F 330 -10.92 -12.69 -5.80
C ARG F 330 -11.12 -13.82 -4.79
N VAL F 331 -11.70 -13.53 -3.62
CA VAL F 331 -11.96 -14.63 -2.69
C VAL F 331 -13.22 -15.40 -3.11
N LYS F 332 -14.17 -14.74 -3.78
CA LYS F 332 -15.28 -15.45 -4.43
C LYS F 332 -14.75 -16.42 -5.49
N SER F 333 -13.88 -15.91 -6.38
CA SER F 333 -13.34 -16.75 -7.45
C SER F 333 -12.45 -17.86 -6.90
N GLU F 334 -11.76 -17.62 -5.79
CA GLU F 334 -10.95 -18.68 -5.19
C GLU F 334 -11.83 -19.77 -4.57
N PHE F 335 -12.97 -19.40 -3.99
CA PHE F 335 -13.91 -20.42 -3.52
C PHE F 335 -14.48 -21.22 -4.69
N LEU F 336 -14.81 -20.53 -5.79
CA LEU F 336 -15.37 -21.20 -6.97
C LEU F 336 -14.38 -22.17 -7.59
N VAL F 337 -13.10 -21.79 -7.66
CA VAL F 337 -12.09 -22.66 -8.25
C VAL F 337 -11.77 -23.82 -7.30
N GLN F 338 -11.62 -23.55 -6.01
CA GLN F 338 -11.12 -24.56 -5.10
C GLN F 338 -12.18 -25.59 -4.71
N MET F 339 -13.47 -25.23 -4.74
CA MET F 339 -14.48 -26.12 -4.20
C MET F 339 -14.78 -27.34 -5.08
N ASP F 340 -14.50 -27.27 -6.38
CA ASP F 340 -14.92 -28.32 -7.29
C ASP F 340 -13.77 -29.12 -7.90
N GLY F 341 -12.53 -28.71 -7.71
CA GLY F 341 -11.39 -29.42 -8.27
C GLY F 341 -11.09 -30.73 -7.57
N GLN F 343 -8.35 -36.46 -11.64
CA GLN F 343 -8.40 -35.20 -10.92
C GLN F 343 -9.68 -35.10 -10.10
N ASN F 344 -10.69 -35.88 -10.48
CA ASN F 344 -11.94 -35.96 -9.75
C ASN F 344 -12.19 -37.33 -9.13
N LYS F 345 -11.59 -38.38 -9.71
CA LYS F 345 -11.68 -39.72 -9.14
C LYS F 345 -10.39 -40.06 -8.41
N PHE F 346 -10.39 -41.23 -7.76
CA PHE F 346 -9.33 -41.72 -6.87
C PHE F 346 -9.01 -40.68 -5.79
N ASP F 347 -10.02 -40.45 -4.96
CA ASP F 347 -9.98 -39.36 -3.98
C ASP F 347 -8.99 -39.65 -2.86
N SER F 348 -8.20 -38.64 -2.52
CA SER F 348 -7.27 -38.71 -1.39
C SER F 348 -8.02 -38.87 -0.08
N ARG F 349 -8.83 -37.87 0.26
CA ARG F 349 -9.65 -37.92 1.45
C ARG F 349 -10.84 -37.00 1.25
N ARG F 350 -11.95 -37.34 1.89
CA ARG F 350 -13.16 -36.55 1.75
C ARG F 350 -13.02 -35.22 2.48
N VAL F 351 -13.76 -34.23 1.99
CA VAL F 351 -13.86 -32.94 2.67
C VAL F 351 -15.27 -32.39 2.49
N PHE F 352 -15.94 -32.14 3.60
CA PHE F 352 -17.36 -31.80 3.60
C PHE F 352 -17.53 -30.38 4.11
N VAL F 353 -17.93 -29.48 3.24
CA VAL F 353 -18.07 -28.07 3.59
C VAL F 353 -19.53 -27.80 3.99
N LEU F 354 -19.71 -27.11 5.12
CA LEU F 354 -21.02 -26.70 5.57
C LEU F 354 -21.27 -25.25 5.15
N ALA F 355 -22.45 -24.74 5.52
CA ALA F 355 -22.79 -23.34 5.36
C ALA F 355 -23.92 -23.01 6.32
N ALA F 356 -24.13 -21.72 6.53
CA ALA F 356 -25.19 -21.25 7.40
C ALA F 356 -25.50 -19.81 7.03
N THR F 357 -26.77 -19.51 6.78
CA THR F 357 -27.14 -18.16 6.40
C THR F 357 -28.55 -17.85 6.89
N ASN F 358 -28.79 -16.57 7.14
CA ASN F 358 -30.13 -16.09 7.43
C ASN F 358 -30.82 -15.50 6.21
N ILE F 359 -30.04 -15.12 5.20
CA ILE F 359 -30.56 -14.58 3.95
C ILE F 359 -29.90 -15.33 2.79
N PRO F 360 -30.61 -16.25 2.15
CA PRO F 360 -30.03 -16.98 1.00
C PRO F 360 -30.37 -16.43 -0.38
N TRP F 361 -31.28 -15.46 -0.50
CA TRP F 361 -31.57 -14.94 -1.84
C TRP F 361 -30.51 -13.99 -2.35
N GLU F 362 -29.67 -13.46 -1.45
CA GLU F 362 -28.51 -12.66 -1.87
C GLU F 362 -27.29 -13.58 -1.91
N LEU F 363 -27.32 -14.50 -2.87
CA LEU F 363 -26.22 -15.43 -3.10
C LEU F 363 -25.81 -15.36 -4.56
N ASP F 364 -24.68 -15.97 -4.86
CA ASP F 364 -24.20 -16.05 -6.24
C ASP F 364 -24.97 -17.12 -7.00
N GLU F 365 -24.61 -17.29 -8.27
CA GLU F 365 -25.17 -18.36 -9.07
C GLU F 365 -24.18 -19.47 -9.36
N ALA F 366 -22.89 -19.18 -9.28
CA ALA F 366 -21.86 -20.20 -9.43
C ALA F 366 -21.38 -20.73 -8.08
N LEU F 367 -21.72 -20.05 -6.98
CA LEU F 367 -21.46 -20.56 -5.65
C LEU F 367 -22.64 -21.34 -5.08
N ARG F 368 -23.85 -21.01 -5.52
CA ARG F 368 -25.02 -21.79 -5.14
C ARG F 368 -24.99 -23.15 -5.80
N ARG F 369 -24.43 -23.25 -7.01
CA ARG F 369 -24.44 -24.50 -7.75
C ARG F 369 -23.49 -25.53 -7.14
N ARG F 370 -22.37 -25.09 -6.57
CA ARG F 370 -21.47 -26.00 -5.87
C ARG F 370 -22.09 -26.55 -4.59
N PHE F 371 -23.12 -25.90 -4.05
CA PHE F 371 -23.77 -26.30 -2.81
C PHE F 371 -24.98 -27.16 -3.17
N GLU F 372 -24.72 -28.41 -3.54
CA GLU F 372 -25.80 -29.36 -3.71
C GLU F 372 -26.40 -29.72 -2.36
N LYS F 373 -27.65 -30.20 -2.40
CA LYS F 373 -28.47 -30.52 -1.23
C LYS F 373 -28.66 -29.29 -0.32
N ARG F 374 -29.35 -28.30 -0.87
CA ARG F 374 -29.77 -27.14 -0.09
C ARG F 374 -31.03 -27.46 0.69
N ILE F 375 -31.06 -27.05 1.95
CA ILE F 375 -32.05 -27.54 2.92
C ILE F 375 -32.62 -26.35 3.68
N PHE F 376 -33.95 -26.25 3.72
CA PHE F 376 -34.66 -25.30 4.56
C PHE F 376 -34.96 -25.94 5.91
N ILE F 377 -34.78 -25.18 6.98
CA ILE F 377 -35.12 -25.62 8.33
C ILE F 377 -36.11 -24.62 8.92
N PRO F 378 -37.25 -25.07 9.46
CA PRO F 378 -38.23 -24.11 10.00
C PRO F 378 -38.06 -23.84 11.49
N LEU F 379 -38.43 -22.63 11.91
CA LEU F 379 -38.40 -22.28 13.33
C LEU F 379 -39.56 -22.88 14.14
N PRO F 380 -40.87 -22.57 13.83
CA PRO F 380 -41.90 -23.02 14.79
C PRO F 380 -42.28 -24.48 14.59
N ASP F 381 -41.81 -25.34 15.50
CA ASP F 381 -42.22 -26.73 15.57
C ASP F 381 -42.94 -26.88 16.91
N ILE F 382 -44.27 -26.74 16.89
CA ILE F 382 -45.04 -26.53 18.11
C ILE F 382 -45.05 -27.80 18.97
N ASP F 383 -45.35 -28.95 18.38
CA ASP F 383 -45.34 -30.19 19.13
C ASP F 383 -43.92 -30.64 19.46
N ALA F 384 -42.93 -30.26 18.67
CA ALA F 384 -41.54 -30.50 19.05
C ALA F 384 -41.04 -29.49 20.07
N ARG F 385 -41.67 -28.32 20.16
CA ARG F 385 -41.36 -27.41 21.26
C ARG F 385 -41.80 -27.97 22.60
N LYS F 386 -42.82 -28.83 22.61
CA LYS F 386 -43.19 -29.55 23.82
C LYS F 386 -42.08 -30.52 24.23
N LYS F 387 -41.44 -31.18 23.26
CA LYS F 387 -40.30 -32.04 23.56
C LYS F 387 -39.09 -31.23 24.01
N LEU F 388 -38.91 -30.02 23.45
CA LEU F 388 -37.84 -29.15 23.91
C LEU F 388 -38.08 -28.66 25.33
N ILE F 389 -39.36 -28.44 25.68
CA ILE F 389 -39.73 -28.11 27.05
C ILE F 389 -39.42 -29.27 27.98
N GLU F 390 -39.82 -30.48 27.60
CA GLU F 390 -39.58 -31.67 28.42
C GLU F 390 -38.11 -32.03 28.54
N LYS F 391 -37.28 -31.61 27.58
CA LYS F 391 -35.85 -31.82 27.67
C LYS F 391 -35.10 -30.63 28.28
N SER F 392 -35.78 -29.49 28.47
CA SER F 392 -35.12 -28.30 29.01
C SER F 392 -35.63 -27.92 30.39
N MET F 393 -36.94 -27.97 30.63
CA MET F 393 -37.52 -27.59 31.92
C MET F 393 -37.27 -28.70 32.92
N GLU F 394 -36.06 -28.67 33.51
CA GLU F 394 -35.63 -29.69 34.46
C GLU F 394 -35.78 -29.22 35.91
N GLY F 395 -36.83 -28.46 36.21
CA GLY F 395 -37.05 -27.97 37.56
C GLY F 395 -37.46 -29.10 38.49
N THR F 396 -36.62 -29.39 39.48
CA THR F 396 -36.94 -30.46 40.42
C THR F 396 -38.10 -30.18 41.39
N PRO F 397 -38.34 -28.96 41.91
CA PRO F 397 -39.58 -28.73 42.65
C PRO F 397 -40.77 -28.55 41.71
N LYS F 398 -41.92 -28.22 42.32
CA LYS F 398 -43.19 -27.93 41.66
C LYS F 398 -43.67 -29.11 40.80
N SER F 399 -44.00 -30.19 41.50
CA SER F 399 -44.58 -31.38 40.87
C SER F 399 -46.03 -31.18 40.44
N ASP F 400 -46.64 -30.03 40.72
CA ASP F 400 -48.01 -29.73 40.30
C ASP F 400 -48.07 -28.62 39.26
N GLU F 401 -46.92 -28.15 38.77
CA GLU F 401 -46.85 -27.05 37.81
C GLU F 401 -46.68 -27.55 36.39
N ILE F 402 -47.33 -28.65 36.04
CA ILE F 402 -47.21 -29.25 34.70
C ILE F 402 -48.34 -28.67 33.86
N ASN F 403 -48.05 -27.53 33.22
CA ASN F 403 -48.99 -26.90 32.30
C ASN F 403 -48.36 -26.80 30.92
N TYR F 404 -47.76 -27.90 30.47
CA TYR F 404 -46.96 -27.91 29.24
C TYR F 404 -47.81 -27.77 27.98
N ASP F 405 -49.10 -28.10 28.06
CA ASP F 405 -49.96 -28.03 26.87
C ASP F 405 -50.21 -26.59 26.45
N ASP F 406 -50.60 -25.73 27.40
CA ASP F 406 -50.77 -24.32 27.07
C ASP F 406 -49.44 -23.62 26.84
N LEU F 407 -48.39 -24.04 27.55
CA LEU F 407 -47.06 -23.47 27.38
C LEU F 407 -46.45 -23.83 26.04
N ALA F 408 -46.90 -24.91 25.40
CA ALA F 408 -46.49 -25.24 24.05
C ALA F 408 -47.46 -24.76 22.98
N ALA F 409 -48.73 -24.53 23.34
CA ALA F 409 -49.68 -23.98 22.39
C ALA F 409 -49.61 -22.47 22.29
N ARG F 410 -48.96 -21.80 23.25
CA ARG F 410 -48.72 -20.38 23.18
C ARG F 410 -47.36 -20.04 22.55
N THR F 411 -46.86 -20.92 21.68
CA THR F 411 -45.53 -20.78 21.08
C THR F 411 -45.59 -20.32 19.63
N GLU F 412 -46.51 -19.40 19.31
CA GLU F 412 -46.60 -18.85 17.97
C GLU F 412 -45.44 -17.88 17.74
N GLY F 413 -44.58 -18.21 16.77
CA GLY F 413 -43.43 -17.39 16.48
C GLY F 413 -42.26 -17.56 17.42
N PHE F 414 -42.28 -18.55 18.29
CA PHE F 414 -41.21 -18.80 19.24
C PHE F 414 -40.15 -19.67 18.58
N SER F 415 -38.96 -19.12 18.39
CA SER F 415 -37.87 -19.88 17.79
C SER F 415 -37.29 -20.87 18.79
N GLY F 416 -36.36 -21.69 18.30
CA GLY F 416 -35.79 -22.78 19.09
C GLY F 416 -34.88 -22.33 20.22
N ALA F 417 -34.49 -21.05 20.25
CA ALA F 417 -33.67 -20.54 21.35
C ALA F 417 -34.47 -19.72 22.34
N ASP F 418 -35.58 -19.13 21.92
CA ASP F 418 -36.38 -18.32 22.84
C ASP F 418 -37.14 -19.18 23.84
N VAL F 419 -37.39 -20.45 23.49
CA VAL F 419 -38.01 -21.38 24.44
C VAL F 419 -37.05 -21.70 25.57
N VAL F 420 -35.78 -21.96 25.24
CA VAL F 420 -34.77 -22.25 26.26
C VAL F 420 -34.49 -21.00 27.10
N SER F 421 -34.54 -19.83 26.47
CA SER F 421 -34.40 -18.59 27.22
C SER F 421 -35.59 -18.34 28.14
N LEU F 422 -36.78 -18.75 27.74
CA LEU F 422 -37.96 -18.65 28.61
C LEU F 422 -37.85 -19.60 29.80
N CYS F 423 -37.33 -20.81 29.56
CA CYS F 423 -37.09 -21.75 30.68
C CYS F 423 -36.03 -21.21 31.63
N ARG F 424 -35.00 -20.56 31.11
CA ARG F 424 -33.98 -19.95 31.96
C ARG F 424 -34.55 -18.79 32.76
N THR F 425 -35.42 -17.99 32.15
CA THR F 425 -36.07 -16.88 32.85
C THR F 425 -37.00 -17.40 33.95
N ALA F 426 -37.74 -18.48 33.68
CA ALA F 426 -38.62 -19.04 34.70
C ALA F 426 -37.83 -19.68 35.84
N ALA F 427 -36.75 -20.40 35.51
CA ALA F 427 -35.94 -21.04 36.54
C ALA F 427 -35.05 -20.05 37.29
N ILE F 428 -34.90 -18.82 36.80
CA ILE F 428 -34.15 -17.82 37.56
C ILE F 428 -35.12 -16.88 38.26
N ASN F 429 -36.40 -16.91 37.85
CA ASN F 429 -37.42 -16.06 38.45
C ASN F 429 -38.23 -16.80 39.49
N VAL F 430 -38.08 -18.12 39.59
CA VAL F 430 -38.67 -18.86 40.71
C VAL F 430 -38.01 -18.48 42.02
N LEU F 431 -36.73 -18.11 41.98
CA LEU F 431 -36.01 -17.66 43.17
C LEU F 431 -36.07 -16.14 43.35
N ARG F 432 -36.70 -15.41 42.44
CA ARG F 432 -36.84 -13.97 42.56
C ARG F 432 -38.29 -13.50 42.66
N ARG F 433 -39.27 -14.39 42.51
CA ARG F 433 -40.65 -14.02 42.80
C ARG F 433 -40.88 -13.88 44.30
N TYR F 434 -40.07 -14.55 45.11
CA TYR F 434 -40.06 -14.35 46.54
C TYR F 434 -39.05 -13.26 46.88
N ASP F 435 -39.41 -12.39 47.82
CA ASP F 435 -38.57 -11.27 48.21
C ASP F 435 -37.36 -11.77 48.99
N THR F 436 -36.19 -11.75 48.36
CA THR F 436 -34.93 -12.11 49.00
C THR F 436 -33.97 -10.93 49.11
N LYS F 437 -34.48 -9.70 49.02
CA LYS F 437 -33.64 -8.51 49.06
C LYS F 437 -33.43 -8.08 50.50
N SER F 438 -32.15 -8.05 50.92
CA SER F 438 -31.71 -7.69 52.27
C SER F 438 -32.33 -8.60 53.33
N LEU F 439 -32.09 -9.90 53.19
CA LEU F 439 -32.47 -10.91 54.17
C LEU F 439 -31.18 -11.53 54.70
N ARG F 440 -30.61 -10.90 55.72
CA ARG F 440 -29.34 -11.33 56.30
C ARG F 440 -29.31 -10.95 57.77
N GLY F 441 -28.13 -11.08 58.37
CA GLY F 441 -27.97 -10.82 59.79
C GLY F 441 -28.21 -12.05 60.63
N GLY F 442 -29.48 -12.48 60.70
CA GLY F 442 -29.84 -13.68 61.41
C GLY F 442 -30.16 -14.80 60.46
N GLU F 443 -29.46 -15.94 60.63
CA GLU F 443 -29.58 -17.15 59.81
C GLU F 443 -29.32 -16.85 58.33
N LEU F 444 -28.06 -16.43 58.08
CA LEU F 444 -27.66 -16.05 56.73
C LEU F 444 -27.59 -17.26 55.80
N THR F 445 -27.23 -18.43 56.33
CA THR F 445 -27.10 -19.62 55.52
C THR F 445 -28.45 -20.24 55.16
N ALA F 446 -29.51 -19.89 55.88
CA ALA F 446 -30.81 -20.51 55.66
C ALA F 446 -31.59 -19.85 54.53
N ALA F 447 -31.33 -18.57 54.26
CA ALA F 447 -32.11 -17.82 53.28
C ALA F 447 -31.85 -18.27 51.84
N MET F 448 -30.68 -18.86 51.58
CA MET F 448 -30.37 -19.40 50.25
C MET F 448 -30.64 -20.90 50.16
N GLU F 449 -30.77 -21.58 51.29
CA GLU F 449 -31.05 -23.01 51.30
C GLU F 449 -32.53 -23.32 51.34
N SER F 450 -33.33 -22.46 51.96
CA SER F 450 -34.79 -22.60 51.95
C SER F 450 -35.42 -22.05 50.68
N LEU F 451 -34.62 -21.54 49.75
CA LEU F 451 -35.10 -20.98 48.49
C LEU F 451 -34.97 -21.95 47.32
N LYS F 452 -34.08 -22.95 47.42
CA LYS F 452 -33.83 -23.86 46.31
C LYS F 452 -34.98 -24.83 46.07
N ALA F 453 -35.89 -24.99 47.01
CA ALA F 453 -37.03 -25.89 46.87
C ALA F 453 -38.34 -25.15 46.60
N GLU F 454 -38.26 -23.89 46.16
CA GLU F 454 -39.46 -23.11 45.90
C GLU F 454 -40.15 -23.58 44.63
N LEU F 455 -41.47 -23.71 44.69
CA LEU F 455 -42.25 -24.25 43.58
C LEU F 455 -42.62 -23.13 42.61
N VAL F 456 -42.35 -23.36 41.32
CA VAL F 456 -42.66 -22.38 40.29
C VAL F 456 -44.15 -22.42 40.00
N ARG F 457 -44.74 -21.25 39.77
CA ARG F 457 -46.16 -21.10 39.48
C ARG F 457 -46.30 -20.41 38.14
N ASN F 458 -47.52 -19.95 37.83
CA ASN F 458 -47.78 -19.27 36.58
C ASN F 458 -47.58 -17.76 36.63
N ILE F 459 -47.23 -17.21 37.80
CA ILE F 459 -47.10 -15.76 37.91
C ILE F 459 -45.70 -15.30 37.49
N ASP F 460 -44.66 -16.04 37.84
CA ASP F 460 -43.33 -15.77 37.29
C ASP F 460 -43.21 -16.31 35.88
N PHE F 461 -43.98 -17.36 35.57
CA PHE F 461 -44.10 -17.81 34.19
C PHE F 461 -44.79 -16.78 33.32
N GLU F 462 -45.72 -16.00 33.89
CA GLU F 462 -46.29 -14.88 33.15
C GLU F 462 -45.26 -13.77 32.93
N ALA F 463 -44.35 -13.57 33.89
CA ALA F 463 -43.28 -12.60 33.71
C ALA F 463 -42.31 -13.04 32.63
N ALA F 464 -42.00 -14.34 32.57
CA ALA F 464 -41.18 -14.86 31.48
C ALA F 464 -41.94 -14.88 30.15
N LEU F 465 -43.28 -14.92 30.20
CA LEU F 465 -44.07 -14.90 28.98
C LEU F 465 -44.11 -13.50 28.37
N GLN F 466 -44.34 -12.48 29.19
CA GLN F 466 -44.47 -11.11 28.71
C GLN F 466 -43.18 -10.32 28.81
N ALA F 467 -42.08 -10.94 29.25
CA ALA F 467 -40.79 -10.27 29.33
C ALA F 467 -39.95 -10.52 28.07
N VAL F 468 -39.67 -11.79 27.76
CA VAL F 468 -38.91 -12.13 26.55
C VAL F 468 -39.95 -12.43 25.47
N SER F 469 -40.28 -11.39 24.71
CA SER F 469 -41.17 -11.53 23.58
C SER F 469 -40.41 -12.11 22.38
N PRO F 470 -41.07 -12.88 21.52
CA PRO F 470 -40.40 -13.40 20.32
C PRO F 470 -40.12 -12.28 19.33
N SER F 471 -38.86 -12.20 18.90
CA SER F 471 -38.39 -11.12 18.02
C SER F 471 -38.32 -11.57 16.57
N ALA F 472 -39.25 -12.42 16.14
CA ALA F 472 -39.28 -12.93 14.78
C ALA F 472 -40.56 -12.47 14.09
N GLY F 473 -40.40 -11.89 12.91
CA GLY F 473 -41.54 -11.47 12.11
C GLY F 473 -41.69 -12.35 10.87
N PRO F 474 -42.88 -12.34 10.28
CA PRO F 474 -43.14 -13.17 9.10
C PRO F 474 -42.58 -12.62 7.79
N ASP F 475 -41.74 -11.59 7.83
CA ASP F 475 -41.13 -11.09 6.61
C ASP F 475 -39.87 -11.85 6.21
N THR F 476 -39.26 -12.58 7.14
CA THR F 476 -38.10 -13.40 6.81
C THR F 476 -38.47 -14.84 6.56
N MET F 477 -39.40 -15.39 7.36
CA MET F 477 -39.74 -16.80 7.23
C MET F 477 -40.56 -17.07 5.97
N LEU F 478 -41.47 -16.17 5.63
CA LEU F 478 -42.29 -16.37 4.42
C LEU F 478 -41.45 -16.16 3.16
N LYS F 479 -40.51 -15.21 3.19
CA LYS F 479 -39.60 -15.05 2.06
C LYS F 479 -38.63 -16.22 1.94
N CYS F 480 -38.20 -16.80 3.08
CA CYS F 480 -37.34 -17.97 3.01
C CYS F 480 -38.10 -19.20 2.52
N LYS F 481 -39.39 -19.31 2.85
CA LYS F 481 -40.19 -20.42 2.33
C LYS F 481 -40.54 -20.20 0.86
N GLU F 482 -40.59 -18.95 0.41
CA GLU F 482 -40.81 -18.69 -1.00
C GLU F 482 -39.53 -18.89 -1.81
N TRP F 483 -38.37 -18.74 -1.19
CA TRP F 483 -37.12 -19.02 -1.87
C TRP F 483 -36.81 -20.51 -1.92
N CYS F 484 -36.94 -21.20 -0.78
CA CYS F 484 -36.53 -22.59 -0.71
C CYS F 484 -37.49 -23.53 -1.41
N ASP F 485 -38.69 -23.08 -1.76
CA ASP F 485 -39.61 -23.94 -2.50
C ASP F 485 -39.26 -23.99 -3.98
N SER F 486 -38.59 -22.95 -4.48
CA SER F 486 -38.31 -22.84 -5.91
C SER F 486 -36.94 -23.39 -6.27
N PHE F 487 -35.91 -23.09 -5.47
CA PHE F 487 -34.54 -23.50 -5.78
C PHE F 487 -33.96 -24.39 -4.68
N GLY F 488 -34.81 -25.14 -3.99
CA GLY F 488 -34.34 -25.97 -2.90
C GLY F 488 -34.37 -27.46 -3.20
N ALA F 489 -33.21 -28.10 -3.13
CA ALA F 489 -33.08 -29.54 -3.41
C ALA F 489 -32.91 -30.26 -2.08
N MET F 490 -34.01 -30.74 -1.52
CA MET F 490 -33.98 -31.43 -0.23
C MET F 490 -33.36 -32.81 -0.35
N GLU G 1 36.16 -12.26 6.49
CA GLU G 1 35.42 -11.25 7.23
C GLU G 1 34.57 -10.40 6.30
N GLU G 2 33.26 -10.62 6.33
CA GLU G 2 32.33 -9.88 5.50
C GLU G 2 31.51 -8.92 6.35
N GLU G 3 30.91 -7.94 5.69
CA GLU G 3 30.02 -6.98 6.32
C GLU G 3 28.61 -7.17 5.77
N GLU G 4 27.65 -6.45 6.36
CA GLU G 4 26.26 -6.56 5.95
C GLU G 4 25.59 -5.19 5.99
N GLU G 5 24.81 -4.90 4.97
CA GLU G 5 24.16 -3.61 4.79
C GLU G 5 22.65 -3.77 4.94
N GLU G 6 21.92 -2.68 4.72
CA GLU G 6 20.46 -2.67 4.88
C GLU G 6 19.82 -2.04 3.65
N GLU G 7 18.98 -2.81 2.97
CA GLU G 7 18.26 -2.31 1.80
C GLU G 7 16.89 -1.80 2.22
N GLU G 8 16.14 -1.31 1.24
CA GLU G 8 14.77 -0.89 1.46
C GLU G 8 13.86 -1.51 0.40
N GLU G 9 12.71 -2.00 0.86
CA GLU G 9 11.71 -2.59 0.00
C GLU G 9 10.60 -1.58 -0.24
N GLU G 10 9.55 -2.02 -0.93
CA GLU G 10 8.36 -1.21 -1.11
C GLU G 10 7.16 -2.12 -1.30
N GLU G 11 6.27 -2.13 -0.31
CA GLU G 11 5.09 -2.98 -0.31
C GLU G 11 3.85 -2.13 -0.49
N GLU G 12 2.78 -2.75 -0.96
CA GLU G 12 1.53 -2.05 -1.24
C GLU G 12 0.37 -2.73 -0.51
N GLU G 13 -0.73 -1.98 -0.41
CA GLU G 13 -1.91 -2.45 0.31
C GLU G 13 -3.12 -1.71 -0.21
N GLU G 14 -4.30 -2.18 0.17
CA GLU G 14 -5.54 -1.55 -0.24
C GLU G 14 -6.35 -1.08 0.97
PG ATP H . 8.21 0.85 30.98
O1G ATP H . 7.91 2.23 30.44
O2G ATP H . 9.04 -0.02 30.07
O3G ATP H . 7.02 0.17 31.58
PB ATP H . 8.56 1.11 33.72
O1B ATP H . 7.43 2.09 33.73
O2B ATP H . 8.36 -0.32 34.12
O3B ATP H . 9.17 1.11 32.23
PA ATP H . 9.79 1.65 36.21
O1A ATP H . 9.63 0.22 36.63
O2A ATP H . 11.00 2.42 36.68
O3A ATP H . 9.77 1.72 34.61
O5' ATP H . 8.51 2.49 36.70
C5' ATP H . 8.38 3.85 36.32
C4' ATP H . 7.93 4.76 37.46
O4' ATP H . 6.72 4.32 38.06
C3' ATP H . 8.98 4.82 38.55
O3' ATP H . 9.50 6.15 38.64
C2' ATP H . 8.26 4.49 39.83
O2' ATP H . 8.49 5.52 40.80
C1' ATP H . 6.78 4.42 39.48
N9 ATP H . 6.10 3.22 40.05
C8 ATP H . 5.23 2.48 39.36
N7 ATP H . 4.73 1.45 40.09
C5 ATP H . 5.29 1.54 41.30
C6 ATP H . 5.19 0.75 42.55
N6 ATP H . 4.39 -0.33 42.64
N1 ATP H . 5.95 1.15 43.61
C2 ATP H . 6.75 2.22 43.53
N3 ATP H . 6.87 2.97 42.42
C4 ATP H . 6.19 2.70 41.29
MG MG I . 11.48 -0.72 31.37
PG ATP J . 9.21 24.89 12.75
O1G ATP J . 7.83 25.26 12.27
O2G ATP J . 10.06 24.20 11.72
O3G ATP J . 9.26 24.28 14.12
PB ATP J . 9.68 27.11 14.31
O1B ATP J . 8.21 27.05 14.61
O2B ATP J . 10.67 26.56 15.29
O3B ATP J . 9.90 26.32 12.93
PA ATP J . 11.21 29.46 14.65
O1A ATP J . 11.14 29.20 16.12
O2A ATP J . 12.50 29.20 13.92
O3A ATP J . 10.04 28.62 13.92
O5' ATP J . 10.80 30.99 14.42
C5' ATP J . 10.76 31.54 13.11
C4' ATP J . 11.14 33.01 13.20
O4' ATP J . 10.05 33.78 13.72
C3' ATP J . 12.32 33.19 14.14
O3' ATP J . 13.46 33.61 13.40
C2' ATP J . 11.92 34.29 15.09
O2' ATP J . 12.79 35.41 14.88
C1' ATP J . 10.49 34.69 14.74
N9 ATP J . 9.59 34.49 15.90
C8 ATP J . 8.51 33.70 15.89
N7 ATP J . 7.88 33.70 17.09
C5 ATP J . 8.56 34.52 17.89
C6 ATP J . 8.42 34.98 19.28
N6 ATP J . 7.41 34.53 20.06
N1 ATP J . 9.35 35.83 19.76
C2 ATP J . 10.36 36.28 19.00
N3 ATP J . 10.54 35.90 17.72
C4 ATP J . 9.69 35.05 17.12
MG MG K . 11.30 24.83 14.05
PG ATP L . 6.53 22.67 -15.95
O1G ATP L . 6.13 21.66 -16.99
O2G ATP L . 7.31 22.13 -14.79
O3G ATP L . 5.44 23.63 -15.59
PB ATP L . 7.00 24.74 -17.67
O1B ATP L . 5.84 24.15 -18.41
O2B ATP L . 6.80 25.97 -16.84
O3B ATP L . 7.59 23.59 -16.72
PA ATP L . 7.95 26.27 -19.72
O1A ATP L . 6.51 26.67 -19.62
O2A ATP L . 9.04 27.28 -19.49
O3A ATP L . 8.19 25.04 -18.71
O5' ATP L . 8.15 25.70 -21.19
C5' ATP L . 9.15 26.31 -21.99
C4' ATP L . 8.48 26.98 -23.17
O4' ATP L . 7.55 27.98 -22.73
C3' ATP L . 9.51 27.69 -24.02
O3' ATP L . 9.53 27.10 -25.32
C2' ATP L . 9.03 29.11 -24.14
O2' ATP L . 8.99 29.50 -25.51
C1' ATP L . 7.63 29.14 -23.57
N9 ATP L . 7.30 30.36 -22.76
C8 ATP L . 6.49 30.30 -21.70
N7 ATP L . 6.32 31.52 -21.13
C5 ATP L . 7.02 32.39 -21.85
C6 ATP L . 7.26 33.85 -21.76
N6 ATP L . 6.69 34.59 -20.80
N1 ATP L . 8.05 34.40 -22.69
C2 ATP L . 8.62 33.66 -23.66
N3 ATP L . 8.44 32.34 -23.80
C4 ATP L . 7.66 31.64 -22.93
MG MG M . 9.52 22.93 -16.30
PG ATP N . -4.74 -1.96 -29.81
O1G ATP N . -6.18 -1.63 -29.49
O2G ATP N . -4.15 -3.07 -28.97
O3G ATP N . -3.86 -0.76 -29.97
PB ATP N . -3.87 -2.04 -32.44
O1B ATP N . -4.37 -0.68 -32.86
O2B ATP N . -2.45 -2.23 -32.01
O3B ATP N . -4.82 -2.60 -31.27
PA ATP N . -2.86 -3.55 -34.49
O1A ATP N . -2.13 -2.30 -34.92
O2A ATP N . -2.14 -4.60 -33.70
O3A ATP N . -4.13 -3.05 -33.66
O5' ATP N . -3.49 -4.22 -35.80
C5' ATP N . -4.26 -5.41 -35.70
C4' ATP N . -4.45 -5.93 -37.11
O4' ATP N . -5.21 -5.00 -37.87
C3' ATP N . -3.11 -6.05 -37.79
O3' ATP N . -2.83 -7.43 -38.05
C2' ATP N . -3.23 -5.31 -39.09
O2' ATP N . -2.93 -6.19 -40.18
C1' ATP N . -4.68 -4.87 -39.18
N9 ATP N . -4.78 -3.45 -39.59
C8 ATP N . -5.29 -2.48 -38.83
N7 ATP N . -5.26 -1.29 -39.48
C5 ATP N . -4.73 -1.50 -40.69
C6 ATP N . -4.42 -0.68 -41.87
N6 ATP N . -4.68 0.64 -41.88
N1 ATP N . -3.86 -1.30 -42.93
C2 ATP N . -3.60 -2.62 -42.93
N3 ATP N . -3.86 -3.42 -41.89
C4 ATP N . -4.41 -2.94 -40.76
MG MG O . -2.31 -2.21 -29.87
PG ATP P . -18.90 -22.81 -14.24
O1G ATP P . -17.41 -22.61 -14.22
O2G ATP P . -19.64 -21.77 -15.03
O3G ATP P . -19.49 -23.09 -12.88
PB ATP P . -18.54 -25.56 -14.51
O1B ATP P . -17.03 -25.43 -14.50
O2B ATP P . -19.28 -25.96 -13.27
O3B ATP P . -19.14 -24.16 -15.05
PA ATP P . -18.33 -28.09 -15.61
O1A ATP P . -17.75 -28.36 -16.98
O2A ATP P . -17.44 -28.25 -14.41
O3A ATP P . -18.94 -26.61 -15.65
O5' ATP P . -19.58 -29.08 -15.43
C5' ATP P . -19.98 -29.49 -14.13
C4' ATP P . -20.64 -30.86 -14.23
O4' ATP P . -21.63 -30.85 -15.25
C3' ATP P . -19.64 -31.94 -14.59
O3' ATP P . -19.54 -32.88 -13.52
C2' ATP P . -20.20 -32.64 -15.80
O2' ATP P . -20.38 -34.02 -15.51
C1' ATP P . -21.55 -32.01 -16.07
N9 ATP P . -21.68 -31.57 -17.48
C8 ATP P . -21.93 -30.31 -17.85
N7 ATP P . -22.00 -30.19 -19.20
C5 ATP P . -21.80 -31.41 -19.71
C6 ATP P . -21.74 -31.99 -21.06
N6 ATP P . -21.93 -31.20 -22.15
N1 ATP P . -21.49 -33.31 -21.19
C2 ATP P . -21.30 -34.08 -20.10
N3 ATP P . -21.34 -33.62 -18.85
C4 ATP P . -21.58 -32.32 -18.58
MG MG Q . -15.36 -23.57 -14.16
PG ATP R . -27.86 -17.78 14.46
O1G ATP R . -28.89 -18.43 13.59
O2G ATP R . -28.15 -16.34 14.78
O3G ATP R . -26.42 -18.04 14.06
PB ATP R . -27.73 -20.12 16.02
O1B ATP R . -28.76 -20.85 15.21
O2B ATP R . -26.27 -20.37 15.79
O3B ATP R . -28.01 -18.53 15.88
PA ATP R . -27.60 -21.81 18.20
O1A ATP R . -27.39 -22.77 17.05
O2A ATP R . -26.48 -21.56 19.18
O3A ATP R . -28.05 -20.40 17.56
O5' ATP R . -28.88 -22.31 19.03
C5' ATP R . -29.37 -21.57 20.15
C4' ATP R . -29.96 -22.53 21.17
O4' ATP R . -31.24 -23.03 20.76
C3' ATP R . -29.05 -23.73 21.37
O3' ATP R . -28.45 -23.69 22.67
C2' ATP R . -29.93 -24.94 21.26
O2' ATP R . -29.84 -25.74 22.44
C1' ATP R . -31.36 -24.41 21.11
N9 ATP R . -32.10 -25.15 20.05
C8 ATP R . -32.66 -24.57 18.98
N7 ATP R . -33.27 -25.48 18.19
C5 ATP R . -33.11 -26.67 18.77
C6 ATP R . -33.53 -28.06 18.44
N6 ATP R . -34.24 -28.32 17.32
N1 ATP R . -33.15 -29.04 19.30
C2 ATP R . -32.45 -28.77 20.41
N3 ATP R . -32.05 -27.54 20.76
C4 ATP R . -32.34 -26.46 20.00
#